data_7TSP
#
_entry.id   7TSP
#
_cell.length_a   59.471
_cell.length_b   152.710
_cell.length_c   108.781
_cell.angle_alpha   90.000
_cell.angle_beta   90.620
_cell.angle_gamma   90.000
#
_symmetry.space_group_name_H-M   'P 1 21 1'
#
loop_
_entity.id
_entity.type
_entity.pdbx_description
1 polymer 'Nitric oxide synthase, endothelial'
2 non-polymer 'PROTOPORPHYRIN IX CONTAINING FE'
3 non-polymer 5,6,7,8-TETRAHYDROBIOPTERIN
4 non-polymer 6-[3-(4,4-difluoropiperidin-1-yl)prop-1-yn-1-yl]-4-methylpyridin-2-amine
5 non-polymer 2-[BIS-(2-HYDROXY-ETHYL)-AMINO]-2-HYDROXYMETHYL-PROPANE-1,3-DIOL
6 non-polymer GLYCEROL
7 non-polymer 'CHLORIDE ION'
8 non-polymer 'GADOLINIUM ATOM'
9 non-polymer 'ZINC ION'
10 water water
#
_entity_poly.entity_id   1
_entity_poly.type   'polypeptide(L)'
_entity_poly.pdbx_seq_one_letter_code
;APASLLPPAPEHSPPSSPLTQPPEGPKFPRVKNWEVGSITYDTLSAQAQQDGPCTPRRCLGSLVFPRKLQGRPSPGPPAP
EQLLSQARDFINQYYSSIKRSGSQAHEQRLQEVEAEVAATGTYQLRESELVFGAKQAWRNAPRCVGRIQWGKLQVFDARD
CRSAQEMFTYICNHIKYATNRGNLRSAITVFPQRCPGRGDFRIWNSQLVRYAGYRQQDGSVRGDPANVEITELCIQHGWT
PGNGRFDVLPLLLQAPDEPPELFLLPPELVLEVPLEHPTLEWFAALGLRWYALPAVSNMLLEIGGLEFPAAPFSGWYMST
EIGTRNLCDPHRYNILEDVAVCMDLDTRTTSSLWKDKAAVEINVAVLHSYQLAKVTIVDHHAATASFMKHLENEQKARGG
CPADWAWIVPPISGSLTPVFHQEMVNYFLSPAFRYQPDPW
;
_entity_poly.pdbx_strand_id   A,B,C,D
#
loop_
_chem_comp.id
_chem_comp.type
_chem_comp.name
_chem_comp.formula
BTB non-polymer 2-[BIS-(2-HYDROXY-ETHYL)-AMINO]-2-HYDROXYMETHYL-PROPANE-1,3-DIOL 'C8 H19 N O5'
CL non-polymer 'CHLORIDE ION' 'Cl -1'
GD non-polymer 'GADOLINIUM ATOM' Gd
GOL non-polymer GLYCEROL 'C3 H8 O3'
H4B non-polymer 5,6,7,8-TETRAHYDROBIOPTERIN 'C9 H15 N5 O3'
HEM non-polymer 'PROTOPORPHYRIN IX CONTAINING FE' 'C34 H32 Fe N4 O4'
K8O non-polymer 6-[3-(4,4-difluoropiperidin-1-yl)prop-1-yn-1-yl]-4-methylpyridin-2-amine 'C14 H17 F2 N3'
ZN non-polymer 'ZINC ION' 'Zn 2'
#
# COMPACT_ATOMS: atom_id res chain seq x y z
N LYS A 27 -46.77 -3.85 22.68
CA LYS A 27 -47.39 -2.71 22.02
C LYS A 27 -46.35 -1.60 21.84
N PHE A 28 -45.24 -1.74 22.57
CA PHE A 28 -44.14 -0.81 22.47
C PHE A 28 -43.03 -1.45 21.66
N PRO A 29 -42.68 -0.93 20.48
CA PRO A 29 -41.77 -1.64 19.58
C PRO A 29 -40.45 -1.99 20.25
N ARG A 30 -40.08 -3.26 20.15
CA ARG A 30 -38.76 -3.71 20.57
C ARG A 30 -37.73 -3.35 19.50
N VAL A 31 -36.64 -2.72 19.92
CA VAL A 31 -35.62 -2.15 19.05
C VAL A 31 -34.28 -2.71 19.49
N LYS A 32 -33.57 -3.36 18.58
CA LYS A 32 -32.32 -4.02 18.91
C LYS A 32 -31.16 -3.29 18.24
N ASN A 33 -30.00 -3.30 18.90
CA ASN A 33 -28.74 -2.99 18.23
C ASN A 33 -27.96 -4.27 18.04
N TRP A 34 -27.62 -4.59 16.78
CA TRP A 34 -27.03 -5.88 16.43
C TRP A 34 -25.53 -5.94 16.63
N GLU A 35 -24.87 -4.79 16.81
CA GLU A 35 -23.44 -4.80 17.12
C GLU A 35 -23.21 -5.26 18.55
N VAL A 36 -24.09 -4.85 19.46
CA VAL A 36 -23.88 -5.03 20.88
C VAL A 36 -24.87 -6.02 21.50
N GLY A 37 -26.06 -6.15 20.95
CA GLY A 37 -27.09 -7.00 21.52
C GLY A 37 -28.03 -6.29 22.45
N SER A 38 -27.83 -4.99 22.68
CA SER A 38 -28.70 -4.25 23.57
C SER A 38 -30.10 -4.11 22.97
N ILE A 39 -31.09 -4.09 23.85
CA ILE A 39 -32.51 -3.98 23.50
C ILE A 39 -33.05 -2.72 24.16
N THR A 40 -33.88 -1.98 23.44
CA THR A 40 -34.67 -0.91 24.05
C THR A 40 -36.12 -1.02 23.54
N TYR A 41 -37.03 -0.30 24.20
CA TYR A 41 -38.42 -0.17 23.78
C TYR A 41 -38.73 1.30 23.52
N ASP A 42 -39.25 1.59 22.33
CA ASP A 42 -39.63 2.94 21.93
C ASP A 42 -41.04 3.20 22.46
N THR A 43 -41.11 3.80 23.65
CA THR A 43 -42.40 4.22 24.17
C THR A 43 -42.84 5.57 23.61
N LEU A 44 -41.90 6.36 23.09
CA LEU A 44 -42.24 7.66 22.52
C LEU A 44 -43.11 7.53 21.28
N SER A 45 -43.04 6.38 20.58
CA SER A 45 -43.84 6.16 19.39
C SER A 45 -45.33 6.36 19.64
N ALA A 46 -45.78 6.18 20.88
CA ALA A 46 -47.19 6.25 21.22
C ALA A 46 -47.83 7.59 20.89
N GLN A 47 -47.06 8.63 20.56
CA GLN A 47 -47.61 9.98 20.43
C GLN A 47 -47.84 10.42 18.99
N ALA A 48 -47.49 9.60 18.00
CA ALA A 48 -47.47 10.04 16.60
C ALA A 48 -48.81 10.64 16.16
N GLN A 49 -48.74 11.83 15.54
CA GLN A 49 -49.93 12.48 15.01
C GLN A 49 -50.08 12.16 13.52
N GLN A 50 -49.31 12.80 12.65
CA GLN A 50 -49.57 12.74 11.22
C GLN A 50 -49.20 11.34 10.73
N ASP A 51 -50.22 10.52 10.48
CA ASP A 51 -50.01 9.14 10.09
C ASP A 51 -49.01 9.03 8.96
N GLY A 52 -48.13 8.03 9.05
CA GLY A 52 -47.16 7.78 8.01
C GLY A 52 -47.74 7.04 6.84
N PRO A 53 -46.87 6.69 5.89
CA PRO A 53 -47.33 6.12 4.61
C PRO A 53 -47.49 4.60 4.60
N CYS A 54 -47.17 3.93 5.70
CA CYS A 54 -47.10 2.48 5.75
C CYS A 54 -48.41 1.90 6.29
N THR A 55 -48.74 0.68 5.87
CA THR A 55 -49.87 -0.06 6.38
C THR A 55 -49.40 -1.47 6.69
N PRO A 56 -50.19 -2.24 7.47
CA PRO A 56 -49.81 -3.65 7.69
C PRO A 56 -49.61 -4.43 6.40
N ARG A 57 -50.17 -3.96 5.30
CA ARG A 57 -50.12 -4.66 4.02
C ARG A 57 -48.81 -4.45 3.26
N ARG A 58 -48.15 -3.30 3.45
CA ARG A 58 -46.98 -2.96 2.64
C ARG A 58 -46.22 -1.87 3.36
N CYS A 59 -44.89 -1.87 3.25
CA CYS A 59 -44.06 -0.83 3.84
C CYS A 59 -43.66 0.15 2.75
N LEU A 60 -43.80 1.44 3.04
CA LEU A 60 -43.48 2.51 2.11
C LEU A 60 -42.41 3.44 2.67
N GLY A 61 -41.57 2.92 3.57
CA GLY A 61 -40.61 3.72 4.28
C GLY A 61 -39.49 4.28 3.44
N SER A 62 -39.31 3.77 2.22
CA SER A 62 -38.22 4.21 1.37
C SER A 62 -38.65 5.21 0.31
N LEU A 63 -39.90 5.66 0.34
CA LEU A 63 -40.35 6.69 -0.58
C LEU A 63 -40.00 8.06 0.00
N VAL A 64 -39.50 8.96 -0.85
CA VAL A 64 -39.00 10.26 -0.40
C VAL A 64 -40.15 11.17 0.03
N PHE A 65 -41.06 11.48 -0.90
CA PHE A 65 -42.26 12.26 -0.59
C PHE A 65 -43.48 11.34 -0.65
N PRO A 66 -43.78 10.63 0.45
CA PRO A 66 -44.73 9.51 0.54
C PRO A 66 -46.02 9.68 -0.27
N PRO A 80 -62.35 24.93 11.13
CA PRO A 80 -61.11 25.71 11.22
C PRO A 80 -60.31 25.46 12.51
N GLU A 81 -61.03 25.25 13.62
CA GLU A 81 -60.42 25.19 14.96
C GLU A 81 -59.79 23.84 15.29
N GLN A 82 -59.19 23.18 14.30
CA GLN A 82 -58.14 22.21 14.60
C GLN A 82 -56.92 22.90 15.18
N LEU A 83 -56.79 24.21 14.95
CA LEU A 83 -55.66 25.00 15.42
C LEU A 83 -55.53 24.99 16.94
N LEU A 84 -56.62 24.71 17.67
CA LEU A 84 -56.60 24.76 19.12
C LEU A 84 -56.08 23.46 19.74
N SER A 85 -56.38 22.32 19.12
CA SER A 85 -55.88 21.04 19.63
C SER A 85 -54.35 21.03 19.63
N GLN A 86 -53.75 21.37 18.49
CA GLN A 86 -52.29 21.39 18.40
C GLN A 86 -51.71 22.50 19.25
N ALA A 87 -52.47 23.57 19.52
CA ALA A 87 -51.96 24.67 20.36
C ALA A 87 -51.84 24.22 21.81
N ARG A 88 -52.91 23.68 22.37
CA ARG A 88 -52.85 23.12 23.72
C ARG A 88 -51.65 22.18 23.86
N ASP A 89 -51.59 21.16 22.99
CA ASP A 89 -50.53 20.16 23.03
C ASP A 89 -49.14 20.80 23.04
N PHE A 90 -48.91 21.80 22.19
CA PHE A 90 -47.59 22.41 22.15
C PHE A 90 -47.30 23.15 23.45
N ILE A 91 -48.27 23.95 23.93
CA ILE A 91 -48.09 24.71 25.17
C ILE A 91 -47.82 23.77 26.33
N ASN A 92 -48.57 22.68 26.42
CA ASN A 92 -48.36 21.70 27.47
C ASN A 92 -46.94 21.14 27.43
N GLN A 93 -46.42 20.87 26.23
CA GLN A 93 -45.03 20.45 26.09
C GLN A 93 -44.07 21.46 26.72
N TYR A 94 -44.10 22.70 26.21
CA TYR A 94 -43.24 23.78 26.70
C TYR A 94 -43.08 23.74 28.21
N TYR A 95 -44.19 23.71 28.94
CA TYR A 95 -44.12 23.91 30.38
C TYR A 95 -43.60 22.66 31.10
N SER A 96 -43.94 21.47 30.60
CA SER A 96 -43.34 20.28 31.16
C SER A 96 -41.82 20.26 30.94
N SER A 97 -41.35 20.80 29.82
CA SER A 97 -39.92 20.87 29.55
C SER A 97 -39.20 21.90 30.42
N ILE A 98 -39.93 22.80 31.06
CA ILE A 98 -39.33 23.72 32.02
C ILE A 98 -39.84 23.44 33.43
N LYS A 99 -40.31 22.21 33.66
CA LYS A 99 -40.80 21.77 34.97
C LYS A 99 -41.90 22.70 35.49
N ARG A 100 -42.78 23.13 34.58
CA ARG A 100 -43.82 24.10 34.88
C ARG A 100 -45.20 23.60 34.45
N SER A 101 -45.39 22.29 34.45
CA SER A 101 -46.71 21.74 34.19
C SER A 101 -47.62 21.97 35.39
N GLY A 102 -48.86 22.35 35.12
CA GLY A 102 -49.86 22.55 36.16
C GLY A 102 -49.49 23.56 37.22
N SER A 103 -48.98 24.73 36.82
CA SER A 103 -48.51 25.74 37.75
C SER A 103 -48.61 27.12 37.11
N GLN A 104 -48.99 28.11 37.92
CA GLN A 104 -48.83 29.54 37.65
C GLN A 104 -49.08 29.93 36.19
N ALA A 105 -47.99 30.05 35.40
CA ALA A 105 -48.05 30.56 34.04
C ALA A 105 -48.60 29.54 33.04
N HIS A 106 -48.67 28.27 33.41
CA HIS A 106 -49.24 27.28 32.50
C HIS A 106 -50.73 27.51 32.31
N GLU A 107 -51.50 27.44 33.40
CA GLU A 107 -52.91 27.84 33.36
C GLU A 107 -53.07 29.16 32.63
N GLN A 108 -52.25 30.15 33.01
CA GLN A 108 -52.36 31.49 32.43
C GLN A 108 -52.23 31.47 30.91
N ARG A 109 -51.14 30.88 30.39
CA ARG A 109 -50.85 30.92 28.96
C ARG A 109 -51.88 30.15 28.14
N LEU A 110 -52.59 29.20 28.74
CA LEU A 110 -53.59 28.45 27.98
C LEU A 110 -54.76 29.33 27.60
N GLN A 111 -55.07 30.34 28.43
CA GLN A 111 -56.26 31.16 28.23
C GLN A 111 -56.06 32.17 27.12
N GLU A 112 -54.91 32.86 27.12
CA GLU A 112 -54.69 33.93 26.16
C GLU A 112 -54.69 33.41 24.73
N VAL A 113 -54.13 32.22 24.48
CA VAL A 113 -54.25 31.64 23.14
C VAL A 113 -55.68 31.21 22.86
N GLU A 114 -56.35 30.60 23.83
CA GLU A 114 -57.78 30.37 23.71
C GLU A 114 -58.51 31.67 23.35
N ALA A 115 -58.21 32.76 24.08
CA ALA A 115 -58.80 34.04 23.76
C ALA A 115 -58.30 34.58 22.41
N GLU A 116 -57.01 34.40 22.10
CA GLU A 116 -56.48 34.86 20.81
C GLU A 116 -57.20 34.23 19.64
N VAL A 117 -57.36 32.90 19.65
CA VAL A 117 -58.05 32.22 18.56
C VAL A 117 -59.53 32.61 18.56
N ALA A 118 -60.15 32.67 19.73
CA ALA A 118 -61.55 33.08 19.83
C ALA A 118 -61.80 34.38 19.09
N ALA A 119 -61.02 35.43 19.39
CA ALA A 119 -61.26 36.72 18.76
C ALA A 119 -60.79 36.75 17.31
N THR A 120 -59.60 36.22 17.02
CA THR A 120 -58.94 36.42 15.73
C THR A 120 -58.80 35.16 14.88
N GLY A 121 -58.97 33.97 15.45
CA GLY A 121 -58.91 32.75 14.65
C GLY A 121 -57.52 32.22 14.41
N THR A 122 -56.57 32.54 15.29
CA THR A 122 -55.17 32.18 15.18
C THR A 122 -54.46 32.62 16.45
N TYR A 123 -53.14 32.67 16.47
CA TYR A 123 -52.45 33.19 17.65
C TYR A 123 -51.00 33.49 17.31
N GLN A 124 -50.35 34.23 18.20
CA GLN A 124 -48.92 34.50 18.14
C GLN A 124 -48.20 33.71 19.21
N LEU A 125 -47.01 33.21 18.89
CA LEU A 125 -46.19 32.48 19.84
C LEU A 125 -45.33 33.45 20.65
N ARG A 126 -45.40 33.32 21.98
CA ARG A 126 -44.37 33.90 22.84
C ARG A 126 -42.97 33.57 22.32
N GLU A 127 -42.07 34.56 22.40
CA GLU A 127 -40.74 34.43 21.79
C GLU A 127 -40.04 33.15 22.22
N SER A 128 -40.08 32.84 23.51
CA SER A 128 -39.43 31.64 24.01
C SER A 128 -40.09 30.38 23.46
N GLU A 129 -41.41 30.44 23.23
CA GLU A 129 -42.11 29.31 22.65
C GLU A 129 -41.65 29.06 21.22
N LEU A 130 -41.59 30.13 20.42
CA LEU A 130 -41.04 30.00 19.08
C LEU A 130 -39.64 29.40 19.12
N VAL A 131 -38.82 29.84 20.08
CA VAL A 131 -37.51 29.25 20.27
C VAL A 131 -37.64 27.77 20.63
N PHE A 132 -38.51 27.44 21.58
CA PHE A 132 -38.61 26.07 22.04
C PHE A 132 -39.18 25.15 20.95
N GLY A 133 -40.14 25.65 20.17
CA GLY A 133 -40.71 24.84 19.10
C GLY A 133 -39.76 24.61 17.94
N ALA A 134 -38.97 25.62 17.59
CA ALA A 134 -37.97 25.46 16.54
C ALA A 134 -36.97 24.38 16.91
N LYS A 135 -36.47 24.41 18.15
CA LYS A 135 -35.53 23.38 18.57
C LYS A 135 -36.17 22.01 18.60
N GLN A 136 -37.45 21.93 18.98
CA GLN A 136 -38.12 20.64 19.06
C GLN A 136 -38.38 20.07 17.68
N ALA A 137 -38.74 20.92 16.72
CA ALA A 137 -38.92 20.46 15.35
C ALA A 137 -37.65 19.81 14.84
N TRP A 138 -36.51 20.50 14.97
CA TRP A 138 -35.23 19.91 14.61
C TRP A 138 -35.02 18.58 15.34
N ARG A 139 -35.37 18.53 16.63
CA ARG A 139 -35.25 17.31 17.42
C ARG A 139 -36.12 16.19 16.88
N ASN A 140 -37.22 16.52 16.19
CA ASN A 140 -38.18 15.54 15.71
C ASN A 140 -37.99 15.18 14.25
N ALA A 141 -36.97 15.74 13.58
CA ALA A 141 -36.71 15.46 12.17
C ALA A 141 -36.10 14.06 11.99
N PRO A 142 -36.87 13.05 11.53
CA PRO A 142 -36.33 11.68 11.54
C PRO A 142 -35.17 11.49 10.59
N ARG A 143 -35.11 12.28 9.53
CA ARG A 143 -34.07 12.13 8.51
C ARG A 143 -32.79 12.89 8.82
N CYS A 144 -32.72 13.67 9.92
CA CYS A 144 -31.51 14.41 10.27
C CYS A 144 -30.62 13.57 11.20
N VAL A 145 -29.39 13.31 10.76
CA VAL A 145 -28.38 12.61 11.54
C VAL A 145 -27.61 13.53 12.48
N GLY A 146 -27.78 14.84 12.36
CA GLY A 146 -27.02 15.77 13.17
C GLY A 146 -27.71 16.27 14.42
N ARG A 147 -28.72 15.53 14.91
CA ARG A 147 -29.57 16.05 15.98
C ARG A 147 -28.91 16.02 17.36
N ILE A 148 -27.71 15.48 17.51
CA ILE A 148 -26.99 15.57 18.77
C ILE A 148 -26.84 17.06 19.11
N GLN A 149 -26.93 17.91 18.09
CA GLN A 149 -26.77 19.36 18.18
C GLN A 149 -28.08 20.11 18.41
N TRP A 150 -29.19 19.40 18.61
CA TRP A 150 -30.49 20.05 18.53
C TRP A 150 -30.69 21.13 19.58
N GLY A 151 -30.01 21.06 20.72
CA GLY A 151 -30.18 22.08 21.72
C GLY A 151 -29.41 23.38 21.50
N LYS A 152 -28.50 23.41 20.52
CA LYS A 152 -27.72 24.62 20.23
C LYS A 152 -28.20 25.17 18.89
N LEU A 153 -29.25 25.98 18.97
CA LEU A 153 -29.89 26.54 17.80
C LEU A 153 -30.17 28.02 18.06
N GLN A 154 -29.78 28.86 17.11
CA GLN A 154 -29.98 30.30 17.19
C GLN A 154 -31.18 30.67 16.34
N VAL A 155 -32.21 31.23 16.97
CA VAL A 155 -33.48 31.50 16.30
C VAL A 155 -33.59 32.99 16.05
N PHE A 156 -33.72 33.37 14.78
CA PHE A 156 -33.97 34.75 14.38
C PHE A 156 -35.45 34.93 14.10
N ASP A 157 -36.08 35.83 14.85
CA ASP A 157 -37.51 36.09 14.73
C ASP A 157 -37.74 37.19 13.68
N ALA A 158 -38.21 36.79 12.50
CA ALA A 158 -38.52 37.72 11.42
C ALA A 158 -40.02 37.87 11.22
N ARG A 159 -40.81 37.60 12.26
CA ARG A 159 -42.26 37.66 12.13
C ARG A 159 -42.78 39.07 11.80
N ASP A 160 -42.00 40.11 12.09
CA ASP A 160 -42.41 41.49 11.77
C ASP A 160 -41.86 41.89 10.40
N CYS A 161 -42.23 41.11 9.39
CA CYS A 161 -41.70 41.27 8.05
C CYS A 161 -42.79 41.64 7.06
N ARG A 162 -42.41 42.45 6.07
CA ARG A 162 -43.20 42.65 4.85
C ARG A 162 -42.26 43.14 3.76
N SER A 163 -42.27 42.45 2.60
CA SER A 163 -41.64 42.79 1.33
C SER A 163 -40.39 41.97 1.06
N ALA A 164 -40.08 41.79 -0.23
CA ALA A 164 -38.91 41.00 -0.62
C ALA A 164 -37.62 41.65 -0.18
N GLN A 165 -37.56 42.99 -0.20
CA GLN A 165 -36.38 43.68 0.31
C GLN A 165 -36.18 43.38 1.80
N GLU A 166 -37.28 43.30 2.55
CA GLU A 166 -37.19 42.95 3.97
C GLU A 166 -36.70 41.52 4.16
N MET A 167 -37.22 40.59 3.38
CA MET A 167 -36.71 39.21 3.43
C MET A 167 -35.22 39.17 3.19
N PHE A 168 -34.77 39.83 2.11
CA PHE A 168 -33.40 39.71 1.65
C PHE A 168 -32.39 40.06 2.74
N THR A 169 -32.60 41.19 3.44
CA THR A 169 -31.65 41.57 4.49
C THR A 169 -31.73 40.64 5.69
N TYR A 170 -32.91 40.07 5.96
CA TYR A 170 -33.04 39.03 6.99
C TYR A 170 -32.27 37.77 6.59
N ILE A 171 -32.43 37.32 5.35
CA ILE A 171 -31.66 36.19 4.86
C ILE A 171 -30.18 36.51 4.93
N CYS A 172 -29.81 37.72 4.49
CA CYS A 172 -28.41 38.11 4.46
C CYS A 172 -27.81 38.17 5.87
N ASN A 173 -28.60 38.51 6.89
CA ASN A 173 -28.09 38.48 8.24
C ASN A 173 -27.90 37.05 8.72
N HIS A 174 -28.85 36.17 8.41
CA HIS A 174 -28.71 34.75 8.68
C HIS A 174 -27.41 34.21 8.08
N ILE A 175 -27.30 34.30 6.75
CA ILE A 175 -26.15 33.74 6.03
C ILE A 175 -24.85 34.19 6.66
N LYS A 176 -24.73 35.49 6.92
CA LYS A 176 -23.48 35.99 7.49
C LYS A 176 -23.29 35.48 8.92
N TYR A 177 -24.35 35.45 9.73
CA TYR A 177 -24.22 34.93 11.09
C TYR A 177 -23.88 33.45 11.08
N ALA A 178 -24.58 32.67 10.25
CA ALA A 178 -24.33 31.24 10.23
C ALA A 178 -22.95 30.93 9.69
N THR A 179 -22.54 31.62 8.61
CA THR A 179 -21.23 31.36 8.03
C THR A 179 -20.12 31.70 9.01
N ASN A 180 -20.09 32.93 9.54
CA ASN A 180 -19.19 33.26 10.62
C ASN A 180 -17.74 32.96 10.23
N ARG A 181 -17.38 33.33 8.99
CA ARG A 181 -16.02 33.13 8.47
C ARG A 181 -15.61 31.66 8.54
N GLY A 182 -16.56 30.76 8.30
CA GLY A 182 -16.28 29.35 8.24
C GLY A 182 -16.48 28.59 9.53
N ASN A 183 -16.61 29.28 10.66
CA ASN A 183 -16.94 28.61 11.92
C ASN A 183 -18.46 28.56 12.03
N LEU A 184 -19.04 27.54 11.38
CA LEU A 184 -20.47 27.53 11.12
C LEU A 184 -21.28 27.37 12.42
N ARG A 185 -22.44 28.02 12.45
CA ARG A 185 -23.30 28.05 13.62
C ARG A 185 -24.74 27.82 13.17
N SER A 186 -25.39 26.81 13.76
CA SER A 186 -26.77 26.49 13.41
C SER A 186 -27.68 27.70 13.62
N ALA A 187 -28.54 27.98 12.63
CA ALA A 187 -29.47 29.09 12.73
C ALA A 187 -30.73 28.81 11.92
N ILE A 188 -31.85 29.29 12.41
CA ILE A 188 -33.10 29.32 11.69
C ILE A 188 -33.66 30.73 11.73
N THR A 189 -34.14 31.22 10.60
CA THR A 189 -34.87 32.48 10.53
C THR A 189 -36.33 32.17 10.27
N VAL A 190 -37.21 32.68 11.12
CA VAL A 190 -38.64 32.35 11.10
C VAL A 190 -39.40 33.56 10.59
N PHE A 191 -39.87 33.48 9.36
CA PHE A 191 -40.64 34.57 8.75
C PHE A 191 -42.10 34.48 9.19
N PRO A 192 -42.94 35.46 8.84
CA PRO A 192 -44.27 35.54 9.47
C PRO A 192 -45.13 34.32 9.14
N GLN A 193 -45.94 33.93 10.12
CA GLN A 193 -46.80 32.76 9.98
C GLN A 193 -47.88 33.02 8.93
N ARG A 194 -48.67 31.99 8.67
CA ARG A 194 -49.64 32.00 7.59
C ARG A 194 -51.04 32.32 8.11
N CYS A 195 -51.77 33.13 7.36
CA CYS A 195 -53.11 33.55 7.71
C CYS A 195 -53.98 33.44 6.46
N PRO A 196 -55.30 33.34 6.63
CA PRO A 196 -56.18 33.35 5.46
C PRO A 196 -56.32 34.75 4.89
N GLY A 197 -56.75 34.79 3.62
CA GLY A 197 -56.90 36.03 2.88
C GLY A 197 -55.61 36.58 2.27
N ARG A 198 -54.52 36.55 3.05
CA ARG A 198 -53.23 37.03 2.61
C ARG A 198 -52.48 35.94 1.85
N GLY A 199 -51.60 36.35 0.94
CA GLY A 199 -50.75 35.43 0.20
C GLY A 199 -49.78 34.67 1.09
N ASP A 200 -48.51 34.59 0.70
CA ASP A 200 -47.57 33.79 1.47
C ASP A 200 -46.14 34.26 1.29
N PHE A 201 -45.38 34.23 2.37
CA PHE A 201 -43.92 34.30 2.29
C PHE A 201 -43.37 32.95 1.85
N ARG A 202 -42.60 32.95 0.77
CA ARG A 202 -41.97 31.75 0.24
C ARG A 202 -40.61 32.11 -0.35
N ILE A 203 -39.58 31.34 -0.01
CA ILE A 203 -38.33 31.37 -0.74
C ILE A 203 -38.42 30.33 -1.86
N TRP A 204 -38.21 30.78 -3.10
CA TRP A 204 -38.43 29.91 -4.25
C TRP A 204 -37.29 28.94 -4.49
N ASN A 205 -36.11 29.22 -3.97
CA ASN A 205 -35.00 28.28 -4.04
C ASN A 205 -35.14 27.23 -2.95
N SER A 206 -34.70 26.00 -3.26
CA SER A 206 -34.74 24.94 -2.26
C SER A 206 -33.71 25.15 -1.18
N GLN A 207 -32.61 25.82 -1.51
CA GLN A 207 -31.62 26.29 -0.54
C GLN A 207 -31.28 27.74 -0.84
N LEU A 208 -30.60 28.38 0.11
CA LEU A 208 -30.17 29.76 -0.09
C LEU A 208 -28.98 29.84 -1.04
N VAL A 209 -28.11 28.84 -1.03
CA VAL A 209 -26.99 28.78 -1.95
C VAL A 209 -27.17 27.52 -2.79
N ARG A 210 -27.45 27.70 -4.09
CA ARG A 210 -27.49 26.61 -5.05
C ARG A 210 -26.79 27.06 -6.33
N TYR A 211 -26.27 26.09 -7.09
CA TYR A 211 -25.56 26.41 -8.31
C TYR A 211 -26.46 26.32 -9.53
N ALA A 212 -26.02 26.96 -10.60
CA ALA A 212 -26.81 27.06 -11.82
C ALA A 212 -26.93 25.73 -12.55
N GLY A 213 -27.94 25.64 -13.43
CA GLY A 213 -28.11 24.53 -14.34
C GLY A 213 -28.60 24.97 -15.71
N TYR A 214 -27.73 24.96 -16.71
CA TYR A 214 -28.02 25.48 -18.04
C TYR A 214 -28.03 24.35 -19.07
N ARG A 215 -28.93 24.42 -20.03
CA ARG A 215 -29.00 23.44 -21.11
C ARG A 215 -28.04 23.79 -22.25
N GLN A 216 -28.03 22.97 -23.30
CA GLN A 216 -27.10 23.11 -24.42
C GLN A 216 -27.85 22.95 -25.74
N GLN A 217 -27.10 23.03 -26.84
CA GLN A 217 -27.64 22.77 -28.18
C GLN A 217 -28.05 21.31 -28.31
N ASP A 218 -28.34 20.68 -27.17
CA ASP A 218 -28.52 19.24 -27.07
C ASP A 218 -29.14 18.85 -25.73
N GLY A 219 -30.05 19.68 -25.21
CA GLY A 219 -30.81 19.33 -24.01
C GLY A 219 -30.03 19.19 -22.71
N SER A 220 -28.82 18.60 -22.77
CA SER A 220 -28.07 18.29 -21.57
C SER A 220 -27.58 19.56 -20.87
N VAL A 221 -27.08 19.38 -19.64
CA VAL A 221 -27.00 20.45 -18.65
C VAL A 221 -25.54 20.80 -18.36
N ARG A 222 -25.28 22.10 -18.20
CA ARG A 222 -24.04 22.62 -17.62
C ARG A 222 -24.37 23.20 -16.26
N GLY A 223 -23.53 22.87 -15.25
CA GLY A 223 -23.82 23.17 -13.87
C GLY A 223 -24.62 22.10 -13.14
N ASP A 224 -25.43 22.49 -12.15
CA ASP A 224 -26.12 21.53 -11.31
C ASP A 224 -27.47 21.16 -11.92
N PRO A 225 -27.67 19.89 -12.32
CA PRO A 225 -28.97 19.51 -12.91
C PRO A 225 -30.12 19.51 -11.92
N ALA A 226 -29.86 19.35 -10.62
CA ALA A 226 -30.94 19.41 -9.65
C ALA A 226 -31.73 20.72 -9.72
N ASN A 227 -31.07 21.83 -10.05
CA ASN A 227 -31.67 23.15 -9.94
C ASN A 227 -32.13 23.71 -11.27
N VAL A 228 -31.83 23.04 -12.39
CA VAL A 228 -32.20 23.41 -13.76
C VAL A 228 -33.50 24.20 -13.85
N GLU A 229 -34.49 23.82 -13.05
CA GLU A 229 -35.81 24.42 -13.14
C GLU A 229 -35.83 25.82 -12.52
N ILE A 230 -35.29 25.97 -11.30
CA ILE A 230 -35.26 27.29 -10.70
C ILE A 230 -34.28 28.20 -11.42
N THR A 231 -33.23 27.63 -12.03
CA THR A 231 -32.38 28.40 -12.93
C THR A 231 -33.18 28.93 -14.11
N GLU A 232 -34.20 28.18 -14.55
CA GLU A 232 -35.06 28.65 -15.64
C GLU A 232 -35.94 29.80 -15.19
N LEU A 233 -36.44 29.73 -13.94
CA LEU A 233 -37.27 30.82 -13.43
C LEU A 233 -36.44 32.08 -13.20
N CYS A 234 -35.20 31.93 -12.74
CA CYS A 234 -34.35 33.09 -12.50
C CYS A 234 -34.04 33.81 -13.81
N ILE A 235 -33.55 33.07 -14.82
CA ILE A 235 -33.31 33.67 -16.13
C ILE A 235 -34.60 34.26 -16.68
N GLN A 236 -35.73 33.61 -16.42
CA GLN A 236 -37.01 34.15 -16.85
C GLN A 236 -37.24 35.53 -16.27
N HIS A 237 -36.91 35.70 -14.99
CA HIS A 237 -37.16 36.96 -14.28
C HIS A 237 -36.01 37.95 -14.48
N GLY A 238 -35.30 37.82 -15.58
CA GLY A 238 -34.32 38.82 -15.97
C GLY A 238 -33.00 38.72 -15.25
N TRP A 239 -32.38 37.54 -15.26
CA TRP A 239 -31.01 37.37 -14.80
C TRP A 239 -30.18 36.84 -15.95
N THR A 240 -29.00 37.44 -16.14
CA THR A 240 -28.13 37.03 -17.23
C THR A 240 -27.39 35.75 -16.82
N PRO A 241 -27.67 34.63 -17.50
CA PRO A 241 -26.96 33.39 -17.17
C PRO A 241 -25.47 33.51 -17.45
N GLY A 242 -24.67 32.97 -16.54
CA GLY A 242 -23.24 32.89 -16.74
C GLY A 242 -22.88 31.76 -17.68
N ASN A 243 -21.58 31.50 -17.77
CA ASN A 243 -21.12 30.31 -18.46
C ASN A 243 -20.87 29.16 -17.50
N GLY A 244 -20.43 29.47 -16.29
CA GLY A 244 -19.74 28.49 -15.46
C GLY A 244 -20.62 27.34 -14.98
N ARG A 245 -19.91 26.26 -14.60
CA ARG A 245 -20.49 25.11 -13.94
C ARG A 245 -20.74 25.35 -12.45
N PHE A 246 -20.35 26.50 -11.91
CA PHE A 246 -20.47 26.76 -10.47
C PHE A 246 -20.87 28.21 -10.22
N ASP A 247 -21.78 28.74 -11.02
CA ASP A 247 -22.37 30.05 -10.75
C ASP A 247 -23.41 29.92 -9.66
N VAL A 248 -23.38 30.84 -8.70
CA VAL A 248 -24.32 30.82 -7.59
C VAL A 248 -25.62 31.48 -8.01
N LEU A 249 -26.71 30.75 -7.89
CA LEU A 249 -27.99 31.24 -8.37
C LEU A 249 -28.43 32.47 -7.58
N PRO A 250 -29.12 33.39 -8.23
CA PRO A 250 -29.77 34.48 -7.51
C PRO A 250 -31.05 34.02 -6.83
N LEU A 251 -31.32 34.63 -5.68
CA LEU A 251 -32.52 34.30 -4.92
C LEU A 251 -33.77 34.84 -5.60
N LEU A 252 -34.88 34.12 -5.42
CA LEU A 252 -36.20 34.59 -5.84
C LEU A 252 -37.09 34.63 -4.60
N LEU A 253 -37.39 35.84 -4.13
CA LEU A 253 -38.07 36.06 -2.86
C LEU A 253 -39.46 36.63 -3.11
N GLN A 254 -40.44 36.13 -2.36
CA GLN A 254 -41.86 36.35 -2.67
C GLN A 254 -42.57 36.91 -1.45
N ALA A 255 -42.95 38.20 -1.53
CA ALA A 255 -43.84 38.81 -0.55
C ALA A 255 -45.28 38.39 -0.83
N PRO A 256 -46.11 38.32 0.21
CA PRO A 256 -47.48 37.78 0.03
C PRO A 256 -48.24 38.52 -1.07
N ASP A 257 -48.87 37.73 -1.95
CA ASP A 257 -49.70 38.22 -3.04
C ASP A 257 -48.94 39.08 -4.05
N GLU A 258 -47.61 39.14 -3.95
CA GLU A 258 -46.83 39.85 -4.94
C GLU A 258 -45.90 38.89 -5.68
N PRO A 259 -45.73 39.04 -6.98
CA PRO A 259 -44.83 38.16 -7.73
C PRO A 259 -43.39 38.37 -7.27
N PRO A 260 -42.53 37.38 -7.49
CA PRO A 260 -41.21 37.40 -6.84
C PRO A 260 -40.30 38.49 -7.37
N GLU A 261 -39.15 38.63 -6.73
CA GLU A 261 -38.13 39.60 -7.09
C GLU A 261 -36.76 38.94 -7.07
N LEU A 262 -36.04 39.05 -8.18
CA LEU A 262 -34.67 38.54 -8.24
C LEU A 262 -33.74 39.39 -7.40
N PHE A 263 -32.87 38.73 -6.61
CA PHE A 263 -31.82 39.37 -5.82
C PHE A 263 -30.49 38.72 -6.11
N LEU A 264 -29.44 39.54 -6.25
CA LEU A 264 -28.09 39.01 -6.23
C LEU A 264 -27.61 38.86 -4.79
N LEU A 265 -26.97 37.77 -4.52
CA LEU A 265 -26.40 37.72 -3.18
C LEU A 265 -25.07 38.44 -3.16
N PRO A 266 -24.69 39.07 -2.04
CA PRO A 266 -23.34 39.62 -1.93
C PRO A 266 -22.30 38.51 -2.05
N PRO A 267 -21.46 38.56 -3.09
CA PRO A 267 -20.51 37.44 -3.30
C PRO A 267 -19.58 37.21 -2.13
N GLU A 268 -19.06 38.28 -1.52
CA GLU A 268 -18.21 38.07 -0.35
C GLU A 268 -18.97 37.44 0.81
N LEU A 269 -20.30 37.34 0.72
CA LEU A 269 -21.10 36.70 1.75
C LEU A 269 -21.33 35.21 1.49
N VAL A 270 -20.99 34.72 0.30
CA VAL A 270 -21.17 33.32 -0.07
C VAL A 270 -19.80 32.67 0.03
N LEU A 271 -19.52 32.07 1.17
CA LEU A 271 -18.25 31.39 1.39
C LEU A 271 -18.23 30.06 0.64
N GLU A 272 -17.22 29.86 -0.21
CA GLU A 272 -17.07 28.65 -0.99
C GLU A 272 -15.69 28.05 -0.73
N VAL A 273 -15.58 26.76 -1.02
CA VAL A 273 -14.33 26.02 -0.82
C VAL A 273 -13.87 25.40 -2.13
N PRO A 274 -12.76 25.85 -2.72
CA PRO A 274 -12.19 25.12 -3.85
C PRO A 274 -11.75 23.75 -3.39
N LEU A 275 -12.05 22.73 -4.20
CA LEU A 275 -11.76 21.35 -3.80
C LEU A 275 -10.39 20.95 -4.32
N GLU A 276 -9.55 20.49 -3.40
CA GLU A 276 -8.24 19.95 -3.72
C GLU A 276 -8.08 18.67 -2.91
N HIS A 277 -7.27 17.76 -3.42
CA HIS A 277 -6.95 16.51 -2.76
C HIS A 277 -5.60 16.64 -2.07
N PRO A 278 -5.40 16.02 -0.91
CA PRO A 278 -4.10 16.17 -0.22
C PRO A 278 -2.91 15.57 -0.96
N THR A 279 -3.10 14.57 -1.82
CA THR A 279 -1.99 13.92 -2.46
C THR A 279 -2.18 13.69 -3.95
N LEU A 280 -3.32 14.08 -4.52
CA LEU A 280 -3.59 13.93 -5.95
C LEU A 280 -3.57 15.33 -6.53
N GLU A 281 -2.39 15.75 -6.99
CA GLU A 281 -2.16 17.14 -7.33
C GLU A 281 -3.05 17.59 -8.48
N TRP A 282 -3.45 16.66 -9.37
CA TRP A 282 -4.31 17.05 -10.47
C TRP A 282 -5.75 17.35 -10.05
N PHE A 283 -6.16 16.94 -8.83
CA PHE A 283 -7.57 17.09 -8.46
C PHE A 283 -7.99 18.55 -8.44
N ALA A 284 -7.12 19.43 -7.93
CA ALA A 284 -7.42 20.87 -7.95
C ALA A 284 -7.72 21.37 -9.35
N ALA A 285 -7.05 20.81 -10.36
CA ALA A 285 -7.21 21.29 -11.73
C ALA A 285 -8.58 20.97 -12.31
N LEU A 286 -9.32 20.03 -11.72
CA LEU A 286 -10.68 19.74 -12.16
C LEU A 286 -11.64 20.89 -11.86
N GLY A 287 -11.21 21.91 -11.12
CA GLY A 287 -12.00 23.11 -10.91
C GLY A 287 -13.28 22.93 -10.12
N LEU A 288 -13.33 21.96 -9.21
CA LEU A 288 -14.55 21.69 -8.46
C LEU A 288 -14.59 22.57 -7.22
N ARG A 289 -15.80 23.00 -6.85
CA ARG A 289 -16.02 23.80 -5.66
C ARG A 289 -17.36 23.40 -5.05
N TRP A 290 -17.53 23.65 -3.75
CA TRP A 290 -18.84 23.59 -3.12
C TRP A 290 -18.97 24.66 -2.07
N TYR A 291 -20.21 25.10 -1.81
CA TYR A 291 -20.43 26.20 -0.88
C TYR A 291 -20.41 25.72 0.57
N ALA A 292 -20.16 26.65 1.49
CA ALA A 292 -19.92 26.30 2.88
C ALA A 292 -21.20 26.00 3.65
N LEU A 293 -22.31 26.66 3.31
CA LEU A 293 -23.48 26.65 4.20
C LEU A 293 -24.63 25.85 3.59
N PRO A 294 -25.03 24.71 4.18
CA PRO A 294 -26.28 24.06 3.78
C PRO A 294 -27.44 24.73 4.51
N ALA A 295 -28.32 25.39 3.74
CA ALA A 295 -29.39 26.20 4.31
C ALA A 295 -30.67 25.91 3.52
N VAL A 296 -31.49 25.00 4.05
CA VAL A 296 -32.70 24.53 3.38
C VAL A 296 -33.78 25.59 3.48
N SER A 297 -34.26 26.06 2.33
CA SER A 297 -35.20 27.17 2.27
C SER A 297 -36.46 26.81 1.53
N ASN A 298 -37.00 25.61 1.75
CA ASN A 298 -38.23 25.23 1.10
C ASN A 298 -39.18 24.43 1.99
N MET A 299 -38.81 24.15 3.23
CA MET A 299 -39.66 23.38 4.13
C MET A 299 -40.48 24.31 5.01
N LEU A 300 -41.54 23.74 5.58
CA LEU A 300 -42.56 24.49 6.27
C LEU A 300 -42.50 24.12 7.75
N LEU A 301 -42.16 25.11 8.58
CA LEU A 301 -42.07 24.91 10.02
C LEU A 301 -43.47 25.00 10.62
N GLU A 302 -43.84 23.97 11.37
CA GLU A 302 -45.14 23.90 12.02
C GLU A 302 -44.94 23.76 13.52
N ILE A 303 -45.40 24.75 14.27
CA ILE A 303 -45.30 24.77 15.72
C ILE A 303 -46.68 25.04 16.29
N GLY A 304 -47.13 24.19 17.19
CA GLY A 304 -48.37 24.40 17.91
C GLY A 304 -49.61 24.58 17.05
N GLY A 305 -49.48 24.36 15.75
CA GLY A 305 -50.62 24.53 14.85
C GLY A 305 -50.46 25.67 13.88
N LEU A 306 -49.38 26.44 13.96
CA LEU A 306 -49.11 27.52 13.01
C LEU A 306 -48.12 27.04 11.97
N GLU A 307 -48.26 27.55 10.75
CA GLU A 307 -47.50 27.07 9.61
C GLU A 307 -46.69 28.22 9.03
N PHE A 308 -45.37 28.10 9.12
CA PHE A 308 -44.47 29.11 8.57
C PHE A 308 -43.90 28.57 7.27
N PRO A 309 -44.45 28.93 6.10
CA PRO A 309 -43.92 28.39 4.84
C PRO A 309 -42.53 28.91 4.47
N ALA A 310 -42.08 30.01 5.07
CA ALA A 310 -40.73 30.52 4.90
C ALA A 310 -40.06 30.51 6.28
N ALA A 311 -39.11 29.59 6.48
CA ALA A 311 -38.39 29.44 7.74
C ALA A 311 -37.06 28.72 7.53
N PRO A 312 -36.07 29.36 6.90
CA PRO A 312 -34.85 28.63 6.53
C PRO A 312 -33.99 28.29 7.74
N PHE A 313 -33.56 27.04 7.81
CA PHE A 313 -32.60 26.55 8.80
C PHE A 313 -31.30 26.16 8.12
N SER A 314 -30.20 26.30 8.84
CA SER A 314 -28.90 25.97 8.31
C SER A 314 -28.06 25.31 9.39
N GLY A 315 -27.14 24.46 8.96
CA GLY A 315 -26.23 23.81 9.88
C GLY A 315 -24.82 23.80 9.32
N TRP A 316 -24.17 22.65 9.37
CA TRP A 316 -22.98 22.45 8.56
C TRP A 316 -23.10 21.09 7.89
N TYR A 317 -22.27 20.91 6.87
CA TYR A 317 -22.37 19.75 6.01
C TYR A 317 -21.74 18.55 6.66
N MET A 318 -22.31 17.39 6.36
CA MET A 318 -21.62 16.11 6.46
C MET A 318 -20.95 15.86 5.12
N SER A 319 -19.69 15.44 5.14
CA SER A 319 -18.91 15.40 3.90
C SER A 319 -19.55 14.52 2.82
N THR A 320 -20.26 13.44 3.18
CA THR A 320 -20.83 12.59 2.13
C THR A 320 -21.89 13.33 1.33
N GLU A 321 -22.56 14.32 1.94
CA GLU A 321 -23.59 15.05 1.20
C GLU A 321 -23.00 15.69 -0.05
N ILE A 322 -21.78 16.20 0.05
CA ILE A 322 -21.14 16.90 -1.06
C ILE A 322 -20.41 15.90 -1.93
N GLY A 323 -19.49 15.16 -1.30
CA GLY A 323 -18.59 14.27 -1.99
C GLY A 323 -19.24 13.04 -2.58
N THR A 324 -20.34 12.56 -2.00
CA THR A 324 -21.03 11.41 -2.59
C THR A 324 -22.30 11.79 -3.34
N ARG A 325 -23.22 12.55 -2.74
CA ARG A 325 -24.49 12.78 -3.44
C ARG A 325 -24.39 13.91 -4.46
N ASN A 326 -23.86 15.07 -4.05
CA ASN A 326 -23.83 16.23 -4.93
C ASN A 326 -22.87 16.03 -6.10
N LEU A 327 -21.70 15.45 -5.86
CA LEU A 327 -20.71 15.31 -6.91
C LEU A 327 -20.79 14.00 -7.69
N CYS A 328 -21.28 12.91 -7.09
CA CYS A 328 -21.20 11.61 -7.73
C CYS A 328 -22.54 11.02 -8.19
N ASP A 329 -23.67 11.56 -7.77
CA ASP A 329 -24.95 11.06 -8.27
C ASP A 329 -25.02 11.19 -9.78
N PRO A 330 -25.45 10.16 -10.49
CA PRO A 330 -25.51 10.24 -11.96
C PRO A 330 -26.38 11.37 -12.45
N HIS A 331 -27.37 11.80 -11.67
CA HIS A 331 -28.26 12.88 -12.07
C HIS A 331 -27.84 14.22 -11.46
N ARG A 332 -26.70 14.26 -10.79
CA ARG A 332 -26.13 15.49 -10.23
C ARG A 332 -24.90 15.85 -11.06
N TYR A 333 -23.79 16.29 -10.45
CA TYR A 333 -22.59 16.64 -11.21
C TYR A 333 -21.95 15.43 -11.86
N ASN A 334 -22.19 14.21 -11.35
CA ASN A 334 -21.86 12.97 -12.06
C ASN A 334 -20.38 12.90 -12.44
N ILE A 335 -19.49 13.27 -11.51
CA ILE A 335 -18.08 13.38 -11.84
C ILE A 335 -17.33 12.08 -11.69
N LEU A 336 -18.00 11.02 -11.23
CA LEU A 336 -17.28 9.86 -10.69
C LEU A 336 -16.31 9.27 -11.71
N GLU A 337 -16.72 9.17 -12.97
CA GLU A 337 -15.86 8.56 -13.96
C GLU A 337 -14.70 9.51 -14.36
N ASP A 338 -14.91 10.82 -14.26
CA ASP A 338 -13.83 11.73 -14.60
C ASP A 338 -12.68 11.60 -13.60
N VAL A 339 -12.99 11.46 -12.32
CA VAL A 339 -11.95 11.24 -11.32
C VAL A 339 -11.27 9.90 -11.51
N ALA A 340 -12.01 8.88 -11.98
CA ALA A 340 -11.42 7.55 -12.09
C ALA A 340 -10.43 7.49 -13.25
N VAL A 341 -10.75 8.13 -14.38
CA VAL A 341 -9.76 8.28 -15.44
C VAL A 341 -8.50 8.93 -14.91
N CYS A 342 -8.65 10.06 -14.22
CA CYS A 342 -7.49 10.77 -13.68
C CYS A 342 -6.66 9.89 -12.76
N MET A 343 -7.31 9.01 -12.00
CA MET A 343 -6.58 8.07 -11.16
C MET A 343 -6.05 6.87 -11.93
N ASP A 344 -6.33 6.80 -13.24
CA ASP A 344 -5.92 5.67 -14.09
C ASP A 344 -6.51 4.35 -13.62
N LEU A 345 -7.71 4.39 -13.04
CA LEU A 345 -8.36 3.16 -12.63
C LEU A 345 -8.93 2.42 -13.84
N ASP A 346 -9.15 1.12 -13.69
CA ASP A 346 -9.68 0.32 -14.78
C ASP A 346 -11.19 0.38 -14.75
N THR A 347 -11.77 1.25 -15.57
CA THR A 347 -13.20 1.39 -15.75
C THR A 347 -13.79 0.38 -16.72
N ARG A 348 -13.03 -0.65 -17.10
CA ARG A 348 -13.54 -1.62 -18.07
C ARG A 348 -14.32 -2.74 -17.41
N THR A 349 -14.09 -3.00 -16.12
CA THR A 349 -14.81 -4.01 -15.37
C THR A 349 -15.27 -3.43 -14.02
N THR A 350 -16.56 -3.58 -13.71
CA THR A 350 -17.07 -3.05 -12.46
C THR A 350 -16.44 -3.71 -11.27
N SER A 351 -15.89 -4.93 -11.43
CA SER A 351 -15.36 -5.66 -10.29
C SER A 351 -13.98 -5.17 -9.87
N SER A 352 -13.40 -4.21 -10.58
CA SER A 352 -12.23 -3.51 -10.08
C SER A 352 -12.58 -2.50 -8.97
N LEU A 353 -13.88 -2.37 -8.66
CA LEU A 353 -14.40 -1.36 -7.72
C LEU A 353 -13.79 0.03 -7.95
N TRP A 354 -13.57 0.37 -9.22
CA TRP A 354 -13.13 1.73 -9.52
C TRP A 354 -14.10 2.77 -9.01
N LYS A 355 -15.41 2.51 -9.06
CA LYS A 355 -16.37 3.48 -8.52
C LYS A 355 -16.14 3.68 -7.02
N ASP A 356 -16.01 2.58 -6.31
CA ASP A 356 -15.73 2.66 -4.89
C ASP A 356 -14.45 3.44 -4.63
N LYS A 357 -13.42 3.22 -5.43
CA LYS A 357 -12.14 3.88 -5.18
C LYS A 357 -12.24 5.39 -5.44
N ALA A 358 -12.82 5.79 -6.57
CA ALA A 358 -12.90 7.21 -6.89
C ALA A 358 -13.78 7.94 -5.89
N ALA A 359 -14.86 7.31 -5.46
CA ALA A 359 -15.79 7.95 -4.53
C ALA A 359 -15.10 8.26 -3.21
N VAL A 360 -14.33 7.30 -2.67
CA VAL A 360 -13.68 7.55 -1.39
C VAL A 360 -12.71 8.74 -1.50
N GLU A 361 -11.99 8.84 -2.63
CA GLU A 361 -11.04 9.94 -2.79
C GLU A 361 -11.75 11.28 -2.87
N ILE A 362 -12.84 11.33 -3.64
CA ILE A 362 -13.64 12.56 -3.72
C ILE A 362 -14.07 13.00 -2.32
N ASN A 363 -14.48 12.05 -1.48
CA ASN A 363 -14.83 12.39 -0.10
C ASN A 363 -13.60 12.89 0.69
N VAL A 364 -12.46 12.25 0.48
CA VAL A 364 -11.25 12.71 1.15
C VAL A 364 -10.95 14.14 0.73
N ALA A 365 -11.15 14.47 -0.55
CA ALA A 365 -10.85 15.81 -1.00
C ALA A 365 -11.82 16.82 -0.40
N VAL A 366 -13.07 16.42 -0.16
CA VAL A 366 -14.00 17.35 0.47
C VAL A 366 -13.56 17.65 1.89
N LEU A 367 -13.31 16.60 2.67
CA LEU A 367 -12.89 16.82 4.05
C LEU A 367 -11.62 17.63 4.12
N HIS A 368 -10.65 17.33 3.25
CA HIS A 368 -9.37 18.03 3.30
C HIS A 368 -9.56 19.51 2.95
N SER A 369 -10.35 19.78 1.91
CA SER A 369 -10.52 21.15 1.44
C SER A 369 -11.24 22.01 2.48
N TYR A 370 -12.31 21.48 3.09
CA TYR A 370 -13.03 22.26 4.09
C TYR A 370 -12.16 22.49 5.31
N GLN A 371 -11.40 21.48 5.74
CA GLN A 371 -10.56 21.64 6.91
C GLN A 371 -9.43 22.64 6.68
N LEU A 372 -8.83 22.61 5.48
CA LEU A 372 -7.78 23.59 5.19
C LEU A 372 -8.38 24.98 5.14
N ALA A 373 -9.57 25.11 4.57
CA ALA A 373 -10.26 26.39 4.54
C ALA A 373 -10.89 26.75 5.88
N LYS A 374 -10.68 25.95 6.92
CA LYS A 374 -11.26 26.16 8.24
C LYS A 374 -12.76 26.46 8.15
N VAL A 375 -13.49 25.53 7.55
CA VAL A 375 -14.95 25.58 7.53
C VAL A 375 -15.45 24.32 8.22
N THR A 376 -16.40 24.50 9.12
CA THR A 376 -16.91 23.35 9.86
C THR A 376 -17.44 22.28 8.91
N ILE A 377 -16.98 21.04 9.10
CA ILE A 377 -17.53 19.90 8.36
C ILE A 377 -17.33 18.64 9.18
N VAL A 378 -18.22 17.66 8.97
CA VAL A 378 -18.18 16.43 9.75
C VAL A 378 -18.20 15.23 8.79
N ASP A 379 -17.31 14.27 9.06
CA ASP A 379 -17.26 13.06 8.26
C ASP A 379 -18.37 12.11 8.70
N HIS A 380 -18.69 11.15 7.83
CA HIS A 380 -19.84 10.29 8.14
C HIS A 380 -19.58 9.34 9.30
N HIS A 381 -18.33 9.01 9.60
CA HIS A 381 -18.06 8.21 10.80
C HIS A 381 -18.29 9.02 12.07
N ALA A 382 -17.70 10.22 12.16
CA ALA A 382 -17.93 11.05 13.36
C ALA A 382 -19.41 11.34 13.55
N ALA A 383 -20.11 11.63 12.46
CA ALA A 383 -21.50 12.05 12.56
C ALA A 383 -22.40 10.91 13.00
N THR A 384 -22.18 9.69 12.48
CA THR A 384 -23.04 8.57 12.87
C THR A 384 -22.80 8.19 14.32
N ALA A 385 -21.54 8.20 14.77
CA ALA A 385 -21.28 7.86 16.17
C ALA A 385 -21.92 8.89 17.10
N SER A 386 -21.93 10.18 16.72
CA SER A 386 -22.63 11.16 17.53
CA SER A 386 -22.63 11.15 17.53
C SER A 386 -24.13 10.90 17.52
N PHE A 387 -24.63 10.30 16.44
CA PHE A 387 -26.06 10.04 16.39
C PHE A 387 -26.44 8.88 17.30
N MET A 388 -25.58 7.87 17.37
CA MET A 388 -25.73 6.81 18.35
C MET A 388 -25.71 7.39 19.76
N LYS A 389 -24.87 8.39 20.00
CA LYS A 389 -24.90 9.09 21.27
C LYS A 389 -26.23 9.79 21.45
N HIS A 390 -26.70 10.46 20.40
CA HIS A 390 -28.02 11.11 20.48
C HIS A 390 -29.09 10.09 20.84
N LEU A 391 -29.11 8.93 20.17
CA LEU A 391 -30.16 7.95 20.42
C LEU A 391 -30.22 7.55 21.89
N GLU A 392 -29.07 7.36 22.53
CA GLU A 392 -29.11 6.95 23.93
C GLU A 392 -29.58 8.09 24.83
N ASN A 393 -29.10 9.32 24.57
CA ASN A 393 -29.63 10.50 25.26
C ASN A 393 -31.14 10.51 25.21
N GLU A 394 -31.70 10.31 24.01
CA GLU A 394 -33.14 10.41 23.80
C GLU A 394 -33.88 9.23 24.40
N GLN A 395 -33.23 8.07 24.51
CA GLN A 395 -33.83 6.95 25.22
C GLN A 395 -34.08 7.32 26.67
N LYS A 396 -33.07 7.91 27.32
CA LYS A 396 -33.21 8.35 28.70
C LYS A 396 -34.20 9.51 28.80
N ALA A 397 -34.06 10.51 27.95
CA ALA A 397 -34.92 11.69 28.09
C ALA A 397 -36.37 11.38 27.73
N ARG A 398 -36.65 11.03 26.47
CA ARG A 398 -38.01 10.95 25.97
C ARG A 398 -38.49 9.53 25.66
N GLY A 399 -37.70 8.50 25.98
CA GLY A 399 -38.16 7.14 25.69
C GLY A 399 -38.15 6.76 24.22
N GLY A 400 -37.20 7.29 23.45
CA GLY A 400 -37.07 6.91 22.06
C GLY A 400 -36.70 8.10 21.20
N CYS A 401 -36.77 7.89 19.88
CA CYS A 401 -36.34 8.88 18.91
C CYS A 401 -36.80 8.46 17.51
N PRO A 402 -37.58 9.28 16.81
CA PRO A 402 -37.93 8.92 15.43
C PRO A 402 -36.73 9.09 14.53
N ALA A 403 -36.44 8.05 13.77
CA ALA A 403 -35.27 7.99 12.93
C ALA A 403 -35.66 7.26 11.66
N ASP A 404 -35.23 7.80 10.53
CA ASP A 404 -35.53 7.22 9.22
C ASP A 404 -34.27 6.49 8.78
N TRP A 405 -34.30 5.16 8.86
CA TRP A 405 -33.09 4.36 8.68
C TRP A 405 -32.42 4.63 7.33
N ALA A 406 -33.22 4.71 6.25
CA ALA A 406 -32.70 4.92 4.91
C ALA A 406 -31.94 6.24 4.75
N TRP A 407 -32.22 7.23 5.61
CA TRP A 407 -31.61 8.55 5.51
C TRP A 407 -30.53 8.79 6.55
N ILE A 408 -30.57 8.06 7.67
CA ILE A 408 -29.54 8.18 8.69
C ILE A 408 -28.28 7.44 8.28
N VAL A 409 -28.44 6.24 7.73
CA VAL A 409 -27.29 5.48 7.23
C VAL A 409 -26.62 6.25 6.09
N PRO A 410 -25.33 6.49 6.14
CA PRO A 410 -24.67 7.30 5.10
C PRO A 410 -24.64 6.61 3.75
N PRO A 411 -24.56 7.39 2.66
CA PRO A 411 -24.64 6.82 1.31
C PRO A 411 -23.35 6.17 0.81
N ILE A 412 -22.30 6.13 1.63
CA ILE A 412 -21.15 5.28 1.36
C ILE A 412 -20.85 4.62 2.70
N SER A 413 -20.27 3.42 2.64
CA SER A 413 -19.73 2.76 3.83
C SER A 413 -20.79 2.51 4.90
N GLY A 414 -22.04 2.30 4.48
CA GLY A 414 -23.14 2.11 5.40
C GLY A 414 -22.81 1.24 6.58
N SER A 415 -22.51 -0.05 6.33
CA SER A 415 -22.33 -0.99 7.43
C SER A 415 -21.04 -0.80 8.21
N LEU A 416 -20.16 0.15 7.83
CA LEU A 416 -19.00 0.50 8.65
C LEU A 416 -19.33 1.52 9.72
N THR A 417 -20.53 2.10 9.68
CA THR A 417 -20.97 3.03 10.71
C THR A 417 -21.95 2.31 11.64
N PRO A 418 -22.04 2.73 12.91
CA PRO A 418 -22.86 1.97 13.86
C PRO A 418 -24.36 2.11 13.65
N VAL A 419 -24.82 3.15 12.95
CA VAL A 419 -26.25 3.28 12.72
C VAL A 419 -26.77 2.15 11.83
N PHE A 420 -25.92 1.58 10.97
CA PHE A 420 -26.35 0.49 10.09
C PHE A 420 -26.88 -0.68 10.91
N HIS A 421 -26.23 -0.99 12.03
CA HIS A 421 -26.56 -2.16 12.82
C HIS A 421 -27.60 -1.87 13.89
N GLN A 422 -28.10 -0.64 13.93
CA GLN A 422 -29.11 -0.21 14.88
C GLN A 422 -30.46 -0.23 14.18
N GLU A 423 -31.41 -0.96 14.76
CA GLU A 423 -32.80 -0.86 14.34
C GLU A 423 -33.39 0.48 14.77
N MET A 424 -34.33 0.98 13.96
CA MET A 424 -34.90 2.29 14.19
C MET A 424 -36.40 2.26 13.96
N VAL A 425 -37.10 3.14 14.66
CA VAL A 425 -38.54 3.34 14.49
C VAL A 425 -38.77 4.73 13.93
N ASN A 426 -39.66 4.82 12.94
CA ASN A 426 -39.94 6.06 12.24
C ASN A 426 -41.42 6.43 12.42
N TYR A 427 -41.67 7.68 12.81
CA TYR A 427 -43.02 8.19 13.06
C TYR A 427 -42.96 9.72 13.03
N PHE A 428 -44.13 10.35 13.24
CA PHE A 428 -44.27 11.80 13.16
C PHE A 428 -44.64 12.39 14.52
N LEU A 429 -43.77 13.24 15.06
CA LEU A 429 -44.05 14.07 16.22
C LEU A 429 -44.18 15.53 15.80
N SER A 430 -44.92 16.30 16.60
CA SER A 430 -44.96 17.75 16.43
C SER A 430 -44.25 18.42 17.62
N PRO A 431 -43.61 19.60 17.43
CA PRO A 431 -43.51 20.39 16.18
C PRO A 431 -42.59 19.75 15.16
N ALA A 432 -42.70 20.14 13.89
CA ALA A 432 -41.99 19.42 12.85
C ALA A 432 -41.63 20.33 11.68
N PHE A 433 -40.60 19.94 10.94
CA PHE A 433 -40.36 20.43 9.59
C PHE A 433 -41.09 19.51 8.60
N ARG A 434 -41.92 20.10 7.74
CA ARG A 434 -42.71 19.38 6.74
C ARG A 434 -42.36 19.87 5.35
N TYR A 435 -42.43 18.96 4.37
CA TYR A 435 -42.34 19.38 2.97
C TYR A 435 -43.60 20.13 2.54
N GLN A 436 -43.52 20.79 1.40
CA GLN A 436 -44.63 21.59 0.91
C GLN A 436 -44.50 21.75 -0.60
N PRO A 437 -45.58 22.06 -1.30
CA PRO A 437 -45.52 22.19 -2.76
C PRO A 437 -44.60 23.34 -3.17
N ASP A 438 -44.01 23.20 -4.35
CA ASP A 438 -43.28 24.31 -4.94
C ASP A 438 -44.26 25.47 -5.20
N PRO A 439 -43.86 26.73 -4.90
CA PRO A 439 -44.81 27.85 -5.05
C PRO A 439 -45.06 28.28 -6.48
N TRP A 440 -45.10 27.31 -7.41
CA TRP A 440 -45.49 27.59 -8.79
C TRP A 440 -46.18 26.36 -9.39
N PHE B 28 -53.06 2.43 -4.98
CA PHE B 28 -51.87 1.86 -5.62
C PHE B 28 -50.64 2.74 -5.41
N PRO B 29 -49.64 2.20 -4.72
CA PRO B 29 -48.45 3.01 -4.36
C PRO B 29 -47.67 3.46 -5.59
N ARG B 30 -47.42 4.76 -5.67
CA ARG B 30 -46.56 5.29 -6.73
C ARG B 30 -45.09 5.23 -6.31
N VAL B 31 -44.25 4.74 -7.23
CA VAL B 31 -42.85 4.44 -6.99
C VAL B 31 -42.02 5.20 -8.01
N LYS B 32 -41.04 5.96 -7.54
CA LYS B 32 -40.22 6.78 -8.43
C LYS B 32 -38.79 6.26 -8.45
N ASN B 33 -38.17 6.28 -9.62
CA ASN B 33 -36.72 6.15 -9.73
C ASN B 33 -36.11 7.54 -9.80
N TRP B 34 -35.24 7.85 -8.86
CA TRP B 34 -34.74 9.22 -8.76
C TRP B 34 -33.56 9.47 -9.67
N GLU B 35 -32.85 8.43 -10.10
CA GLU B 35 -31.74 8.63 -11.02
C GLU B 35 -32.23 9.00 -12.41
N VAL B 36 -33.35 8.41 -12.84
CA VAL B 36 -33.82 8.51 -14.22
C VAL B 36 -35.05 9.39 -14.33
N GLY B 37 -35.96 9.30 -13.37
CA GLY B 37 -37.24 9.98 -13.44
C GLY B 37 -38.44 9.06 -13.65
N SER B 38 -38.25 7.75 -13.76
CA SER B 38 -39.35 6.84 -14.05
C SER B 38 -40.38 6.84 -12.93
N ILE B 39 -41.60 6.45 -13.28
CA ILE B 39 -42.69 6.35 -12.32
C ILE B 39 -43.57 5.13 -12.64
N THR B 40 -43.71 4.23 -11.69
CA THR B 40 -44.59 3.07 -11.82
C THR B 40 -45.50 3.02 -10.60
N TYR B 41 -46.56 2.24 -10.72
CA TYR B 41 -47.48 1.98 -9.63
C TYR B 41 -47.43 0.49 -9.31
N ASP B 42 -47.31 0.17 -8.02
CA ASP B 42 -47.19 -1.22 -7.57
C ASP B 42 -48.59 -1.80 -7.35
N THR B 43 -49.17 -2.35 -8.41
CA THR B 43 -50.47 -2.99 -8.26
C THR B 43 -50.36 -4.37 -7.64
N LEU B 44 -49.19 -5.02 -7.73
CA LEU B 44 -49.01 -6.33 -7.12
C LEU B 44 -49.13 -6.26 -5.60
N SER B 45 -48.82 -5.10 -5.01
CA SER B 45 -48.91 -4.96 -3.57
C SER B 45 -50.33 -5.16 -3.06
N ALA B 46 -51.32 -4.87 -3.90
CA ALA B 46 -52.72 -5.00 -3.50
C ALA B 46 -53.10 -6.44 -3.18
N GLN B 47 -52.33 -7.42 -3.67
CA GLN B 47 -52.58 -8.82 -3.40
C GLN B 47 -51.80 -9.37 -2.21
N ALA B 48 -51.11 -8.52 -1.46
CA ALA B 48 -50.26 -9.01 -0.40
C ALA B 48 -51.10 -9.70 0.66
N GLN B 49 -50.77 -10.96 0.94
CA GLN B 49 -51.54 -11.75 1.88
C GLN B 49 -51.18 -11.40 3.32
N GLN B 50 -50.20 -12.09 3.89
CA GLN B 50 -49.89 -11.94 5.31
C GLN B 50 -49.39 -10.53 5.63
N ASP B 51 -49.67 -10.08 6.85
CA ASP B 51 -49.43 -8.70 7.24
C ASP B 51 -48.00 -8.49 7.72
N GLY B 52 -47.50 -7.27 7.49
CA GLY B 52 -46.18 -6.88 7.93
C GLY B 52 -46.19 -6.16 9.25
N PRO B 53 -45.05 -5.56 9.63
CA PRO B 53 -44.90 -4.99 10.97
C PRO B 53 -45.25 -3.51 11.09
N CYS B 54 -45.58 -2.83 10.00
CA CYS B 54 -45.77 -1.38 10.03
C CYS B 54 -47.24 -1.01 10.12
N THR B 55 -47.50 0.17 10.68
CA THR B 55 -48.82 0.76 10.70
C THR B 55 -48.71 2.18 10.18
N PRO B 56 -49.83 2.87 9.96
CA PRO B 56 -49.75 4.29 9.62
C PRO B 56 -49.16 5.14 10.74
N ARG B 57 -49.18 4.65 11.98
CA ARG B 57 -48.53 5.37 13.06
C ARG B 57 -47.01 5.32 12.94
N ARG B 58 -46.45 4.12 12.81
CA ARG B 58 -45.01 3.94 12.84
C ARG B 58 -44.55 2.94 11.79
N CYS B 59 -43.47 3.29 11.10
CA CYS B 59 -42.80 2.36 10.20
C CYS B 59 -41.75 1.59 11.00
N LEU B 60 -41.73 0.26 10.80
CA LEU B 60 -40.76 -0.64 11.40
C LEU B 60 -39.99 -1.44 10.35
N GLY B 61 -39.91 -0.89 9.13
CA GLY B 61 -39.17 -1.56 8.05
C GLY B 61 -37.77 -2.02 8.42
N SER B 62 -37.04 -1.21 9.18
CA SER B 62 -35.65 -1.52 9.50
C SER B 62 -35.49 -2.66 10.50
N LEU B 63 -36.57 -3.23 11.01
CA LEU B 63 -36.39 -4.32 11.97
C LEU B 63 -36.00 -5.59 11.22
N VAL B 64 -35.05 -6.33 11.77
CA VAL B 64 -34.60 -7.56 11.14
C VAL B 64 -35.69 -8.63 11.27
N PHE B 65 -36.05 -9.00 12.50
CA PHE B 65 -37.11 -9.97 12.72
C PHE B 65 -38.30 -9.21 13.28
N PRO B 66 -39.20 -8.70 12.42
CA PRO B 66 -40.41 -7.95 12.80
C PRO B 66 -41.26 -8.68 13.86
N ALA B 79 -57.67 -25.97 11.88
CA ALA B 79 -58.09 -24.89 11.01
C ALA B 79 -58.03 -25.29 9.53
N PRO B 80 -58.96 -26.15 9.09
CA PRO B 80 -58.93 -26.59 7.68
C PRO B 80 -59.24 -25.47 6.70
N GLU B 81 -60.19 -24.59 7.02
CA GLU B 81 -60.73 -23.65 6.04
C GLU B 81 -59.65 -22.72 5.50
N GLN B 82 -58.70 -22.33 6.35
CA GLN B 82 -57.67 -21.39 5.94
C GLN B 82 -56.56 -22.09 5.18
N LEU B 83 -56.17 -23.29 5.62
CA LEU B 83 -55.35 -24.16 4.78
C LEU B 83 -55.96 -24.28 3.39
N LEU B 84 -57.28 -24.46 3.33
CA LEU B 84 -57.97 -24.56 2.04
C LEU B 84 -57.75 -23.31 1.19
N SER B 85 -57.90 -22.12 1.80
CA SER B 85 -57.89 -20.89 1.02
C SER B 85 -56.49 -20.51 0.56
N GLN B 86 -55.47 -20.77 1.38
CA GLN B 86 -54.09 -20.69 0.92
C GLN B 86 -53.87 -21.63 -0.28
N ALA B 87 -54.19 -22.91 -0.08
CA ALA B 87 -53.98 -23.89 -1.14
C ALA B 87 -54.75 -23.50 -2.39
N ARG B 88 -55.99 -23.06 -2.22
CA ARG B 88 -56.80 -22.63 -3.36
C ARG B 88 -56.07 -21.56 -4.16
N ASP B 89 -55.50 -20.57 -3.47
CA ASP B 89 -54.81 -19.47 -4.13
C ASP B 89 -53.55 -19.94 -4.84
N PHE B 90 -52.76 -20.80 -4.19
CA PHE B 90 -51.58 -21.33 -4.85
C PHE B 90 -51.95 -22.08 -6.13
N ILE B 91 -52.93 -23.00 -6.04
CA ILE B 91 -53.35 -23.76 -7.21
C ILE B 91 -53.79 -22.81 -8.33
N ASN B 92 -54.59 -21.79 -7.97
CA ASN B 92 -54.92 -20.74 -8.94
C ASN B 92 -53.64 -20.19 -9.57
N GLN B 93 -52.66 -19.85 -8.73
CA GLN B 93 -51.39 -19.35 -9.25
C GLN B 93 -50.74 -20.35 -10.20
N TYR B 94 -50.65 -21.61 -9.79
CA TYR B 94 -49.94 -22.58 -10.61
C TYR B 94 -50.59 -22.72 -11.99
N TYR B 95 -51.92 -22.73 -12.02
CA TYR B 95 -52.63 -22.88 -13.28
C TYR B 95 -52.55 -21.63 -14.15
N SER B 96 -52.38 -20.44 -13.57
CA SER B 96 -52.11 -19.26 -14.40
C SER B 96 -50.78 -19.38 -15.11
N SER B 97 -49.76 -19.87 -14.40
CA SER B 97 -48.41 -19.97 -14.95
C SER B 97 -48.30 -20.99 -16.09
N ILE B 98 -49.17 -22.01 -16.12
CA ILE B 98 -49.17 -22.96 -17.22
C ILE B 98 -50.22 -22.60 -18.28
N LYS B 99 -50.78 -21.38 -18.21
CA LYS B 99 -51.75 -20.90 -19.19
C LYS B 99 -52.93 -21.86 -19.34
N ARG B 100 -53.41 -22.37 -18.20
CA ARG B 100 -54.55 -23.28 -18.15
C ARG B 100 -55.53 -22.86 -17.06
N SER B 101 -55.70 -21.54 -16.87
CA SER B 101 -56.56 -21.04 -15.82
CA SER B 101 -56.57 -21.03 -15.82
C SER B 101 -58.03 -21.30 -16.15
N GLY B 102 -58.79 -21.70 -15.14
CA GLY B 102 -60.21 -21.98 -15.30
C GLY B 102 -60.52 -23.22 -16.13
N SER B 103 -59.59 -24.17 -16.20
CA SER B 103 -59.72 -25.30 -17.12
C SER B 103 -60.19 -26.56 -16.40
N GLN B 104 -60.30 -27.64 -17.17
CA GLN B 104 -60.58 -28.99 -16.69
C GLN B 104 -59.68 -29.31 -15.52
N ALA B 105 -58.38 -29.41 -15.80
CA ALA B 105 -57.43 -29.87 -14.79
C ALA B 105 -57.42 -28.93 -13.59
N HIS B 106 -57.75 -27.65 -13.80
CA HIS B 106 -57.74 -26.68 -12.72
C HIS B 106 -58.77 -27.01 -11.66
N GLU B 107 -60.04 -27.12 -12.06
CA GLU B 107 -61.08 -27.40 -11.08
C GLU B 107 -60.93 -28.80 -10.50
N GLN B 108 -60.44 -29.74 -11.30
CA GLN B 108 -60.20 -31.09 -10.80
C GLN B 108 -59.27 -31.05 -9.59
N ARG B 109 -58.18 -30.27 -9.70
CA ARG B 109 -57.20 -30.18 -8.62
C ARG B 109 -57.75 -29.46 -7.41
N LEU B 110 -58.49 -28.37 -7.62
CA LEU B 110 -59.15 -27.70 -6.51
C LEU B 110 -60.03 -28.70 -5.76
N GLN B 111 -60.98 -29.31 -6.47
CA GLN B 111 -61.80 -30.37 -5.90
C GLN B 111 -60.96 -31.41 -5.18
N GLU B 112 -59.93 -31.93 -5.85
CA GLU B 112 -59.05 -32.92 -5.25
C GLU B 112 -58.50 -32.46 -3.90
N VAL B 113 -58.02 -31.22 -3.83
CA VAL B 113 -57.34 -30.75 -2.63
C VAL B 113 -58.31 -30.64 -1.46
N GLU B 114 -59.51 -30.11 -1.71
CA GLU B 114 -60.52 -30.06 -0.65
C GLU B 114 -60.89 -31.46 -0.17
N ALA B 115 -61.01 -32.41 -1.10
CA ALA B 115 -61.30 -33.79 -0.69
C ALA B 115 -60.16 -34.34 0.16
N GLU B 116 -58.93 -33.98 -0.17
CA GLU B 116 -57.80 -34.47 0.62
C GLU B 116 -57.71 -33.76 1.96
N VAL B 117 -58.03 -32.47 2.03
CA VAL B 117 -58.03 -31.79 3.32
C VAL B 117 -59.13 -32.38 4.21
N ALA B 118 -60.33 -32.56 3.65
CA ALA B 118 -61.43 -33.17 4.40
C ALA B 118 -61.06 -34.56 4.91
N ALA B 119 -60.42 -35.37 4.06
CA ALA B 119 -60.10 -36.74 4.43
C ALA B 119 -58.89 -36.83 5.37
N THR B 120 -57.86 -36.03 5.13
CA THR B 120 -56.60 -36.16 5.85
C THR B 120 -56.21 -34.95 6.68
N GLY B 121 -56.89 -33.81 6.54
CA GLY B 121 -56.43 -32.60 7.18
C GLY B 121 -55.29 -31.88 6.48
N THR B 122 -54.79 -32.42 5.38
CA THR B 122 -53.67 -31.87 4.64
C THR B 122 -53.80 -32.33 3.19
N TYR B 123 -52.76 -32.11 2.39
CA TYR B 123 -52.76 -32.57 1.00
C TYR B 123 -51.32 -32.58 0.50
N GLN B 124 -51.12 -33.19 -0.67
CA GLN B 124 -49.80 -33.42 -1.23
C GLN B 124 -49.62 -32.58 -2.50
N LEU B 125 -48.47 -31.92 -2.62
CA LEU B 125 -48.12 -31.22 -3.84
C LEU B 125 -47.70 -32.21 -4.94
N ARG B 126 -48.20 -31.98 -6.16
CA ARG B 126 -47.61 -32.62 -7.31
C ARG B 126 -46.18 -32.10 -7.52
N GLU B 127 -45.40 -32.85 -8.29
CA GLU B 127 -43.99 -32.49 -8.48
C GLU B 127 -43.85 -31.20 -9.29
N SER B 128 -44.65 -31.02 -10.34
CA SER B 128 -44.60 -29.77 -11.09
CA SER B 128 -44.60 -29.77 -11.09
C SER B 128 -45.02 -28.59 -10.23
N GLU B 129 -46.04 -28.76 -9.40
CA GLU B 129 -46.44 -27.68 -8.52
C GLU B 129 -45.36 -27.39 -7.49
N LEU B 130 -44.61 -28.41 -7.07
CA LEU B 130 -43.57 -28.15 -6.08
C LEU B 130 -42.43 -27.34 -6.70
N VAL B 131 -42.11 -27.60 -7.97
CA VAL B 131 -41.02 -26.89 -8.63
C VAL B 131 -41.41 -25.42 -8.82
N PHE B 132 -42.65 -25.18 -9.25
CA PHE B 132 -43.13 -23.83 -9.44
C PHE B 132 -43.19 -23.07 -8.11
N GLY B 133 -43.61 -23.75 -7.04
CA GLY B 133 -43.76 -23.08 -5.75
C GLY B 133 -42.45 -22.72 -5.09
N ALA B 134 -41.39 -23.46 -5.38
CA ALA B 134 -40.07 -23.09 -4.86
C ALA B 134 -39.49 -21.93 -5.65
N LYS B 135 -39.69 -21.91 -6.96
CA LYS B 135 -39.26 -20.79 -7.78
C LYS B 135 -40.00 -19.51 -7.42
N GLN B 136 -41.31 -19.60 -7.13
CA GLN B 136 -42.06 -18.42 -6.70
C GLN B 136 -41.59 -17.94 -5.34
N ALA B 137 -41.27 -18.87 -4.43
CA ALA B 137 -40.77 -18.47 -3.13
C ALA B 137 -39.52 -17.62 -3.27
N TRP B 138 -38.69 -17.92 -4.26
CA TRP B 138 -37.50 -17.11 -4.48
C TRP B 138 -37.85 -15.79 -5.14
N ARG B 139 -38.64 -15.84 -6.20
CA ARG B 139 -39.22 -14.63 -6.80
C ARG B 139 -39.78 -13.67 -5.75
N ASN B 140 -40.50 -14.19 -4.74
CA ASN B 140 -41.23 -13.39 -3.76
C ASN B 140 -40.38 -12.89 -2.59
N ALA B 141 -39.10 -13.23 -2.53
CA ALA B 141 -38.29 -12.96 -1.33
C ALA B 141 -37.77 -11.53 -1.37
N PRO B 142 -38.28 -10.64 -0.49
CA PRO B 142 -38.03 -9.20 -0.66
C PRO B 142 -36.59 -8.79 -0.37
N ARG B 143 -35.82 -9.62 0.32
CA ARG B 143 -34.48 -9.25 0.75
C ARG B 143 -33.41 -9.90 -0.09
N CYS B 144 -33.78 -10.54 -1.21
CA CYS B 144 -32.84 -11.15 -2.14
C CYS B 144 -32.64 -10.21 -3.31
N VAL B 145 -31.38 -9.75 -3.49
CA VAL B 145 -30.99 -8.96 -4.65
C VAL B 145 -30.68 -9.84 -5.85
N GLY B 146 -30.58 -11.15 -5.65
CA GLY B 146 -30.24 -12.06 -6.75
C GLY B 146 -31.40 -12.56 -7.58
N ARG B 147 -32.56 -11.93 -7.49
CA ARG B 147 -33.75 -12.56 -8.05
C ARG B 147 -33.91 -12.38 -9.55
N ILE B 148 -32.93 -11.84 -10.27
CA ILE B 148 -33.00 -11.91 -11.74
C ILE B 148 -32.97 -13.38 -12.18
N GLN B 149 -32.35 -14.24 -11.36
CA GLN B 149 -32.09 -15.64 -11.61
C GLN B 149 -33.23 -16.57 -11.20
N TRP B 150 -34.40 -16.03 -10.80
CA TRP B 150 -35.35 -16.83 -10.02
C TRP B 150 -35.83 -18.06 -10.81
N GLY B 151 -36.05 -17.90 -12.12
CA GLY B 151 -36.50 -19.01 -12.93
C GLY B 151 -35.49 -20.13 -13.09
N LYS B 152 -34.20 -19.81 -12.96
CA LYS B 152 -33.16 -20.83 -13.10
C LYS B 152 -32.86 -21.39 -11.71
N LEU B 153 -33.59 -22.45 -11.33
CA LEU B 153 -33.45 -23.05 -10.01
C LEU B 153 -33.61 -24.56 -10.12
N GLN B 154 -32.70 -25.29 -9.50
CA GLN B 154 -32.69 -26.74 -9.52
C GLN B 154 -33.36 -27.24 -8.26
N VAL B 155 -34.51 -27.90 -8.42
CA VAL B 155 -35.34 -28.35 -7.31
C VAL B 155 -35.10 -29.84 -7.10
N PHE B 156 -34.55 -30.22 -5.94
CA PHE B 156 -34.39 -31.62 -5.57
C PHE B 156 -35.50 -32.00 -4.59
N ASP B 157 -36.34 -32.95 -5.00
CA ASP B 157 -37.48 -33.39 -4.21
C ASP B 157 -37.03 -34.53 -3.30
N ALA B 158 -36.80 -34.21 -2.03
CA ALA B 158 -36.42 -35.18 -1.01
C ALA B 158 -37.59 -35.49 -0.07
N ARG B 159 -38.82 -35.33 -0.56
CA ARG B 159 -39.99 -35.47 0.30
C ARG B 159 -40.28 -36.93 0.67
N ASP B 160 -39.54 -37.87 0.12
CA ASP B 160 -39.59 -39.26 0.57
C ASP B 160 -38.52 -39.56 1.61
N CYS B 161 -37.77 -38.56 2.04
CA CYS B 161 -36.68 -38.78 2.99
C CYS B 161 -37.19 -39.48 4.23
N ARG B 162 -36.43 -40.45 4.70
CA ARG B 162 -36.90 -41.35 5.74
C ARG B 162 -36.22 -41.11 7.07
N SER B 163 -34.98 -40.65 7.06
CA SER B 163 -34.25 -40.52 8.31
C SER B 163 -33.23 -39.41 8.20
N ALA B 164 -32.53 -39.17 9.30
CA ALA B 164 -31.46 -38.19 9.32
C ALA B 164 -30.29 -38.67 8.45
N GLN B 165 -30.05 -39.98 8.41
CA GLN B 165 -28.95 -40.49 7.61
C GLN B 165 -29.21 -40.27 6.13
N GLU B 166 -30.42 -40.60 5.66
CA GLU B 166 -30.80 -40.26 4.29
C GLU B 166 -30.78 -38.75 4.09
N MET B 167 -31.18 -37.99 5.11
CA MET B 167 -31.15 -36.54 5.01
C MET B 167 -29.74 -36.06 4.68
N PHE B 168 -28.75 -36.58 5.40
CA PHE B 168 -27.35 -36.25 5.12
C PHE B 168 -27.00 -36.51 3.66
N THR B 169 -27.32 -37.71 3.15
CA THR B 169 -26.96 -38.08 1.79
C THR B 169 -27.52 -37.10 0.77
N TYR B 170 -28.80 -36.73 0.95
CA TYR B 170 -29.44 -35.73 0.11
C TYR B 170 -28.73 -34.39 0.18
N ILE B 171 -28.11 -34.05 1.33
CA ILE B 171 -27.52 -32.72 1.46
C ILE B 171 -26.15 -32.66 0.79
N CYS B 172 -25.36 -33.71 0.97
CA CYS B 172 -24.10 -33.88 0.24
C CYS B 172 -24.30 -33.76 -1.26
N ASN B 173 -25.30 -34.46 -1.81
CA ASN B 173 -25.54 -34.35 -3.24
CA ASN B 173 -25.59 -34.36 -3.23
C ASN B 173 -25.96 -32.94 -3.62
N HIS B 174 -26.73 -32.25 -2.77
CA HIS B 174 -27.04 -30.85 -3.04
C HIS B 174 -25.76 -30.01 -3.12
N ILE B 175 -24.93 -30.08 -2.08
CA ILE B 175 -23.68 -29.33 -2.04
C ILE B 175 -22.83 -29.64 -3.26
N LYS B 176 -22.74 -30.93 -3.61
CA LYS B 176 -21.96 -31.34 -4.77
C LYS B 176 -22.51 -30.73 -6.05
N TYR B 177 -23.81 -30.89 -6.30
CA TYR B 177 -24.40 -30.33 -7.51
C TYR B 177 -24.21 -28.82 -7.59
N ALA B 178 -24.48 -28.13 -6.48
CA ALA B 178 -24.52 -26.67 -6.50
C ALA B 178 -23.12 -26.08 -6.63
N THR B 179 -22.16 -26.69 -5.95
CA THR B 179 -20.78 -26.23 -6.03
C THR B 179 -20.23 -26.40 -7.45
N ASN B 180 -20.33 -27.62 -7.99
CA ASN B 180 -20.03 -27.86 -9.40
C ASN B 180 -18.62 -27.36 -9.76
N ARG B 181 -17.65 -27.65 -8.88
CA ARG B 181 -16.23 -27.38 -9.10
C ARG B 181 -15.92 -25.89 -9.22
N GLY B 182 -16.77 -25.03 -8.65
CA GLY B 182 -16.61 -23.61 -8.69
C GLY B 182 -17.54 -22.91 -9.65
N ASN B 183 -18.14 -23.64 -10.58
CA ASN B 183 -19.15 -23.04 -11.45
C ASN B 183 -20.53 -23.26 -10.79
N LEU B 184 -20.93 -22.34 -9.93
CA LEU B 184 -22.03 -22.58 -9.00
C LEU B 184 -23.39 -22.58 -9.72
N ARG B 185 -24.28 -23.42 -9.22
CA ARG B 185 -25.64 -23.56 -9.73
C ARG B 185 -26.62 -23.40 -8.59
N SER B 186 -27.70 -22.67 -8.83
CA SER B 186 -28.69 -22.45 -7.77
C SER B 186 -29.57 -23.68 -7.58
N ALA B 187 -29.71 -24.13 -6.34
CA ALA B 187 -30.50 -25.32 -6.06
C ALA B 187 -31.20 -25.20 -4.72
N ILE B 188 -32.21 -26.06 -4.56
CA ILE B 188 -32.90 -26.25 -3.28
C ILE B 188 -33.32 -27.72 -3.18
N THR B 189 -33.05 -28.34 -2.02
CA THR B 189 -33.58 -29.65 -1.66
C THR B 189 -34.78 -29.45 -0.73
N VAL B 190 -35.88 -30.15 -1.00
CA VAL B 190 -37.10 -30.01 -0.22
C VAL B 190 -37.37 -31.32 0.52
N PHE B 191 -37.28 -31.26 1.83
CA PHE B 191 -37.52 -32.39 2.72
C PHE B 191 -38.99 -32.47 3.10
N PRO B 192 -39.43 -33.60 3.70
CA PRO B 192 -40.86 -33.81 3.93
C PRO B 192 -41.55 -32.67 4.67
N GLN B 193 -42.80 -32.42 4.27
CA GLN B 193 -43.56 -31.32 4.85
C GLN B 193 -44.00 -31.62 6.28
N ARG B 194 -44.16 -30.55 7.05
CA ARG B 194 -44.79 -30.65 8.35
C ARG B 194 -46.15 -31.31 8.18
N CYS B 195 -46.50 -32.16 9.13
CA CYS B 195 -47.74 -32.90 8.95
C CYS B 195 -48.23 -33.36 10.32
N PRO B 196 -49.55 -33.49 10.48
CA PRO B 196 -50.08 -33.96 11.76
C PRO B 196 -49.59 -35.36 12.10
N GLY B 197 -49.08 -35.49 13.32
CA GLY B 197 -48.79 -36.77 13.93
C GLY B 197 -47.31 -37.03 14.11
N ARG B 198 -46.48 -36.28 13.41
CA ARG B 198 -45.05 -36.51 13.34
C ARG B 198 -44.35 -35.16 13.49
N GLY B 199 -43.16 -35.17 14.06
CA GLY B 199 -42.40 -33.94 14.21
C GLY B 199 -41.77 -33.51 12.89
N ASP B 200 -41.01 -32.41 12.97
CA ASP B 200 -40.38 -31.81 11.80
C ASP B 200 -39.03 -32.42 11.51
N PHE B 201 -38.70 -32.56 10.23
CA PHE B 201 -37.30 -32.52 9.84
C PHE B 201 -36.75 -31.12 10.09
N ARG B 202 -35.53 -31.04 10.61
CA ARG B 202 -34.86 -29.76 10.81
C ARG B 202 -33.37 -29.91 10.60
N ILE B 203 -32.78 -28.93 9.90
CA ILE B 203 -31.35 -28.71 9.92
C ILE B 203 -31.07 -27.65 10.98
N TRP B 204 -30.32 -28.01 12.02
CA TRP B 204 -30.10 -27.08 13.10
C TRP B 204 -29.14 -25.95 12.70
N ASN B 205 -28.25 -26.22 11.76
CA ASN B 205 -27.29 -25.23 11.25
C ASN B 205 -28.00 -24.18 10.42
N SER B 206 -27.58 -22.92 10.59
CA SER B 206 -28.22 -21.86 9.81
C SER B 206 -27.78 -21.86 8.36
N GLN B 207 -26.55 -22.29 8.07
CA GLN B 207 -26.11 -22.61 6.71
C GLN B 207 -25.45 -23.99 6.70
N LEU B 208 -25.50 -24.64 5.53
CA LEU B 208 -24.82 -25.93 5.36
C LEU B 208 -23.33 -25.81 5.61
N VAL B 209 -22.72 -24.69 5.21
CA VAL B 209 -21.30 -24.43 5.42
C VAL B 209 -21.19 -23.19 6.29
N ARG B 210 -20.60 -23.35 7.48
CA ARG B 210 -20.40 -22.28 8.44
C ARG B 210 -19.16 -22.63 9.26
N TYR B 211 -18.45 -21.60 9.73
CA TYR B 211 -17.24 -21.79 10.50
C TYR B 211 -17.50 -21.70 12.00
N ALA B 212 -16.88 -22.61 12.75
CA ALA B 212 -16.97 -22.61 14.20
C ALA B 212 -16.57 -21.26 14.79
N GLY B 213 -17.16 -20.96 15.96
CA GLY B 213 -16.73 -19.87 16.80
C GLY B 213 -16.54 -20.34 18.23
N TYR B 214 -15.31 -20.38 18.70
CA TYR B 214 -14.99 -20.85 20.04
C TYR B 214 -14.78 -19.67 20.98
N ARG B 215 -15.50 -19.66 22.10
CA ARG B 215 -15.18 -18.72 23.17
C ARG B 215 -13.77 -18.99 23.68
N GLN B 216 -13.27 -18.12 24.54
CA GLN B 216 -11.83 -18.14 24.80
C GLN B 216 -11.52 -18.15 26.28
N GLN B 217 -10.22 -18.24 26.55
CA GLN B 217 -9.67 -17.99 27.88
C GLN B 217 -10.05 -16.60 28.38
N ASP B 218 -9.77 -15.57 27.58
CA ASP B 218 -10.04 -14.18 27.92
C ASP B 218 -11.37 -13.68 27.35
N GLY B 219 -12.38 -14.56 27.30
CA GLY B 219 -13.74 -14.16 26.93
C GLY B 219 -13.94 -13.78 25.48
N SER B 220 -12.89 -13.76 24.66
CA SER B 220 -13.04 -13.46 23.25
C SER B 220 -13.48 -14.71 22.48
N VAL B 221 -13.55 -14.59 21.15
CA VAL B 221 -14.00 -15.69 20.31
C VAL B 221 -12.95 -15.93 19.23
N ARG B 222 -12.62 -17.20 19.01
CA ARG B 222 -11.79 -17.63 17.90
C ARG B 222 -12.69 -18.16 16.80
N GLY B 223 -12.47 -17.71 15.58
CA GLY B 223 -13.39 -18.04 14.51
C GLY B 223 -14.52 -17.05 14.39
N ASP B 224 -15.66 -17.53 13.88
CA ASP B 224 -16.78 -16.67 13.50
C ASP B 224 -17.70 -16.51 14.70
N PRO B 225 -17.84 -15.32 15.28
CA PRO B 225 -18.68 -15.17 16.49
C PRO B 225 -20.17 -15.34 16.24
N ALA B 226 -20.64 -15.17 15.01
CA ALA B 226 -22.04 -15.44 14.72
C ALA B 226 -22.44 -16.88 15.07
N ASN B 227 -21.46 -17.80 15.15
CA ASN B 227 -21.72 -19.23 15.25
C ASN B 227 -21.26 -19.82 16.57
N VAL B 228 -21.22 -19.04 17.64
CA VAL B 228 -20.82 -19.57 18.93
C VAL B 228 -21.86 -20.57 19.46
N GLU B 229 -23.15 -20.27 19.25
CA GLU B 229 -24.20 -21.08 19.88
C GLU B 229 -24.25 -22.46 19.27
N ILE B 230 -24.31 -22.54 17.94
CA ILE B 230 -24.36 -23.82 17.24
C ILE B 230 -23.08 -24.61 17.48
N THR B 231 -21.95 -23.92 17.61
CA THR B 231 -20.70 -24.60 17.96
C THR B 231 -20.81 -25.28 19.32
N GLU B 232 -21.36 -24.56 20.32
CA GLU B 232 -21.59 -25.18 21.63
C GLU B 232 -22.48 -26.40 21.51
N LEU B 233 -23.51 -26.31 20.66
CA LEU B 233 -24.41 -27.44 20.48
C LEU B 233 -23.70 -28.62 19.83
N CYS B 234 -22.84 -28.39 18.83
CA CYS B 234 -22.14 -29.51 18.21
C CYS B 234 -21.28 -30.23 19.23
N ILE B 235 -20.50 -29.48 20.01
CA ILE B 235 -19.63 -30.08 21.02
C ILE B 235 -20.47 -30.83 22.04
N GLN B 236 -21.52 -30.18 22.54
CA GLN B 236 -22.46 -30.83 23.46
C GLN B 236 -23.02 -32.12 22.86
N HIS B 237 -23.15 -32.18 21.54
CA HIS B 237 -23.66 -33.36 20.85
C HIS B 237 -22.55 -34.24 20.29
N GLY B 238 -21.38 -34.20 20.91
CA GLY B 238 -20.34 -35.17 20.65
C GLY B 238 -19.35 -34.79 19.57
N TRP B 239 -19.31 -33.54 19.12
CA TRP B 239 -18.30 -33.13 18.16
C TRP B 239 -17.00 -32.83 18.90
N THR B 240 -15.90 -33.29 18.32
CA THR B 240 -14.59 -32.96 18.85
C THR B 240 -14.11 -31.68 18.18
N PRO B 241 -14.11 -30.54 18.87
CA PRO B 241 -13.80 -29.28 18.21
C PRO B 241 -12.34 -29.19 17.82
N GLY B 242 -12.08 -28.31 16.87
CA GLY B 242 -10.74 -27.85 16.57
C GLY B 242 -10.46 -26.57 17.31
N ASN B 243 -9.50 -25.80 16.80
CA ASN B 243 -9.21 -24.50 17.38
C ASN B 243 -8.59 -23.59 16.35
N GLY B 244 -9.05 -23.69 15.11
CA GLY B 244 -8.73 -22.72 14.10
C GLY B 244 -9.81 -21.65 13.99
N ARG B 245 -9.55 -20.66 13.14
CA ARG B 245 -10.49 -19.58 12.86
C ARG B 245 -11.45 -19.92 11.74
N PHE B 246 -11.14 -20.95 10.95
CA PHE B 246 -11.95 -21.32 9.80
C PHE B 246 -12.23 -22.82 9.81
N ASP B 247 -12.66 -23.34 10.97
CA ASP B 247 -13.05 -24.75 11.09
C ASP B 247 -14.49 -24.93 10.62
N VAL B 248 -14.70 -25.79 9.62
CA VAL B 248 -16.05 -25.99 9.09
C VAL B 248 -16.87 -26.79 10.09
N LEU B 249 -18.08 -26.32 10.37
CA LEU B 249 -18.93 -26.95 11.37
C LEU B 249 -19.55 -28.26 10.84
N PRO B 250 -19.75 -29.25 11.69
CA PRO B 250 -20.53 -30.41 11.28
C PRO B 250 -22.01 -30.07 11.20
N LEU B 251 -22.76 -30.94 10.51
CA LEU B 251 -24.21 -30.79 10.45
C LEU B 251 -24.89 -31.43 11.66
N LEU B 252 -25.92 -30.77 12.18
CA LEU B 252 -26.81 -31.33 13.19
C LEU B 252 -28.17 -31.50 12.53
N LEU B 253 -28.58 -32.76 12.32
CA LEU B 253 -29.72 -33.07 11.47
C LEU B 253 -30.77 -33.79 12.29
N GLN B 254 -31.98 -33.25 12.27
CA GLN B 254 -33.08 -33.73 13.10
C GLN B 254 -34.09 -34.41 12.18
N ALA B 255 -34.23 -35.74 12.36
CA ALA B 255 -35.37 -36.52 11.91
C ALA B 255 -36.53 -36.37 12.90
N PRO B 256 -37.78 -36.52 12.44
CA PRO B 256 -38.92 -36.28 13.32
C PRO B 256 -38.87 -37.11 14.59
N ASP B 257 -39.13 -36.47 15.72
CA ASP B 257 -39.25 -37.13 17.02
C ASP B 257 -37.96 -37.83 17.42
N GLU B 258 -36.84 -37.37 16.86
CA GLU B 258 -35.47 -37.77 17.08
C GLU B 258 -34.66 -36.61 17.66
N PRO B 259 -33.73 -36.87 18.56
CA PRO B 259 -32.68 -35.89 18.85
C PRO B 259 -31.88 -35.60 17.59
N PRO B 260 -31.21 -34.45 17.50
CA PRO B 260 -30.39 -34.19 16.32
C PRO B 260 -29.21 -35.13 16.28
N GLU B 261 -28.82 -35.47 15.06
CA GLU B 261 -27.71 -36.37 14.83
C GLU B 261 -26.59 -35.61 14.13
N LEU B 262 -25.34 -35.89 14.54
CA LEU B 262 -24.16 -35.22 14.06
C LEU B 262 -23.61 -35.90 12.80
N PHE B 263 -23.31 -35.10 11.79
CA PHE B 263 -22.70 -35.60 10.57
C PHE B 263 -21.60 -34.64 10.14
N LEU B 264 -20.39 -35.17 9.98
CA LEU B 264 -19.28 -34.38 9.45
C LEU B 264 -19.36 -34.30 7.94
N LEU B 265 -19.09 -33.12 7.40
CA LEU B 265 -19.04 -32.97 5.95
C LEU B 265 -17.70 -33.47 5.44
N PRO B 266 -17.67 -34.34 4.43
CA PRO B 266 -16.40 -34.75 3.83
C PRO B 266 -15.63 -33.53 3.37
N PRO B 267 -14.41 -33.36 3.88
CA PRO B 267 -13.59 -32.19 3.51
C PRO B 267 -13.60 -31.85 2.03
N GLU B 268 -13.61 -32.85 1.14
CA GLU B 268 -13.53 -32.55 -0.29
C GLU B 268 -14.87 -32.16 -0.88
N LEU B 269 -15.91 -32.03 -0.06
CA LEU B 269 -17.17 -31.52 -0.55
C LEU B 269 -17.28 -30.00 -0.37
N VAL B 270 -16.54 -29.46 0.60
CA VAL B 270 -16.64 -28.06 0.99
C VAL B 270 -15.53 -27.31 0.25
N LEU B 271 -15.89 -26.72 -0.88
CA LEU B 271 -14.95 -25.89 -1.63
C LEU B 271 -14.70 -24.58 -0.90
N GLU B 272 -13.43 -24.22 -0.72
CA GLU B 272 -13.05 -22.97 -0.05
C GLU B 272 -12.12 -22.15 -0.93
N VAL B 273 -11.89 -20.91 -0.53
CA VAL B 273 -11.11 -19.97 -1.32
C VAL B 273 -10.14 -19.27 -0.39
N PRO B 274 -8.83 -19.53 -0.47
CA PRO B 274 -7.88 -18.70 0.28
C PRO B 274 -7.94 -17.29 -0.27
N LEU B 275 -7.91 -16.31 0.62
CA LEU B 275 -8.11 -14.91 0.25
C LEU B 275 -6.75 -14.23 0.10
N GLU B 276 -6.55 -13.59 -1.04
CA GLU B 276 -5.34 -12.81 -1.28
C GLU B 276 -5.72 -11.50 -2.00
N HIS B 277 -4.80 -10.51 -1.97
CA HIS B 277 -5.10 -9.25 -2.64
C HIS B 277 -4.24 -9.10 -3.89
N PRO B 278 -4.81 -8.61 -5.00
CA PRO B 278 -4.03 -8.56 -6.25
C PRO B 278 -2.77 -7.71 -6.16
N THR B 279 -2.71 -6.69 -5.30
CA THR B 279 -1.46 -5.98 -5.12
C THR B 279 -0.90 -6.01 -3.70
N LEU B 280 -1.69 -6.20 -2.64
CA LEU B 280 -1.12 -6.14 -1.30
C LEU B 280 -0.68 -7.54 -0.88
N GLU B 281 0.60 -7.86 -1.11
CA GLU B 281 1.03 -9.24 -0.98
C GLU B 281 1.04 -9.70 0.47
N TRP B 282 1.17 -8.77 1.42
CA TRP B 282 1.04 -9.16 2.82
C TRP B 282 -0.38 -9.64 3.17
N PHE B 283 -1.36 -9.42 2.28
CA PHE B 283 -2.73 -9.79 2.62
C PHE B 283 -2.88 -11.29 2.74
N ALA B 284 -2.23 -12.03 1.86
CA ALA B 284 -2.24 -13.49 1.93
C ALA B 284 -1.79 -13.98 3.30
N ALA B 285 -0.93 -13.22 4.00
CA ALA B 285 -0.42 -13.70 5.27
C ALA B 285 -1.43 -13.56 6.40
N LEU B 286 -2.58 -12.93 6.17
CA LEU B 286 -3.61 -12.94 7.20
C LEU B 286 -4.23 -14.32 7.41
N GLY B 287 -4.06 -15.24 6.46
CA GLY B 287 -4.63 -16.57 6.61
C GLY B 287 -6.13 -16.61 6.44
N LEU B 288 -6.70 -15.73 5.64
CA LEU B 288 -8.14 -15.64 5.54
C LEU B 288 -8.66 -16.50 4.40
N ARG B 289 -9.84 -17.08 4.63
CA ARG B 289 -10.54 -17.94 3.68
C ARG B 289 -12.04 -17.65 3.75
N TRP B 290 -12.75 -17.99 2.69
CA TRP B 290 -14.19 -18.14 2.78
C TRP B 290 -14.63 -19.31 1.92
N TYR B 291 -15.83 -19.85 2.22
CA TYR B 291 -16.33 -21.00 1.47
C TYR B 291 -17.07 -20.51 0.20
N ALA B 292 -17.17 -21.39 -0.78
CA ALA B 292 -17.78 -21.02 -2.06
C ALA B 292 -19.30 -20.95 -2.01
N LEU B 293 -19.94 -21.89 -1.29
CA LEU B 293 -21.38 -22.07 -1.43
C LEU B 293 -22.12 -21.40 -0.28
N PRO B 294 -22.98 -20.38 -0.55
CA PRO B 294 -23.88 -19.91 0.51
C PRO B 294 -25.17 -20.70 0.50
N ALA B 295 -25.38 -21.51 1.52
CA ALA B 295 -26.50 -22.47 1.57
C ALA B 295 -27.31 -22.25 2.84
N VAL B 296 -28.38 -21.48 2.74
CA VAL B 296 -29.21 -21.18 3.91
C VAL B 296 -30.09 -22.39 4.22
N SER B 297 -30.04 -22.85 5.46
CA SER B 297 -30.70 -24.08 5.87
C SER B 297 -31.67 -23.95 7.05
N ASN B 298 -31.92 -22.73 7.56
CA ASN B 298 -32.80 -22.57 8.73
C ASN B 298 -34.14 -21.93 8.40
N MET B 299 -34.46 -21.72 7.12
CA MET B 299 -35.72 -21.08 6.74
C MET B 299 -36.78 -22.12 6.37
N LEU B 300 -38.04 -21.69 6.49
CA LEU B 300 -39.21 -22.52 6.23
C LEU B 300 -39.80 -22.11 4.89
N LEU B 301 -39.91 -23.07 3.97
CA LEU B 301 -40.56 -22.86 2.69
C LEU B 301 -42.06 -23.09 2.86
N GLU B 302 -42.86 -22.15 2.38
CA GLU B 302 -44.31 -22.21 2.50
C GLU B 302 -44.90 -22.21 1.10
N ILE B 303 -45.67 -23.26 0.76
CA ILE B 303 -46.33 -23.36 -0.52
C ILE B 303 -47.76 -23.83 -0.27
N GLY B 304 -48.74 -23.10 -0.82
CA GLY B 304 -50.15 -23.38 -0.67
C GLY B 304 -50.64 -23.73 0.72
N GLY B 305 -50.05 -23.12 1.75
CA GLY B 305 -50.39 -23.43 3.11
C GLY B 305 -49.62 -24.58 3.72
N LEU B 306 -48.96 -25.40 2.91
CA LEU B 306 -48.11 -26.45 3.47
C LEU B 306 -46.77 -25.86 3.87
N GLU B 307 -46.15 -26.47 4.88
CA GLU B 307 -44.94 -25.95 5.49
C GLU B 307 -43.82 -26.97 5.39
N PHE B 308 -42.66 -26.53 4.88
CA PHE B 308 -41.46 -27.34 4.73
C PHE B 308 -40.39 -26.73 5.61
N PRO B 309 -40.37 -27.07 6.91
CA PRO B 309 -39.38 -26.45 7.81
C PRO B 309 -37.94 -26.78 7.44
N ALA B 310 -37.71 -27.77 6.57
CA ALA B 310 -36.38 -28.15 6.13
C ALA B 310 -36.36 -28.13 4.61
N ALA B 311 -35.75 -27.10 4.03
CA ALA B 311 -35.62 -27.01 2.59
C ALA B 311 -34.45 -26.07 2.26
N PRO B 312 -33.20 -26.52 2.47
CA PRO B 312 -32.04 -25.64 2.25
C PRO B 312 -31.92 -25.22 0.80
N PHE B 313 -31.59 -23.94 0.60
CA PHE B 313 -31.36 -23.41 -0.74
C PHE B 313 -30.01 -22.70 -0.80
N SER B 314 -29.49 -22.55 -2.02
CA SER B 314 -28.16 -22.01 -2.16
C SER B 314 -28.04 -21.37 -3.53
N GLY B 315 -27.23 -20.30 -3.59
CA GLY B 315 -26.91 -19.61 -4.83
C GLY B 315 -25.41 -19.43 -4.95
N TRP B 316 -24.96 -18.20 -5.23
CA TRP B 316 -23.55 -17.83 -5.14
C TRP B 316 -23.47 -16.47 -4.46
N TYR B 317 -22.33 -16.19 -3.83
CA TYR B 317 -22.16 -14.96 -3.06
C TYR B 317 -22.15 -13.71 -3.92
N MET B 318 -22.64 -12.64 -3.33
CA MET B 318 -22.23 -11.31 -3.73
C MET B 318 -21.08 -10.87 -2.84
N SER B 319 -20.03 -10.26 -3.44
CA SER B 319 -18.77 -10.11 -2.70
C SER B 319 -18.90 -9.28 -1.43
N THR B 320 -19.90 -8.38 -1.35
CA THR B 320 -20.01 -7.57 -0.14
C THR B 320 -20.41 -8.39 1.08
N GLU B 321 -21.13 -9.52 0.91
CA GLU B 321 -21.48 -10.33 2.08
C GLU B 321 -20.23 -10.83 2.78
N ILE B 322 -19.25 -11.27 1.99
CA ILE B 322 -17.99 -11.78 2.55
C ILE B 322 -17.09 -10.62 2.97
N GLY B 323 -16.85 -9.70 2.03
CA GLY B 323 -15.87 -8.66 2.26
C GLY B 323 -16.29 -7.66 3.32
N THR B 324 -17.46 -7.08 3.18
CA THR B 324 -17.95 -6.09 4.15
C THR B 324 -18.54 -6.74 5.39
N ARG B 325 -19.60 -7.54 5.26
CA ARG B 325 -20.28 -7.95 6.47
C ARG B 325 -19.51 -9.03 7.21
N ASN B 326 -19.17 -10.14 6.55
CA ASN B 326 -18.62 -11.27 7.30
C ASN B 326 -17.24 -10.96 7.86
N LEU B 327 -16.41 -10.23 7.11
CA LEU B 327 -15.06 -9.95 7.58
C LEU B 327 -14.95 -8.62 8.32
N CYS B 328 -15.76 -7.60 7.98
CA CYS B 328 -15.55 -6.29 8.59
C CYS B 328 -16.52 -5.90 9.72
N ASP B 329 -17.71 -6.52 9.83
CA ASP B 329 -18.60 -6.23 10.94
C ASP B 329 -17.83 -6.34 12.25
N PRO B 330 -18.01 -5.40 13.19
CA PRO B 330 -17.26 -5.46 14.45
C PRO B 330 -17.54 -6.72 15.24
N HIS B 331 -18.73 -7.29 15.08
CA HIS B 331 -19.11 -8.48 15.81
C HIS B 331 -18.87 -9.76 15.00
N ARG B 332 -18.29 -9.68 13.82
CA ARG B 332 -17.90 -10.84 13.04
C ARG B 332 -16.36 -10.96 13.06
N TYR B 333 -15.68 -11.15 11.94
CA TYR B 333 -14.24 -11.39 12.06
C TYR B 333 -13.49 -10.10 12.38
N ASN B 334 -14.04 -8.95 12.00
CA ASN B 334 -13.57 -7.66 12.50
C ASN B 334 -12.13 -7.39 12.11
N ILE B 335 -11.78 -7.62 10.84
CA ILE B 335 -10.38 -7.45 10.45
C ILE B 335 -10.04 -6.02 10.04
N LEU B 336 -10.98 -5.08 10.16
CA LEU B 336 -10.87 -3.82 9.42
C LEU B 336 -9.67 -3.01 9.90
N GLU B 337 -9.53 -2.87 11.20
CA GLU B 337 -8.44 -2.07 11.71
C GLU B 337 -7.12 -2.75 11.41
N ASP B 338 -7.08 -4.07 11.50
CA ASP B 338 -5.83 -4.76 11.23
C ASP B 338 -5.41 -4.56 9.78
N VAL B 339 -6.37 -4.64 8.86
CA VAL B 339 -6.06 -4.34 7.46
C VAL B 339 -5.57 -2.90 7.31
N ALA B 340 -6.15 -1.94 8.04
CA ALA B 340 -5.81 -0.52 7.87
C ALA B 340 -4.41 -0.21 8.40
N VAL B 341 -4.06 -0.75 9.58
CA VAL B 341 -2.69 -0.67 10.06
C VAL B 341 -1.72 -1.16 9.01
N CYS B 342 -1.97 -2.37 8.49
CA CYS B 342 -1.10 -2.94 7.48
C CYS B 342 -0.99 -2.04 6.26
N MET B 343 -2.10 -1.41 5.84
CA MET B 343 -2.06 -0.49 4.71
C MET B 343 -1.30 0.80 5.02
N ASP B 344 -0.83 0.99 6.25
CA ASP B 344 -0.23 2.25 6.70
C ASP B 344 -1.20 3.41 6.52
N LEU B 345 -2.48 3.18 6.80
CA LEU B 345 -3.41 4.29 6.91
C LEU B 345 -3.35 4.88 8.31
N ASP B 346 -3.70 6.16 8.39
CA ASP B 346 -3.74 6.88 9.67
C ASP B 346 -5.06 6.53 10.34
N THR B 347 -5.02 5.63 11.32
CA THR B 347 -6.21 5.17 12.00
C THR B 347 -6.54 5.96 13.24
N ARG B 348 -5.92 7.13 13.44
CA ARG B 348 -6.23 7.91 14.62
C ARG B 348 -7.31 8.96 14.39
N THR B 349 -7.65 9.24 13.13
CA THR B 349 -8.69 10.21 12.80
C THR B 349 -9.64 9.58 11.80
N THR B 350 -10.94 9.66 12.08
CA THR B 350 -11.92 9.10 11.17
C THR B 350 -11.96 9.84 9.84
N SER B 351 -11.54 11.12 9.82
CA SER B 351 -11.67 11.91 8.61
C SER B 351 -10.68 11.51 7.52
N SER B 352 -9.64 10.74 7.85
CA SER B 352 -8.79 10.16 6.81
C SER B 352 -9.51 9.11 5.99
N LEU B 353 -10.70 8.66 6.44
CA LEU B 353 -11.51 7.64 5.78
C LEU B 353 -10.77 6.31 5.69
N TRP B 354 -9.98 6.03 6.72
CA TRP B 354 -9.23 4.78 6.75
C TRP B 354 -10.17 3.57 6.68
N LYS B 355 -11.30 3.64 7.39
CA LYS B 355 -12.23 2.52 7.36
C LYS B 355 -12.74 2.29 5.96
N ASP B 356 -13.18 3.36 5.28
CA ASP B 356 -13.67 3.19 3.92
C ASP B 356 -12.59 2.62 3.01
N LYS B 357 -11.34 3.09 3.15
CA LYS B 357 -10.28 2.66 2.23
C LYS B 357 -9.90 1.21 2.47
N ALA B 358 -9.83 0.79 3.74
CA ALA B 358 -9.47 -0.60 4.04
C ALA B 358 -10.59 -1.56 3.64
N ALA B 359 -11.86 -1.14 3.79
CA ALA B 359 -12.95 -2.01 3.37
C ALA B 359 -12.98 -2.19 1.87
N VAL B 360 -12.68 -1.14 1.11
CA VAL B 360 -12.74 -1.31 -0.34
C VAL B 360 -11.67 -2.29 -0.80
N GLU B 361 -10.50 -2.27 -0.17
CA GLU B 361 -9.46 -3.22 -0.56
C GLU B 361 -9.81 -4.64 -0.13
N ILE B 362 -10.56 -4.79 0.97
CA ILE B 362 -11.00 -6.12 1.40
C ILE B 362 -11.97 -6.70 0.41
N ASN B 363 -12.88 -5.89 -0.12
CA ASN B 363 -13.75 -6.35 -1.18
C ASN B 363 -12.99 -6.67 -2.45
N VAL B 364 -12.01 -5.82 -2.83
CA VAL B 364 -11.17 -6.13 -3.99
C VAL B 364 -10.55 -7.50 -3.80
N ALA B 365 -9.99 -7.77 -2.61
CA ALA B 365 -9.35 -9.05 -2.37
C ALA B 365 -10.35 -10.20 -2.48
N VAL B 366 -11.57 -10.01 -2.00
CA VAL B 366 -12.55 -11.09 -2.08
C VAL B 366 -12.86 -11.42 -3.53
N LEU B 367 -13.09 -10.38 -4.35
CA LEU B 367 -13.42 -10.59 -5.75
C LEU B 367 -12.26 -11.21 -6.51
N HIS B 368 -11.06 -10.67 -6.32
CA HIS B 368 -9.89 -11.21 -7.00
C HIS B 368 -9.65 -12.66 -6.59
N SER B 369 -9.83 -12.95 -5.31
CA SER B 369 -9.56 -14.31 -4.87
C SER B 369 -10.56 -15.29 -5.48
N TYR B 370 -11.85 -14.93 -5.51
CA TYR B 370 -12.83 -15.85 -6.07
C TYR B 370 -12.66 -15.98 -7.58
N GLN B 371 -12.16 -14.93 -8.24
CA GLN B 371 -11.94 -15.06 -9.67
C GLN B 371 -10.70 -15.90 -9.97
N LEU B 372 -9.64 -15.71 -9.18
CA LEU B 372 -8.45 -16.55 -9.28
C LEU B 372 -8.80 -18.03 -9.19
N ALA B 373 -9.62 -18.38 -8.21
CA ALA B 373 -10.02 -19.77 -7.96
C ALA B 373 -11.10 -20.26 -8.91
N LYS B 374 -11.67 -19.37 -9.76
CA LYS B 374 -12.72 -19.74 -10.72
C LYS B 374 -13.98 -20.23 -9.99
N VAL B 375 -14.31 -19.53 -8.90
CA VAL B 375 -15.52 -19.73 -8.14
C VAL B 375 -16.44 -18.55 -8.42
N THR B 376 -17.65 -18.83 -8.90
CA THR B 376 -18.64 -17.79 -9.21
C THR B 376 -18.76 -16.75 -8.10
N ILE B 377 -18.83 -15.47 -8.50
CA ILE B 377 -19.02 -14.38 -7.56
C ILE B 377 -19.56 -13.20 -8.34
N VAL B 378 -20.41 -12.39 -7.69
CA VAL B 378 -20.93 -11.18 -8.32
C VAL B 378 -20.62 -9.98 -7.42
N ASP B 379 -20.16 -8.88 -8.03
CA ASP B 379 -19.92 -7.68 -7.23
C ASP B 379 -21.23 -6.91 -7.10
N HIS B 380 -21.25 -5.97 -6.15
CA HIS B 380 -22.48 -5.23 -5.85
C HIS B 380 -22.92 -4.30 -6.97
N HIS B 381 -22.03 -3.93 -7.90
CA HIS B 381 -22.46 -3.12 -9.03
C HIS B 381 -23.19 -3.95 -10.07
N ALA B 382 -22.63 -5.12 -10.44
CA ALA B 382 -23.34 -6.02 -11.34
C ALA B 382 -24.61 -6.56 -10.71
N ALA B 383 -24.56 -6.92 -9.44
CA ALA B 383 -25.75 -7.51 -8.82
C ALA B 383 -26.90 -6.53 -8.82
N THR B 384 -26.64 -5.27 -8.38
CA THR B 384 -27.71 -4.28 -8.30
C THR B 384 -28.20 -3.86 -9.68
N ALA B 385 -27.33 -3.87 -10.70
CA ALA B 385 -27.81 -3.56 -12.04
C ALA B 385 -28.74 -4.67 -12.55
N SER B 386 -28.42 -5.92 -12.25
CA SER B 386 -29.32 -6.99 -12.68
C SER B 386 -30.62 -6.95 -11.89
N PHE B 387 -30.56 -6.47 -10.65
CA PHE B 387 -31.80 -6.35 -9.90
C PHE B 387 -32.69 -5.25 -10.46
N MET B 388 -32.09 -4.21 -11.06
CA MET B 388 -32.90 -3.18 -11.72
C MET B 388 -33.63 -3.75 -12.93
N LYS B 389 -32.98 -4.63 -13.68
CA LYS B 389 -33.67 -5.34 -14.76
C LYS B 389 -34.76 -6.26 -14.22
N HIS B 390 -34.52 -6.88 -13.05
CA HIS B 390 -35.57 -7.70 -12.44
C HIS B 390 -36.84 -6.91 -12.17
N LEU B 391 -36.70 -5.65 -11.68
CA LEU B 391 -37.85 -4.83 -11.33
C LEU B 391 -38.61 -4.38 -12.57
N GLU B 392 -37.91 -4.21 -13.69
CA GLU B 392 -38.58 -3.88 -14.95
C GLU B 392 -39.30 -5.12 -15.50
N ASN B 393 -38.61 -6.28 -15.50
CA ASN B 393 -39.29 -7.52 -15.86
C ASN B 393 -40.52 -7.71 -14.98
N GLU B 394 -40.38 -7.51 -13.67
CA GLU B 394 -41.47 -7.83 -12.77
C GLU B 394 -42.61 -6.84 -12.87
N GLN B 395 -42.32 -5.58 -13.23
CA GLN B 395 -43.41 -4.62 -13.41
C GLN B 395 -44.28 -4.99 -14.61
N LYS B 396 -43.66 -5.39 -15.71
CA LYS B 396 -44.43 -5.82 -16.88
C LYS B 396 -45.18 -7.11 -16.62
N ALA B 397 -44.60 -8.02 -15.81
CA ALA B 397 -45.15 -9.36 -15.60
C ALA B 397 -46.27 -9.37 -14.57
N ARG B 398 -46.04 -8.76 -13.41
CA ARG B 398 -46.96 -8.84 -12.29
C ARG B 398 -47.50 -7.51 -11.81
N GLY B 399 -47.00 -6.39 -12.34
CA GLY B 399 -47.38 -5.10 -11.83
C GLY B 399 -46.67 -4.69 -10.57
N GLY B 400 -45.45 -5.18 -10.34
CA GLY B 400 -44.69 -4.77 -9.18
C GLY B 400 -43.78 -5.89 -8.71
N CYS B 401 -43.15 -5.64 -7.55
CA CYS B 401 -42.11 -6.49 -7.00
C CYS B 401 -41.79 -6.14 -5.54
N PRO B 402 -42.04 -7.04 -4.60
CA PRO B 402 -41.70 -6.80 -3.19
C PRO B 402 -40.21 -6.68 -2.95
N ALA B 403 -39.78 -5.53 -2.44
CA ALA B 403 -38.35 -5.28 -2.22
C ALA B 403 -38.13 -4.57 -0.90
N ASP B 404 -37.17 -5.08 -0.12
CA ASP B 404 -36.74 -4.47 1.14
C ASP B 404 -35.51 -3.57 0.87
N TRP B 405 -35.76 -2.27 0.72
CA TRP B 405 -34.72 -1.29 0.38
C TRP B 405 -33.44 -1.48 1.20
N ALA B 406 -33.60 -1.58 2.53
CA ALA B 406 -32.44 -1.65 3.42
C ALA B 406 -31.63 -2.91 3.27
N TRP B 407 -32.20 -3.98 2.70
CA TRP B 407 -31.45 -5.20 2.43
C TRP B 407 -30.92 -5.25 1.00
N ILE B 408 -31.63 -4.64 0.06
CA ILE B 408 -31.24 -4.66 -1.34
C ILE B 408 -30.02 -3.76 -1.57
N VAL B 409 -30.00 -2.57 -0.97
CA VAL B 409 -28.90 -1.61 -1.08
C VAL B 409 -27.67 -2.20 -0.39
N PRO B 410 -26.52 -2.28 -1.08
CA PRO B 410 -25.32 -2.93 -0.50
C PRO B 410 -24.78 -2.17 0.69
N PRO B 411 -24.04 -2.83 1.57
CA PRO B 411 -23.54 -2.19 2.79
C PRO B 411 -22.33 -1.26 2.60
N ILE B 412 -21.68 -1.24 1.44
CA ILE B 412 -20.79 -0.15 1.07
C ILE B 412 -21.31 0.40 -0.26
N SER B 413 -20.91 1.63 -0.56
CA SER B 413 -21.12 2.24 -1.87
C SER B 413 -22.59 2.28 -2.29
N GLY B 414 -23.52 2.33 -1.33
CA GLY B 414 -24.94 2.35 -1.64
C GLY B 414 -25.39 3.27 -2.75
N SER B 415 -25.16 4.59 -2.64
CA SER B 415 -25.67 5.48 -3.69
C SER B 415 -24.86 5.42 -4.98
N LEU B 416 -23.76 4.67 -5.00
CA LEU B 416 -23.14 4.38 -6.29
C LEU B 416 -23.86 3.26 -7.04
N THR B 417 -24.76 2.49 -6.36
CA THR B 417 -25.52 1.48 -7.09
C THR B 417 -26.87 2.04 -7.46
N PRO B 418 -27.49 1.61 -8.57
CA PRO B 418 -28.78 2.22 -8.97
C PRO B 418 -29.95 1.88 -8.05
N VAL B 419 -29.85 0.85 -7.20
CA VAL B 419 -30.99 0.53 -6.35
C VAL B 419 -31.18 1.55 -5.23
N PHE B 420 -30.11 2.29 -4.88
CA PHE B 420 -30.25 3.33 -3.85
C PHE B 420 -31.30 4.34 -4.24
N HIS B 421 -31.32 4.72 -5.52
CA HIS B 421 -32.17 5.80 -6.03
C HIS B 421 -33.52 5.30 -6.49
N GLN B 422 -33.85 4.06 -6.16
CA GLN B 422 -35.11 3.43 -6.54
C GLN B 422 -35.98 3.27 -5.30
N GLU B 423 -37.13 3.92 -5.29
CA GLU B 423 -38.12 3.67 -4.27
C GLU B 423 -38.62 2.22 -4.39
N MET B 424 -39.07 1.66 -3.28
CA MET B 424 -39.49 0.27 -3.28
C MET B 424 -40.67 0.08 -2.33
N VAL B 425 -41.49 -0.94 -2.64
CA VAL B 425 -42.64 -1.36 -1.83
C VAL B 425 -42.33 -2.74 -1.26
N ASN B 426 -42.38 -2.87 0.06
CA ASN B 426 -42.09 -4.12 0.73
C ASN B 426 -43.39 -4.74 1.21
N TYR B 427 -43.61 -6.03 0.89
CA TYR B 427 -44.80 -6.74 1.33
C TYR B 427 -44.56 -8.24 1.18
N PHE B 428 -45.52 -9.04 1.66
CA PHE B 428 -45.39 -10.49 1.80
C PHE B 428 -46.31 -11.19 0.81
N LEU B 429 -45.72 -11.87 -0.18
CA LEU B 429 -46.47 -12.74 -1.07
C LEU B 429 -46.18 -14.21 -0.73
N SER B 430 -47.20 -15.06 -0.93
CA SER B 430 -47.05 -16.51 -0.81
C SER B 430 -47.07 -17.14 -2.20
N PRO B 431 -46.24 -18.17 -2.50
CA PRO B 431 -45.22 -18.87 -1.71
C PRO B 431 -44.04 -18.03 -1.22
N ALA B 432 -43.40 -18.50 -0.16
CA ALA B 432 -42.50 -17.62 0.57
C ALA B 432 -41.53 -18.45 1.39
N PHE B 433 -40.34 -17.90 1.60
CA PHE B 433 -39.43 -18.36 2.63
C PHE B 433 -39.67 -17.50 3.87
N ARG B 434 -39.81 -18.13 5.02
CA ARG B 434 -40.14 -17.47 6.28
C ARG B 434 -39.08 -17.84 7.29
N TYR B 435 -38.85 -16.97 8.26
CA TYR B 435 -38.01 -17.34 9.40
C TYR B 435 -38.80 -18.23 10.35
N GLN B 436 -38.10 -19.05 11.12
CA GLN B 436 -38.73 -19.92 12.10
C GLN B 436 -37.85 -19.97 13.33
N PRO B 437 -38.41 -20.31 14.49
CA PRO B 437 -37.57 -20.37 15.69
C PRO B 437 -36.52 -21.44 15.55
N ASP B 438 -35.43 -21.27 16.32
CA ASP B 438 -34.39 -22.29 16.39
C ASP B 438 -34.94 -23.52 17.08
N PRO B 439 -34.68 -24.71 16.56
CA PRO B 439 -35.29 -25.91 17.14
C PRO B 439 -34.83 -26.22 18.56
N TRP B 440 -33.81 -25.54 19.09
CA TRP B 440 -33.41 -25.79 20.47
C TRP B 440 -34.00 -24.78 21.45
N LYS C 27 55.83 -1.61 -11.73
CA LYS C 27 54.41 -1.39 -11.50
C LYS C 27 53.68 -2.73 -11.35
N PHE C 28 53.97 -3.44 -10.26
CA PHE C 28 53.13 -4.52 -9.82
C PHE C 28 52.29 -3.98 -8.68
N PRO C 29 50.98 -3.81 -8.86
CA PRO C 29 50.14 -3.17 -7.84
C PRO C 29 50.32 -3.78 -6.45
N ARG C 30 50.49 -2.91 -5.44
CA ARG C 30 50.53 -3.29 -4.04
C ARG C 30 49.10 -3.37 -3.52
N VAL C 31 48.74 -4.50 -2.92
CA VAL C 31 47.35 -4.79 -2.55
C VAL C 31 47.33 -5.20 -1.08
N LYS C 32 46.50 -4.52 -0.29
CA LYS C 32 46.54 -4.67 1.16
C LYS C 32 45.22 -5.19 1.69
N ASN C 33 45.30 -5.98 2.76
CA ASN C 33 44.15 -6.41 3.55
C ASN C 33 44.18 -5.66 4.87
N TRP C 34 43.14 -4.86 5.09
CA TRP C 34 43.10 -3.92 6.21
C TRP C 34 42.71 -4.57 7.53
N GLU C 35 42.03 -5.72 7.50
CA GLU C 35 41.72 -6.44 8.72
C GLU C 35 42.97 -7.10 9.29
N VAL C 36 43.76 -7.72 8.42
CA VAL C 36 44.93 -8.50 8.81
C VAL C 36 46.19 -7.62 8.81
N GLY C 37 46.30 -6.70 7.86
CA GLY C 37 47.48 -5.90 7.66
C GLY C 37 48.46 -6.47 6.65
N SER C 38 48.10 -7.57 5.99
CA SER C 38 49.00 -8.25 5.07
C SER C 38 49.08 -7.51 3.73
N ILE C 39 50.18 -7.77 3.02
CA ILE C 39 50.45 -7.15 1.74
C ILE C 39 50.91 -8.24 0.76
N THR C 40 50.39 -8.20 -0.46
CA THR C 40 50.90 -8.98 -1.59
C THR C 40 51.01 -8.05 -2.80
N TYR C 41 51.62 -8.56 -3.87
CA TYR C 41 51.69 -7.85 -5.13
C TYR C 41 51.06 -8.69 -6.24
N ASP C 42 50.26 -8.05 -7.09
CA ASP C 42 49.63 -8.73 -8.22
C ASP C 42 50.54 -8.59 -9.43
N THR C 43 51.30 -9.65 -9.72
CA THR C 43 52.09 -9.73 -10.93
C THR C 43 51.33 -10.32 -12.10
N LEU C 44 50.17 -10.96 -11.85
CA LEU C 44 49.39 -11.55 -12.93
C LEU C 44 48.68 -10.49 -13.79
N SER C 45 48.34 -9.34 -13.19
CA SER C 45 47.73 -8.25 -13.96
C SER C 45 48.60 -7.78 -15.11
N ALA C 46 49.93 -8.01 -15.04
CA ALA C 46 50.80 -7.70 -16.17
C ALA C 46 50.42 -8.47 -17.42
N GLN C 47 49.85 -9.67 -17.25
CA GLN C 47 49.45 -10.55 -18.34
C GLN C 47 48.06 -10.25 -18.89
N ALA C 48 47.39 -9.20 -18.41
CA ALA C 48 46.02 -8.95 -18.85
C ALA C 48 45.99 -8.69 -20.35
N GLN C 49 45.07 -9.36 -21.04
CA GLN C 49 45.00 -9.23 -22.50
C GLN C 49 44.26 -7.95 -22.89
N GLN C 50 42.95 -8.03 -23.00
CA GLN C 50 42.19 -6.91 -23.52
C GLN C 50 42.10 -5.80 -22.46
N ASP C 51 41.58 -4.64 -22.89
CA ASP C 51 41.57 -3.43 -22.08
C ASP C 51 40.20 -3.17 -21.47
N GLY C 52 40.18 -2.81 -20.18
CA GLY C 52 38.96 -2.51 -19.47
C GLY C 52 38.45 -1.10 -19.70
N PRO C 53 37.64 -0.58 -18.76
CA PRO C 53 36.96 0.70 -19.01
C PRO C 53 37.69 1.92 -18.48
N CYS C 54 38.62 1.72 -17.53
CA CYS C 54 39.19 2.79 -16.74
C CYS C 54 40.35 3.45 -17.49
N THR C 55 40.58 4.73 -17.17
CA THR C 55 41.77 5.46 -17.62
C THR C 55 42.35 6.24 -16.44
N PRO C 56 43.56 6.79 -16.56
CA PRO C 56 44.09 7.60 -15.45
C PRO C 56 43.20 8.80 -15.14
N ARG C 57 42.40 9.25 -16.11
CA ARG C 57 41.56 10.42 -15.89
C ARG C 57 40.28 10.08 -15.12
N ARG C 58 39.75 8.86 -15.25
CA ARG C 58 38.58 8.53 -14.44
C ARG C 58 38.39 7.02 -14.35
N CYS C 59 37.86 6.59 -13.22
CA CYS C 59 37.61 5.19 -12.94
C CYS C 59 36.14 4.87 -13.22
N LEU C 60 35.91 3.87 -14.08
CA LEU C 60 34.57 3.36 -14.40
C LEU C 60 34.40 1.93 -13.90
N GLY C 61 35.07 1.58 -12.80
CA GLY C 61 34.98 0.22 -12.29
C GLY C 61 33.59 -0.20 -11.85
N SER C 62 32.70 0.76 -11.61
CA SER C 62 31.36 0.47 -11.11
C SER C 62 30.33 0.25 -12.22
N LEU C 63 30.72 0.38 -13.49
CA LEU C 63 29.78 0.18 -14.58
C LEU C 63 29.52 -1.31 -14.75
N VAL C 64 28.26 -1.68 -15.01
CA VAL C 64 27.93 -3.08 -15.22
C VAL C 64 28.45 -3.59 -16.56
N PHE C 65 28.09 -2.88 -17.65
CA PHE C 65 28.60 -3.18 -18.98
C PHE C 65 29.49 -2.03 -19.45
N PRO C 66 30.83 -2.13 -19.31
CA PRO C 66 31.84 -1.10 -19.62
C PRO C 66 31.62 -0.35 -20.95
N ALA C 79 40.01 -11.33 -40.72
CA ALA C 79 41.17 -11.34 -39.83
C ALA C 79 41.54 -12.76 -39.38
N PRO C 80 42.30 -13.48 -40.23
CA PRO C 80 42.84 -14.77 -39.78
C PRO C 80 44.14 -14.65 -38.99
N GLU C 81 44.90 -13.56 -39.14
CA GLU C 81 46.08 -13.37 -38.29
C GLU C 81 45.68 -13.04 -36.86
N GLN C 82 44.59 -12.31 -36.67
CA GLN C 82 44.07 -12.08 -35.32
C GLN C 82 43.72 -13.41 -34.64
N LEU C 83 42.94 -14.26 -35.33
CA LEU C 83 42.56 -15.55 -34.77
C LEU C 83 43.78 -16.35 -34.35
N LEU C 84 44.89 -16.22 -35.10
CA LEU C 84 46.07 -17.05 -34.85
C LEU C 84 46.77 -16.69 -33.55
N SER C 85 46.94 -15.40 -33.28
CA SER C 85 47.69 -14.97 -32.11
C SER C 85 47.00 -15.40 -30.82
N GLN C 86 45.68 -15.24 -30.76
CA GLN C 86 44.92 -15.68 -29.58
C GLN C 86 45.00 -17.19 -29.44
N ALA C 87 44.83 -17.91 -30.55
CA ALA C 87 44.89 -19.37 -30.56
C ALA C 87 46.28 -19.86 -30.16
N ARG C 88 47.33 -19.15 -30.58
CA ARG C 88 48.68 -19.57 -30.21
C ARG C 88 48.91 -19.46 -28.71
N ASP C 89 48.56 -18.31 -28.11
CA ASP C 89 48.91 -18.11 -26.71
C ASP C 89 48.08 -18.95 -25.77
N PHE C 90 46.87 -19.37 -26.18
CA PHE C 90 46.12 -20.31 -25.37
C PHE C 90 46.79 -21.68 -25.31
N ILE C 91 47.42 -22.12 -26.41
CA ILE C 91 48.08 -23.44 -26.41
C ILE C 91 49.27 -23.40 -25.49
N ASN C 92 50.04 -22.31 -25.53
CA ASN C 92 51.19 -22.16 -24.66
C ASN C 92 50.76 -22.15 -23.20
N GLN C 93 49.71 -21.40 -22.88
CA GLN C 93 49.03 -21.52 -21.60
C GLN C 93 48.76 -22.97 -21.21
N TYR C 94 48.02 -23.67 -22.08
CA TYR C 94 47.61 -25.05 -21.81
C TYR C 94 48.81 -25.95 -21.52
N TYR C 95 49.83 -25.93 -22.41
CA TYR C 95 50.93 -26.86 -22.24
C TYR C 95 51.80 -26.49 -21.04
N SER C 96 51.98 -25.19 -20.79
CA SER C 96 52.64 -24.77 -19.57
C SER C 96 51.91 -25.30 -18.33
N SER C 97 50.58 -25.37 -18.39
CA SER C 97 49.78 -25.84 -17.27
C SER C 97 49.85 -27.34 -17.05
N ILE C 98 50.35 -28.11 -18.03
CA ILE C 98 50.50 -29.55 -17.83
C ILE C 98 51.97 -29.94 -17.74
N LYS C 99 52.85 -28.96 -17.48
CA LYS C 99 54.30 -29.18 -17.40
C LYS C 99 54.88 -29.74 -18.69
N ARG C 100 54.18 -29.58 -19.82
CA ARG C 100 54.62 -30.15 -21.09
C ARG C 100 54.71 -29.07 -22.15
N SER C 101 55.43 -27.98 -21.87
CA SER C 101 55.58 -26.88 -22.81
C SER C 101 56.89 -27.02 -23.56
N GLY C 102 56.88 -26.70 -24.85
CA GLY C 102 58.03 -26.89 -25.70
C GLY C 102 58.24 -28.32 -26.15
N SER C 103 57.67 -29.30 -25.44
CA SER C 103 57.71 -30.71 -25.82
C SER C 103 57.19 -30.91 -27.23
N GLN C 104 57.36 -32.12 -27.77
CA GLN C 104 56.99 -32.33 -29.17
C GLN C 104 55.48 -32.18 -29.37
N ALA C 105 54.68 -32.54 -28.38
CA ALA C 105 53.23 -32.33 -28.49
C ALA C 105 52.89 -30.87 -28.68
N HIS C 106 53.62 -29.98 -27.99
CA HIS C 106 53.38 -28.54 -28.15
C HIS C 106 53.47 -28.12 -29.61
N GLU C 107 54.48 -28.61 -30.34
CA GLU C 107 54.69 -28.16 -31.71
C GLU C 107 53.66 -28.72 -32.68
N GLN C 108 53.19 -29.96 -32.44
CA GLN C 108 52.19 -30.52 -33.35
C GLN C 108 50.88 -29.77 -33.25
N ARG C 109 50.47 -29.45 -32.02
CA ARG C 109 49.26 -28.66 -31.81
C ARG C 109 49.34 -27.32 -32.56
N LEU C 110 50.50 -26.67 -32.53
CA LEU C 110 50.64 -25.36 -33.17
C LEU C 110 50.46 -25.47 -34.69
N GLN C 111 51.28 -26.32 -35.33
CA GLN C 111 51.18 -26.49 -36.77
C GLN C 111 49.77 -26.93 -37.18
N GLU C 112 49.12 -27.75 -36.35
CA GLU C 112 47.79 -28.24 -36.71
C GLU C 112 46.77 -27.09 -36.77
N VAL C 113 46.80 -26.18 -35.79
CA VAL C 113 45.90 -25.02 -35.82
C VAL C 113 46.20 -24.15 -37.04
N GLU C 114 47.49 -23.95 -37.35
CA GLU C 114 47.86 -23.15 -38.50
C GLU C 114 47.27 -23.72 -39.78
N ALA C 115 47.43 -25.03 -40.00
CA ALA C 115 46.90 -25.63 -41.23
C ALA C 115 45.38 -25.57 -41.27
N GLU C 116 44.74 -25.69 -40.10
CA GLU C 116 43.29 -25.75 -40.06
C GLU C 116 42.65 -24.41 -40.37
N VAL C 117 43.21 -23.32 -39.85
CA VAL C 117 42.67 -22.01 -40.18
C VAL C 117 43.05 -21.60 -41.60
N ALA C 118 44.19 -22.09 -42.11
CA ALA C 118 44.52 -21.88 -43.52
C ALA C 118 43.50 -22.56 -44.43
N ALA C 119 42.98 -23.71 -44.00
CA ALA C 119 41.96 -24.42 -44.75
C ALA C 119 40.59 -23.74 -44.65
N THR C 120 40.04 -23.64 -43.44
CA THR C 120 38.66 -23.18 -43.29
C THR C 120 38.52 -21.74 -42.82
N GLY C 121 39.51 -21.19 -42.13
CA GLY C 121 39.37 -19.88 -41.50
C GLY C 121 39.12 -19.95 -40.01
N THR C 122 39.04 -21.15 -39.45
CA THR C 122 38.78 -21.39 -38.05
C THR C 122 39.49 -22.69 -37.70
N TYR C 123 39.36 -23.15 -36.45
CA TYR C 123 39.96 -24.42 -36.07
C TYR C 123 39.18 -25.02 -34.91
N GLN C 124 39.44 -26.31 -34.66
CA GLN C 124 38.76 -27.08 -33.63
C GLN C 124 39.67 -27.33 -32.43
N LEU C 125 39.06 -27.32 -31.24
CA LEU C 125 39.74 -27.61 -29.99
C LEU C 125 39.69 -29.10 -29.65
N ARG C 126 40.84 -29.66 -29.25
CA ARG C 126 40.87 -30.96 -28.59
C ARG C 126 39.96 -30.91 -27.38
N GLU C 127 39.40 -32.07 -27.03
CA GLU C 127 38.38 -32.09 -25.98
C GLU C 127 38.93 -31.63 -24.64
N SER C 128 40.21 -31.92 -24.36
CA SER C 128 40.77 -31.53 -23.07
C SER C 128 41.10 -30.04 -23.06
N GLU C 129 41.69 -29.52 -24.15
CA GLU C 129 41.82 -28.07 -24.34
C GLU C 129 40.49 -27.38 -24.05
N LEU C 130 39.39 -27.98 -24.52
CA LEU C 130 38.07 -27.45 -24.27
C LEU C 130 37.73 -27.48 -22.78
N VAL C 131 38.05 -28.58 -22.09
CA VAL C 131 37.76 -28.64 -20.66
C VAL C 131 38.63 -27.64 -19.89
N PHE C 132 39.94 -27.65 -20.13
CA PHE C 132 40.84 -26.72 -19.47
C PHE C 132 40.45 -25.26 -19.73
N GLY C 133 40.09 -24.94 -20.98
CA GLY C 133 39.68 -23.59 -21.32
C GLY C 133 38.36 -23.18 -20.70
N ALA C 134 37.44 -24.13 -20.52
CA ALA C 134 36.21 -23.82 -19.80
C ALA C 134 36.51 -23.51 -18.32
N LYS C 135 37.37 -24.30 -17.68
CA LYS C 135 37.67 -24.05 -16.27
C LYS C 135 38.47 -22.75 -16.07
N GLN C 136 39.34 -22.40 -17.02
CA GLN C 136 40.11 -21.16 -16.90
C GLN C 136 39.21 -19.94 -17.06
N ALA C 137 38.15 -20.05 -17.85
CA ALA C 137 37.26 -18.91 -18.00
C ALA C 137 36.46 -18.67 -16.73
N TRP C 138 36.03 -19.73 -16.04
CA TRP C 138 35.47 -19.58 -14.70
C TRP C 138 36.50 -18.99 -13.75
N ARG C 139 37.68 -19.61 -13.72
CA ARG C 139 38.78 -19.15 -12.88
C ARG C 139 39.09 -17.67 -13.10
N ASN C 140 38.96 -17.19 -14.33
CA ASN C 140 39.34 -15.82 -14.66
C ASN C 140 38.21 -14.82 -14.49
N ALA C 141 37.03 -15.26 -14.10
CA ALA C 141 35.84 -14.42 -14.06
C ALA C 141 35.87 -13.47 -12.86
N PRO C 142 36.11 -12.17 -13.05
CA PRO C 142 36.36 -11.29 -11.89
C PRO C 142 35.18 -11.12 -10.95
N ARG C 143 33.96 -11.27 -11.44
CA ARG C 143 32.78 -11.01 -10.63
C ARG C 143 32.23 -12.26 -9.94
N CYS C 144 32.92 -13.40 -10.03
CA CYS C 144 32.45 -14.64 -9.44
C CYS C 144 33.09 -14.86 -8.07
N VAL C 145 32.27 -14.86 -7.01
CA VAL C 145 32.77 -15.15 -5.67
C VAL C 145 32.92 -16.66 -5.44
N GLY C 146 32.39 -17.50 -6.32
CA GLY C 146 32.38 -18.92 -6.02
C GLY C 146 33.57 -19.67 -6.57
N ARG C 147 34.71 -18.99 -6.77
CA ARG C 147 35.76 -19.55 -7.62
C ARG C 147 36.68 -20.54 -6.92
N ILE C 148 36.61 -20.67 -5.59
CA ILE C 148 37.31 -21.76 -4.91
C ILE C 148 37.02 -23.11 -5.58
N GLN C 149 35.83 -23.24 -6.18
CA GLN C 149 35.34 -24.45 -6.82
C GLN C 149 35.81 -24.64 -8.25
N TRP C 150 36.75 -23.81 -8.76
CA TRP C 150 36.91 -23.71 -10.21
C TRP C 150 37.49 -24.97 -10.83
N GLY C 151 38.22 -25.80 -10.07
CA GLY C 151 38.77 -27.00 -10.66
C GLY C 151 37.79 -28.16 -10.78
N LYS C 152 36.64 -28.05 -10.13
CA LYS C 152 35.61 -29.08 -10.04
C LYS C 152 34.42 -28.57 -10.86
N LEU C 153 34.45 -28.87 -12.16
CA LEU C 153 33.43 -28.45 -13.11
C LEU C 153 33.26 -29.56 -14.14
N GLN C 154 32.01 -29.86 -14.50
CA GLN C 154 31.68 -30.91 -15.47
C GLN C 154 31.44 -30.26 -16.83
N VAL C 155 32.33 -30.52 -17.78
CA VAL C 155 32.21 -29.98 -19.13
C VAL C 155 31.51 -31.00 -20.02
N PHE C 156 30.33 -30.65 -20.52
CA PHE C 156 29.61 -31.44 -21.52
C PHE C 156 29.89 -30.86 -22.89
N ASP C 157 30.40 -31.68 -23.81
CA ASP C 157 30.71 -31.22 -25.16
C ASP C 157 29.48 -31.44 -26.05
N ALA C 158 28.88 -30.33 -26.51
CA ALA C 158 27.71 -30.35 -27.36
C ALA C 158 28.00 -29.83 -28.77
N ARG C 159 29.27 -29.82 -29.18
CA ARG C 159 29.63 -29.26 -30.48
C ARG C 159 29.05 -30.06 -31.64
N ASP C 160 28.49 -31.22 -31.37
CA ASP C 160 27.83 -32.03 -32.38
C ASP C 160 26.38 -31.60 -32.63
N CYS C 161 25.93 -30.50 -32.06
CA CYS C 161 24.52 -30.15 -32.09
C CYS C 161 24.15 -29.49 -33.42
N ARG C 162 22.91 -29.73 -33.87
CA ARG C 162 22.51 -29.19 -35.17
C ARG C 162 21.05 -28.79 -35.27
N SER C 163 20.28 -28.76 -34.19
CA SER C 163 18.91 -28.29 -34.28
C SER C 163 18.46 -27.85 -32.89
N ALA C 164 17.42 -27.00 -32.88
CA ALA C 164 16.85 -26.54 -31.61
C ALA C 164 16.24 -27.69 -30.81
N GLN C 165 15.91 -28.81 -31.46
CA GLN C 165 15.42 -29.99 -30.72
C GLN C 165 16.57 -30.76 -30.10
N GLU C 166 17.75 -30.78 -30.73
CA GLU C 166 18.91 -31.40 -30.13
C GLU C 166 19.47 -30.53 -29.01
N MET C 167 19.66 -29.24 -29.30
CA MET C 167 20.02 -28.26 -28.28
C MET C 167 19.19 -28.48 -27.02
N PHE C 168 17.87 -28.64 -27.19
CA PHE C 168 16.98 -28.81 -26.05
C PHE C 168 17.28 -30.10 -25.30
N THR C 169 17.68 -31.17 -26.00
CA THR C 169 18.02 -32.40 -25.31
C THR C 169 19.38 -32.31 -24.63
N TYR C 170 20.31 -31.55 -25.21
CA TYR C 170 21.53 -31.20 -24.48
C TYR C 170 21.22 -30.41 -23.22
N ILE C 171 20.34 -29.41 -23.32
CA ILE C 171 20.04 -28.56 -22.16
C ILE C 171 19.43 -29.39 -21.05
N CYS C 172 18.46 -30.24 -21.39
CA CYS C 172 17.71 -30.99 -20.39
C CYS C 172 18.61 -31.99 -19.67
N ASN C 173 19.63 -32.52 -20.33
CA ASN C 173 20.56 -33.40 -19.64
C ASN C 173 21.41 -32.62 -18.67
N HIS C 174 21.99 -31.51 -19.12
CA HIS C 174 22.68 -30.56 -18.24
C HIS C 174 21.87 -30.32 -16.99
N ILE C 175 20.63 -29.85 -17.15
CA ILE C 175 19.80 -29.49 -16.00
C ILE C 175 19.66 -30.68 -15.07
N LYS C 176 19.41 -31.87 -15.64
CA LYS C 176 19.24 -33.09 -14.85
C LYS C 176 20.51 -33.46 -14.10
N TYR C 177 21.66 -33.46 -14.80
CA TYR C 177 22.92 -33.74 -14.13
C TYR C 177 23.22 -32.70 -13.04
N ALA C 178 23.02 -31.42 -13.34
CA ALA C 178 23.41 -30.37 -12.40
C ALA C 178 22.50 -30.34 -11.18
N THR C 179 21.20 -30.53 -11.38
CA THR C 179 20.30 -30.56 -10.22
C THR C 179 20.66 -31.71 -9.30
N ASN C 180 20.65 -32.95 -9.81
CA ASN C 180 21.14 -34.11 -9.06
C ASN C 180 20.36 -34.25 -7.75
N ARG C 181 19.03 -34.06 -7.84
CA ARG C 181 18.11 -34.19 -6.72
C ARG C 181 18.42 -33.19 -5.59
N GLY C 182 19.01 -32.05 -5.95
CA GLY C 182 19.28 -31.02 -4.98
C GLY C 182 20.68 -31.02 -4.41
N ASN C 183 21.51 -31.98 -4.78
CA ASN C 183 22.93 -31.93 -4.40
C ASN C 183 23.67 -31.42 -5.63
N LEU C 184 23.79 -30.09 -5.71
CA LEU C 184 24.14 -29.44 -6.96
C LEU C 184 25.59 -29.70 -7.35
N ARG C 185 25.84 -29.69 -8.65
CA ARG C 185 27.13 -30.00 -9.24
C ARG C 185 27.35 -29.03 -10.37
N SER C 186 28.53 -28.39 -10.39
CA SER C 186 28.78 -27.40 -11.42
C SER C 186 28.97 -28.07 -12.76
N ALA C 187 28.43 -27.45 -13.81
CA ALA C 187 28.54 -28.00 -15.17
C ALA C 187 28.44 -26.88 -16.20
N ILE C 188 29.06 -27.12 -17.37
CA ILE C 188 28.86 -26.28 -18.55
C ILE C 188 28.66 -27.19 -19.76
N THR C 189 27.78 -26.77 -20.67
CA THR C 189 27.54 -27.44 -21.94
C THR C 189 27.93 -26.48 -23.06
N VAL C 190 28.77 -26.95 -23.99
CA VAL C 190 29.39 -26.08 -24.98
C VAL C 190 28.88 -26.44 -26.37
N PHE C 191 27.98 -25.63 -26.90
CA PHE C 191 27.44 -25.76 -28.25
C PHE C 191 28.45 -25.26 -29.28
N PRO C 192 28.21 -25.48 -30.57
CA PRO C 192 29.24 -25.17 -31.57
C PRO C 192 29.60 -23.70 -31.62
N GLN C 193 30.85 -23.45 -31.97
CA GLN C 193 31.38 -22.11 -32.09
C GLN C 193 30.76 -21.41 -33.31
N ARG C 194 30.90 -20.09 -33.31
CA ARG C 194 30.62 -19.34 -34.52
C ARG C 194 31.76 -19.53 -35.52
N CYS C 195 31.49 -19.23 -36.78
CA CYS C 195 32.53 -19.12 -37.78
C CYS C 195 31.97 -18.40 -39.00
N PRO C 196 32.84 -17.87 -39.88
CA PRO C 196 32.36 -17.05 -41.00
C PRO C 196 31.30 -17.73 -41.86
N GLY C 197 30.46 -16.89 -42.49
CA GLY C 197 29.44 -17.37 -43.42
C GLY C 197 28.46 -18.36 -42.83
N ARG C 198 28.21 -18.26 -41.53
CA ARG C 198 27.45 -19.25 -40.80
C ARG C 198 26.61 -18.55 -39.74
N GLY C 199 25.60 -19.24 -39.26
CA GLY C 199 24.75 -18.71 -38.21
C GLY C 199 25.43 -18.79 -36.85
N ASP C 200 24.61 -18.69 -35.81
CA ASP C 200 25.04 -18.85 -34.43
C ASP C 200 24.00 -19.65 -33.66
N PHE C 201 24.46 -20.40 -32.67
CA PHE C 201 23.58 -21.02 -31.68
C PHE C 201 23.40 -20.04 -30.52
N ARG C 202 22.16 -19.64 -30.27
CA ARG C 202 21.86 -18.63 -29.25
C ARG C 202 20.71 -19.09 -28.39
N ILE C 203 20.95 -19.19 -27.09
CA ILE C 203 19.87 -19.34 -26.12
C ILE C 203 19.35 -17.94 -25.80
N TRP C 204 18.14 -17.64 -26.27
CA TRP C 204 17.58 -16.31 -26.07
C TRP C 204 17.42 -16.00 -24.57
N ASN C 205 16.78 -16.91 -23.83
CA ASN C 205 16.61 -16.75 -22.39
C ASN C 205 17.94 -16.41 -21.72
N SER C 206 17.89 -15.55 -20.71
CA SER C 206 19.10 -15.18 -19.98
C SER C 206 19.53 -16.27 -19.02
N GLN C 207 18.59 -17.07 -18.50
CA GLN C 207 18.89 -18.24 -17.71
C GLN C 207 18.04 -19.42 -18.18
N LEU C 208 18.52 -20.64 -17.89
CA LEU C 208 17.73 -21.80 -18.28
C LEU C 208 16.41 -21.83 -17.52
N VAL C 209 16.42 -21.44 -16.25
CA VAL C 209 15.22 -21.30 -15.45
C VAL C 209 15.01 -19.83 -15.15
N ARG C 210 13.81 -19.33 -15.45
CA ARG C 210 13.44 -17.92 -15.24
C ARG C 210 11.93 -17.82 -15.06
N TYR C 211 11.50 -17.03 -14.07
CA TYR C 211 10.07 -16.83 -13.84
C TYR C 211 9.51 -15.76 -14.78
N ALA C 212 8.27 -15.98 -15.24
CA ALA C 212 7.67 -15.09 -16.22
C ALA C 212 7.41 -13.70 -15.64
N GLY C 213 7.44 -12.70 -16.53
CA GLY C 213 7.11 -11.34 -16.18
C GLY C 213 6.08 -10.75 -17.11
N TYR C 214 4.89 -10.46 -16.60
CA TYR C 214 3.74 -10.03 -17.39
C TYR C 214 3.43 -8.57 -17.11
N ARG C 215 3.32 -7.77 -18.16
CA ARG C 215 2.89 -6.38 -18.03
C ARG C 215 1.39 -6.32 -17.73
N GLN C 216 1.00 -5.37 -16.88
CA GLN C 216 -0.38 -5.27 -16.42
C GLN C 216 -1.02 -3.94 -16.85
N GLN C 217 -2.35 -3.94 -16.86
CA GLN C 217 -3.11 -2.71 -17.07
C GLN C 217 -2.91 -1.75 -15.92
N ASP C 218 -2.62 -2.27 -14.72
CA ASP C 218 -2.15 -1.48 -13.59
C ASP C 218 -0.91 -0.68 -13.96
N GLY C 219 -0.20 -1.08 -15.01
CA GLY C 219 1.12 -0.54 -15.32
C GLY C 219 2.25 -1.29 -14.65
N SER C 220 1.95 -2.09 -13.62
CA SER C 220 2.95 -2.88 -12.91
C SER C 220 3.37 -4.11 -13.70
N VAL C 221 4.02 -5.05 -13.02
CA VAL C 221 4.37 -6.35 -13.59
C VAL C 221 4.11 -7.41 -12.53
N ARG C 222 3.30 -8.42 -12.90
CA ARG C 222 3.15 -9.61 -12.06
C ARG C 222 4.20 -10.62 -12.48
N GLY C 223 4.98 -11.08 -11.52
CA GLY C 223 6.11 -11.95 -11.80
C GLY C 223 7.44 -11.21 -11.67
N ASP C 224 8.42 -11.62 -12.47
CA ASP C 224 9.75 -11.01 -12.42
C ASP C 224 9.82 -9.86 -13.41
N PRO C 225 10.02 -8.62 -12.97
CA PRO C 225 10.14 -7.52 -13.94
C PRO C 225 11.33 -7.68 -14.86
N ALA C 226 12.37 -8.40 -14.42
CA ALA C 226 13.56 -8.56 -15.25
C ALA C 226 13.30 -9.33 -16.52
N ASN C 227 12.19 -10.06 -16.60
CA ASN C 227 11.93 -10.91 -17.75
C ASN C 227 10.67 -10.48 -18.51
N VAL C 228 10.29 -9.19 -18.40
CA VAL C 228 9.13 -8.70 -19.14
C VAL C 228 9.35 -8.87 -20.63
N GLU C 229 10.57 -8.57 -21.10
CA GLU C 229 10.87 -8.69 -22.52
C GLU C 229 10.75 -10.13 -23.00
N ILE C 230 11.57 -11.03 -22.45
CA ILE C 230 11.62 -12.41 -22.92
C ILE C 230 10.26 -13.08 -22.78
N THR C 231 9.46 -12.64 -21.80
CA THR C 231 8.13 -13.22 -21.64
C THR C 231 7.26 -12.93 -22.86
N GLU C 232 7.29 -11.70 -23.35
CA GLU C 232 6.51 -11.36 -24.54
C GLU C 232 7.08 -12.03 -25.78
N LEU C 233 8.39 -12.26 -25.83
CA LEU C 233 8.98 -13.00 -26.95
C LEU C 233 8.53 -14.46 -26.95
N CYS C 234 8.52 -15.08 -25.78
CA CYS C 234 7.95 -16.42 -25.67
C CYS C 234 6.47 -16.41 -26.02
N ILE C 235 5.74 -15.38 -25.57
CA ILE C 235 4.31 -15.29 -25.87
C ILE C 235 4.06 -15.13 -27.36
N GLN C 236 5.00 -14.53 -28.09
CA GLN C 236 4.83 -14.42 -29.55
C GLN C 236 5.27 -15.70 -30.25
N HIS C 237 6.55 -16.08 -30.11
CA HIS C 237 7.05 -17.27 -30.78
C HIS C 237 6.46 -18.55 -30.20
N GLY C 238 5.15 -18.59 -29.98
CA GLY C 238 4.51 -19.81 -29.53
C GLY C 238 3.75 -19.72 -28.22
N TRP C 239 4.48 -19.57 -27.11
CA TRP C 239 3.95 -19.85 -25.79
C TRP C 239 2.63 -19.11 -25.54
N THR C 240 1.73 -19.78 -24.80
CA THR C 240 0.56 -19.18 -24.19
C THR C 240 0.81 -19.01 -22.70
N PRO C 241 0.65 -17.81 -22.16
CA PRO C 241 1.21 -17.51 -20.84
C PRO C 241 0.46 -18.18 -19.71
N GLY C 242 1.02 -18.02 -18.51
CA GLY C 242 0.33 -18.29 -17.28
C GLY C 242 -0.14 -17.00 -16.64
N ASN C 243 -0.49 -17.08 -15.35
CA ASN C 243 -0.85 -15.88 -14.62
C ASN C 243 -0.33 -15.89 -13.19
N GLY C 244 0.75 -16.64 -12.92
CA GLY C 244 1.30 -16.72 -11.60
C GLY C 244 2.51 -15.83 -11.43
N ARG C 245 2.87 -15.59 -10.16
CA ARG C 245 4.06 -14.82 -9.87
C ARG C 245 5.33 -15.62 -10.13
N PHE C 246 5.24 -16.94 -10.21
CA PHE C 246 6.41 -17.79 -10.40
C PHE C 246 6.17 -18.84 -11.48
N ASP C 247 5.62 -18.42 -12.63
CA ASP C 247 5.50 -19.29 -13.79
C ASP C 247 6.86 -19.38 -14.50
N VAL C 248 7.38 -20.61 -14.61
CA VAL C 248 8.67 -20.83 -15.26
C VAL C 248 8.54 -20.64 -16.76
N LEU C 249 9.44 -19.84 -17.33
CA LEU C 249 9.37 -19.53 -18.75
C LEU C 249 9.77 -20.73 -19.60
N PRO C 250 9.25 -20.81 -20.82
CA PRO C 250 9.82 -21.72 -21.81
C PRO C 250 11.19 -21.24 -22.26
N LEU C 251 11.92 -22.14 -22.90
CA LEU C 251 13.19 -21.81 -23.53
C LEU C 251 12.95 -21.38 -24.97
N LEU C 252 13.51 -20.24 -25.35
CA LEU C 252 13.53 -19.80 -26.73
C LEU C 252 14.92 -20.12 -27.26
N LEU C 253 15.03 -21.23 -27.99
CA LEU C 253 16.30 -21.72 -28.49
C LEU C 253 16.40 -21.48 -29.98
N GLN C 254 17.58 -21.05 -30.44
CA GLN C 254 17.77 -20.63 -31.81
C GLN C 254 19.03 -21.32 -32.36
N ALA C 255 18.87 -22.00 -33.55
CA ALA C 255 19.91 -22.67 -34.32
C ALA C 255 20.34 -21.79 -35.49
N PRO C 256 21.58 -21.96 -35.97
CA PRO C 256 22.11 -21.12 -37.05
C PRO C 256 21.16 -20.82 -38.21
N ASP C 257 20.88 -19.54 -38.43
CA ASP C 257 20.15 -19.06 -39.60
C ASP C 257 18.72 -19.60 -39.66
N GLU C 258 18.10 -19.80 -38.50
CA GLU C 258 16.73 -20.24 -38.41
C GLU C 258 16.05 -19.46 -37.29
N PRO C 259 14.76 -19.14 -37.44
CA PRO C 259 14.02 -18.55 -36.32
C PRO C 259 14.01 -19.48 -35.13
N PRO C 260 13.90 -18.96 -33.92
CA PRO C 260 14.01 -19.81 -32.73
C PRO C 260 12.73 -20.59 -32.48
N GLU C 261 12.91 -21.79 -31.93
CA GLU C 261 11.80 -22.67 -31.60
C GLU C 261 11.54 -22.66 -30.10
N LEU C 262 10.26 -22.61 -29.73
CA LEU C 262 9.85 -22.58 -28.33
C LEU C 262 9.82 -23.99 -27.76
N PHE C 263 10.43 -24.18 -26.59
CA PHE C 263 10.46 -25.47 -25.93
C PHE C 263 10.05 -25.31 -24.48
N LEU C 264 9.31 -26.29 -23.96
CA LEU C 264 8.80 -26.25 -22.60
C LEU C 264 9.58 -27.23 -21.73
N LEU C 265 9.91 -26.80 -20.51
CA LEU C 265 10.75 -27.61 -19.63
C LEU C 265 9.88 -28.59 -18.86
N PRO C 266 10.20 -29.88 -18.88
CA PRO C 266 9.43 -30.86 -18.08
C PRO C 266 9.41 -30.44 -16.62
N PRO C 267 8.22 -30.20 -16.06
CA PRO C 267 8.15 -29.58 -14.72
C PRO C 267 8.78 -30.41 -13.61
N GLU C 268 9.06 -31.69 -13.85
CA GLU C 268 9.81 -32.51 -12.90
C GLU C 268 11.31 -32.38 -13.09
N LEU C 269 11.75 -31.74 -14.18
CA LEU C 269 13.16 -31.39 -14.32
C LEU C 269 13.54 -30.21 -13.45
N VAL C 270 12.59 -29.27 -13.25
CA VAL C 270 12.86 -27.95 -12.70
C VAL C 270 12.58 -28.01 -11.20
N LEU C 271 13.64 -28.14 -10.41
CA LEU C 271 13.49 -28.26 -8.97
C LEU C 271 13.28 -26.89 -8.33
N GLU C 272 12.27 -26.77 -7.48
CA GLU C 272 11.95 -25.51 -6.84
C GLU C 272 11.86 -25.67 -5.32
N VAL C 273 12.11 -24.57 -4.63
CA VAL C 273 12.07 -24.51 -3.17
C VAL C 273 10.98 -23.56 -2.72
N PRO C 274 9.87 -24.05 -2.20
CA PRO C 274 8.92 -23.16 -1.53
C PRO C 274 9.57 -22.57 -0.28
N LEU C 275 9.33 -21.28 -0.05
CA LEU C 275 10.07 -20.55 0.97
C LEU C 275 9.26 -20.40 2.26
N GLU C 276 9.87 -20.81 3.37
CA GLU C 276 9.30 -20.65 4.69
C GLU C 276 10.39 -20.18 5.64
N HIS C 277 9.96 -19.64 6.77
CA HIS C 277 10.82 -19.12 7.82
C HIS C 277 10.83 -20.07 9.01
N PRO C 278 11.98 -20.28 9.65
CA PRO C 278 12.04 -21.23 10.76
C PRO C 278 11.12 -20.91 11.92
N THR C 279 10.75 -19.64 12.08
CA THR C 279 10.02 -19.22 13.27
C THR C 279 8.86 -18.27 13.00
N LEU C 280 8.78 -17.64 11.82
CA LEU C 280 7.69 -16.74 11.47
C LEU C 280 6.73 -17.56 10.62
N GLU C 281 5.65 -18.05 11.25
CA GLU C 281 4.79 -19.05 10.65
C GLU C 281 4.02 -18.53 9.45
N TRP C 282 3.84 -17.22 9.34
CA TRP C 282 3.10 -16.63 8.24
C TRP C 282 3.93 -16.50 6.96
N PHE C 283 5.26 -16.63 7.05
CA PHE C 283 6.10 -16.40 5.86
C PHE C 283 5.76 -17.38 4.76
N ALA C 284 5.51 -18.65 5.12
CA ALA C 284 5.06 -19.63 4.14
C ALA C 284 3.88 -19.12 3.34
N ALA C 285 2.92 -18.48 4.02
CA ALA C 285 1.67 -18.08 3.36
C ALA C 285 1.90 -17.02 2.30
N LEU C 286 3.05 -16.34 2.32
CA LEU C 286 3.33 -15.34 1.30
C LEU C 286 3.47 -15.96 -0.09
N GLY C 287 3.67 -17.28 -0.16
CA GLY C 287 3.67 -17.97 -1.43
C GLY C 287 4.97 -17.85 -2.21
N LEU C 288 6.06 -17.52 -1.53
CA LEU C 288 7.31 -17.25 -2.21
C LEU C 288 8.02 -18.56 -2.57
N ARG C 289 8.60 -18.59 -3.77
CA ARG C 289 9.36 -19.72 -4.25
C ARG C 289 10.59 -19.19 -4.98
N TRP C 290 11.61 -20.04 -5.06
CA TRP C 290 12.67 -19.85 -6.04
C TRP C 290 13.13 -21.22 -6.52
N TYR C 291 13.84 -21.22 -7.65
CA TYR C 291 14.37 -22.43 -8.25
C TYR C 291 15.78 -22.73 -7.72
N ALA C 292 16.18 -23.99 -7.86
CA ALA C 292 17.45 -24.50 -7.32
C ALA C 292 18.67 -24.12 -8.15
N LEU C 293 18.53 -24.04 -9.47
CA LEU C 293 19.67 -24.09 -10.36
C LEU C 293 19.96 -22.72 -10.99
N PRO C 294 21.04 -22.02 -10.57
CA PRO C 294 21.51 -20.85 -11.32
C PRO C 294 22.29 -21.30 -12.54
N ALA C 295 21.72 -21.09 -13.71
CA ALA C 295 22.29 -21.61 -14.96
C ALA C 295 22.23 -20.49 -16.00
N VAL C 296 23.33 -19.75 -16.12
CA VAL C 296 23.39 -18.56 -16.97
C VAL C 296 23.54 -19.02 -18.42
N SER C 297 22.70 -18.47 -19.30
CA SER C 297 22.59 -18.95 -20.68
C SER C 297 22.67 -17.82 -21.71
N ASN C 298 23.27 -16.69 -21.35
CA ASN C 298 23.33 -15.57 -22.26
C ASN C 298 24.72 -14.98 -22.45
N MET C 299 25.75 -15.61 -21.89
CA MET C 299 27.13 -15.16 -22.07
C MET C 299 27.85 -15.99 -23.12
N LEU C 300 28.88 -15.39 -23.70
CA LEU C 300 29.68 -16.00 -24.75
C LEU C 300 31.01 -16.45 -24.16
N LEU C 301 31.41 -17.68 -24.47
CA LEU C 301 32.67 -18.22 -23.99
C LEU C 301 33.74 -18.05 -25.06
N GLU C 302 34.92 -17.61 -24.65
CA GLU C 302 36.05 -17.39 -25.55
C GLU C 302 37.22 -18.24 -25.10
N ILE C 303 37.69 -19.13 -25.98
CA ILE C 303 38.89 -19.94 -25.75
C ILE C 303 39.82 -19.75 -26.94
N GLY C 304 41.03 -19.28 -26.69
CA GLY C 304 42.03 -19.13 -27.74
C GLY C 304 41.51 -18.52 -29.02
N GLY C 305 40.82 -17.39 -28.93
CA GLY C 305 40.27 -16.75 -30.10
C GLY C 305 39.02 -17.40 -30.66
N LEU C 306 38.61 -18.54 -30.15
CA LEU C 306 37.34 -19.14 -30.53
C LEU C 306 36.24 -18.62 -29.60
N GLU C 307 35.01 -18.57 -30.13
CA GLU C 307 33.92 -17.87 -29.46
C GLU C 307 32.63 -18.69 -29.55
N PHE C 308 32.11 -19.10 -28.40
CA PHE C 308 30.95 -19.98 -28.30
C PHE C 308 29.75 -19.20 -27.78
N PRO C 309 28.91 -18.65 -28.66
CA PRO C 309 27.79 -17.82 -28.20
C PRO C 309 26.75 -18.57 -27.36
N ALA C 310 26.82 -19.91 -27.30
CA ALA C 310 25.92 -20.70 -26.47
C ALA C 310 26.77 -21.70 -25.67
N ALA C 311 26.97 -21.39 -24.39
CA ALA C 311 27.72 -22.29 -23.48
C ALA C 311 27.16 -22.10 -22.07
N PRO C 312 25.96 -22.63 -21.80
CA PRO C 312 25.35 -22.40 -20.49
C PRO C 312 26.14 -23.11 -19.40
N PHE C 313 26.27 -22.43 -18.26
CA PHE C 313 27.00 -22.94 -17.11
C PHE C 313 26.16 -22.73 -15.87
N SER C 314 26.42 -23.54 -14.85
CA SER C 314 25.59 -23.51 -13.66
C SER C 314 26.42 -23.89 -12.44
N GLY C 315 25.98 -23.42 -11.28
CA GLY C 315 26.61 -23.82 -10.04
C GLY C 315 25.54 -24.06 -9.01
N TRP C 316 25.68 -23.41 -7.87
CA TRP C 316 24.62 -23.32 -6.89
C TRP C 316 24.59 -21.89 -6.35
N TYR C 317 23.50 -21.55 -5.67
CA TYR C 317 23.26 -20.17 -5.27
C TYR C 317 24.00 -19.78 -3.98
N MET C 318 24.49 -18.55 -3.95
CA MET C 318 24.73 -17.86 -2.68
C MET C 318 23.40 -17.28 -2.20
N SER C 319 23.09 -17.45 -0.90
CA SER C 319 21.76 -17.06 -0.43
C SER C 319 21.39 -15.62 -0.79
N THR C 320 22.33 -14.67 -0.70
CA THR C 320 21.96 -13.27 -0.92
C THR C 320 21.46 -13.01 -2.33
N GLU C 321 21.86 -13.82 -3.31
CA GLU C 321 21.36 -13.64 -4.67
C GLU C 321 19.85 -13.78 -4.68
N ILE C 322 19.32 -14.69 -3.87
CA ILE C 322 17.90 -14.92 -3.84
C ILE C 322 17.26 -13.95 -2.86
N GLY C 323 17.70 -14.01 -1.59
CA GLY C 323 16.97 -13.33 -0.53
C GLY C 323 17.11 -11.83 -0.57
N THR C 324 18.21 -11.32 -1.12
CA THR C 324 18.40 -9.87 -1.20
C THR C 324 18.15 -9.32 -2.59
N ARG C 325 18.83 -9.83 -3.62
CA ARG C 325 18.71 -9.15 -4.91
C ARG C 325 17.40 -9.51 -5.61
N ASN C 326 17.12 -10.81 -5.76
CA ASN C 326 15.97 -11.20 -6.56
C ASN C 326 14.67 -10.86 -5.86
N LEU C 327 14.60 -11.07 -4.55
CA LEU C 327 13.34 -10.82 -3.86
C LEU C 327 13.21 -9.40 -3.33
N CYS C 328 14.33 -8.70 -3.04
CA CYS C 328 14.25 -7.38 -2.41
C CYS C 328 14.64 -6.21 -3.30
N ASP C 329 15.23 -6.42 -4.49
CA ASP C 329 15.57 -5.27 -5.31
C ASP C 329 14.31 -4.53 -5.72
N PRO C 330 14.32 -3.21 -5.73
CA PRO C 330 13.10 -2.45 -6.05
C PRO C 330 12.58 -2.75 -7.43
N HIS C 331 13.46 -3.16 -8.34
CA HIS C 331 13.09 -3.45 -9.71
C HIS C 331 12.99 -4.95 -9.99
N ARG C 332 13.06 -5.79 -8.96
CA ARG C 332 12.78 -7.22 -9.07
C ARG C 332 11.45 -7.52 -8.35
N TYR C 333 11.37 -8.54 -7.49
CA TYR C 333 10.10 -8.86 -6.83
C TYR C 333 9.74 -7.82 -5.77
N ASN C 334 10.71 -7.12 -5.19
CA ASN C 334 10.46 -5.95 -4.35
C ASN C 334 9.49 -6.25 -3.20
N ILE C 335 9.82 -7.28 -2.41
CA ILE C 335 8.91 -7.77 -1.37
C ILE C 335 9.21 -7.19 0.00
N LEU C 336 10.21 -6.30 0.10
CA LEU C 336 10.71 -5.87 1.39
C LEU C 336 9.61 -5.31 2.29
N GLU C 337 8.79 -4.40 1.78
CA GLU C 337 7.81 -3.76 2.65
C GLU C 337 6.71 -4.74 3.09
N ASP C 338 6.33 -5.67 2.22
CA ASP C 338 5.39 -6.73 2.58
C ASP C 338 5.87 -7.47 3.82
N VAL C 339 7.09 -7.99 3.76
CA VAL C 339 7.65 -8.73 4.88
C VAL C 339 7.71 -7.86 6.13
N ALA C 340 8.15 -6.59 6.01
CA ALA C 340 8.18 -5.71 7.18
C ALA C 340 6.79 -5.51 7.77
N VAL C 341 5.79 -5.27 6.93
CA VAL C 341 4.40 -5.17 7.40
C VAL C 341 4.00 -6.43 8.17
N CYS C 342 4.37 -7.61 7.67
CA CYS C 342 4.03 -8.84 8.38
C CYS C 342 4.81 -8.97 9.69
N MET C 343 6.01 -8.42 9.74
CA MET C 343 6.79 -8.46 10.97
C MET C 343 6.38 -7.36 11.92
N ASP C 344 5.37 -6.57 11.56
CA ASP C 344 4.88 -5.47 12.40
C ASP C 344 5.99 -4.48 12.71
N LEU C 345 6.78 -4.15 11.70
CA LEU C 345 7.82 -3.14 11.85
C LEU C 345 7.26 -1.75 11.52
N ASP C 346 7.85 -0.72 12.11
CA ASP C 346 7.44 0.66 11.85
C ASP C 346 8.06 1.13 10.55
N THR C 347 7.30 1.09 9.46
CA THR C 347 7.82 1.52 8.17
C THR C 347 7.61 2.99 7.90
N ARG C 348 7.30 3.79 8.93
CA ARG C 348 7.09 5.21 8.72
C ARG C 348 8.38 6.00 8.70
N THR C 349 9.46 5.41 9.24
CA THR C 349 10.73 6.09 9.42
C THR C 349 11.87 5.17 9.00
N THR C 350 12.92 5.77 8.41
CA THR C 350 14.07 5.00 7.96
C THR C 350 14.90 4.51 9.13
N SER C 351 14.89 5.22 10.26
CA SER C 351 15.83 4.98 11.34
C SER C 351 15.46 3.82 12.23
N SER C 352 14.28 3.22 12.02
CA SER C 352 13.98 1.94 12.66
C SER C 352 14.72 0.77 12.03
N LEU C 353 15.34 0.98 10.86
CA LEU C 353 16.02 -0.08 10.10
C LEU C 353 15.07 -1.24 9.76
N TRP C 354 13.77 -0.94 9.64
CA TRP C 354 12.82 -1.94 9.17
C TRP C 354 13.26 -2.59 7.87
N LYS C 355 13.89 -1.82 6.98
CA LYS C 355 14.39 -2.41 5.74
C LYS C 355 15.46 -3.45 6.04
N ASP C 356 16.36 -3.15 6.98
CA ASP C 356 17.43 -4.09 7.32
C ASP C 356 16.88 -5.31 8.05
N LYS C 357 15.90 -5.13 8.92
CA LYS C 357 15.40 -6.28 9.65
C LYS C 357 14.64 -7.23 8.74
N ALA C 358 13.81 -6.69 7.84
CA ALA C 358 13.06 -7.51 6.89
C ALA C 358 13.99 -8.28 5.96
N ALA C 359 15.06 -7.62 5.48
CA ALA C 359 15.98 -8.26 4.55
C ALA C 359 16.67 -9.45 5.18
N VAL C 360 17.13 -9.29 6.43
CA VAL C 360 17.82 -10.37 7.12
C VAL C 360 16.91 -11.59 7.26
N GLU C 361 15.65 -11.39 7.65
CA GLU C 361 14.79 -12.54 7.84
C GLU C 361 14.45 -13.21 6.51
N ILE C 362 14.30 -12.42 5.43
CA ILE C 362 14.12 -13.02 4.12
C ILE C 362 15.31 -13.91 3.77
N ASN C 363 16.52 -13.46 4.10
CA ASN C 363 17.69 -14.30 3.86
C ASN C 363 17.68 -15.53 4.75
N VAL C 364 17.25 -15.40 6.00
CA VAL C 364 17.14 -16.57 6.89
C VAL C 364 16.12 -17.56 6.35
N ALA C 365 14.95 -17.07 5.96
CA ALA C 365 13.95 -17.90 5.29
C ALA C 365 14.55 -18.65 4.10
N VAL C 366 15.40 -17.98 3.31
CA VAL C 366 15.96 -18.61 2.12
C VAL C 366 16.87 -19.76 2.51
N LEU C 367 17.84 -19.49 3.41
CA LEU C 367 18.78 -20.53 3.82
C LEU C 367 18.05 -21.72 4.46
N HIS C 368 17.17 -21.46 5.44
CA HIS C 368 16.40 -22.51 6.10
C HIS C 368 15.64 -23.36 5.08
N SER C 369 14.95 -22.69 4.16
CA SER C 369 14.13 -23.37 3.17
C SER C 369 14.97 -24.27 2.26
N TYR C 370 16.08 -23.74 1.74
CA TYR C 370 16.96 -24.56 0.92
C TYR C 370 17.55 -25.72 1.71
N GLN C 371 18.00 -25.47 2.94
CA GLN C 371 18.56 -26.54 3.75
C GLN C 371 17.52 -27.61 4.02
N LEU C 372 16.35 -27.20 4.51
CA LEU C 372 15.31 -28.16 4.84
C LEU C 372 14.98 -29.05 3.65
N ALA C 373 15.00 -28.49 2.45
CA ALA C 373 14.71 -29.22 1.23
C ALA C 373 15.94 -29.89 0.65
N LYS C 374 17.06 -29.88 1.39
CA LYS C 374 18.26 -30.61 0.98
C LYS C 374 18.78 -30.12 -0.36
N VAL C 375 18.67 -28.82 -0.62
CA VAL C 375 19.17 -28.19 -1.84
C VAL C 375 20.43 -27.40 -1.51
N THR C 376 21.49 -27.64 -2.26
CA THR C 376 22.76 -26.97 -2.04
C THR C 376 22.60 -25.45 -2.08
N ILE C 377 23.00 -24.79 -0.99
CA ILE C 377 23.05 -23.33 -0.93
C ILE C 377 24.21 -22.94 -0.04
N VAL C 378 24.74 -21.73 -0.25
CA VAL C 378 25.83 -21.21 0.59
C VAL C 378 25.48 -19.81 1.08
N ASP C 379 25.72 -19.56 2.37
CA ASP C 379 25.49 -18.22 2.88
C ASP C 379 26.65 -17.31 2.54
N HIS C 380 26.42 -16.00 2.64
CA HIS C 380 27.43 -15.07 2.15
C HIS C 380 28.66 -15.04 3.06
N HIS C 381 28.52 -15.35 4.35
CA HIS C 381 29.71 -15.46 5.18
C HIS C 381 30.58 -16.62 4.75
N ALA C 382 30.00 -17.81 4.56
CA ALA C 382 30.82 -18.95 4.17
C ALA C 382 31.45 -18.72 2.81
N ALA C 383 30.69 -18.17 1.85
CA ALA C 383 31.22 -17.96 0.50
C ALA C 383 32.38 -16.98 0.50
N THR C 384 32.22 -15.82 1.17
CA THR C 384 33.29 -14.83 1.18
C THR C 384 34.54 -15.38 1.87
N ALA C 385 34.36 -16.16 2.93
CA ALA C 385 35.54 -16.73 3.57
C ALA C 385 36.23 -17.75 2.65
N SER C 386 35.47 -18.45 1.80
CA SER C 386 36.12 -19.36 0.87
CA SER C 386 36.11 -19.37 0.86
C SER C 386 36.77 -18.61 -0.28
N PHE C 387 36.30 -17.40 -0.58
CA PHE C 387 36.96 -16.61 -1.62
C PHE C 387 38.26 -16.04 -1.11
N MET C 388 38.35 -15.72 0.18
CA MET C 388 39.64 -15.37 0.75
C MET C 388 40.63 -16.50 0.56
N LYS C 389 40.20 -17.75 0.83
CA LYS C 389 41.09 -18.89 0.60
C LYS C 389 41.50 -18.97 -0.87
N HIS C 390 40.55 -18.78 -1.78
CA HIS C 390 40.88 -18.77 -3.20
C HIS C 390 41.91 -17.69 -3.54
N LEU C 391 41.82 -16.53 -2.88
CA LEU C 391 42.81 -15.47 -3.09
C LEU C 391 44.20 -15.94 -2.72
N GLU C 392 44.32 -16.61 -1.57
CA GLU C 392 45.60 -17.12 -1.09
C GLU C 392 46.16 -18.22 -2.02
N ASN C 393 45.33 -19.20 -2.38
CA ASN C 393 45.78 -20.24 -3.32
C ASN C 393 46.23 -19.62 -4.62
N GLU C 394 45.46 -18.65 -5.14
CA GLU C 394 45.82 -18.07 -6.43
C GLU C 394 47.06 -17.19 -6.32
N GLN C 395 47.33 -16.62 -5.15
CA GLN C 395 48.56 -15.85 -5.01
C GLN C 395 49.78 -16.74 -5.20
N LYS C 396 49.71 -17.99 -4.74
CA LYS C 396 50.80 -18.95 -4.97
C LYS C 396 50.76 -19.53 -6.38
N ALA C 397 49.58 -19.95 -6.83
CA ALA C 397 49.45 -20.57 -8.14
C ALA C 397 49.90 -19.65 -9.25
N ARG C 398 49.40 -18.40 -9.24
CA ARG C 398 49.50 -17.52 -10.40
C ARG C 398 50.02 -16.11 -10.11
N GLY C 399 50.30 -15.76 -8.85
CA GLY C 399 50.77 -14.42 -8.55
C GLY C 399 49.73 -13.33 -8.70
N GLY C 400 48.51 -13.56 -8.20
CA GLY C 400 47.41 -12.62 -8.30
C GLY C 400 46.09 -13.27 -8.69
N CYS C 401 45.00 -12.53 -8.56
CA CYS C 401 43.70 -13.04 -8.96
C CYS C 401 42.81 -11.86 -9.31
N PRO C 402 42.32 -11.76 -10.54
CA PRO C 402 41.46 -10.61 -10.90
C PRO C 402 40.10 -10.69 -10.22
N ALA C 403 39.70 -9.60 -9.60
CA ALA C 403 38.51 -9.59 -8.77
C ALA C 403 37.88 -8.20 -8.80
N ASP C 404 36.56 -8.18 -8.82
CA ASP C 404 35.73 -6.99 -8.96
C ASP C 404 35.02 -6.79 -7.62
N TRP C 405 35.63 -5.92 -6.82
CA TRP C 405 35.21 -5.65 -5.44
C TRP C 405 33.71 -5.39 -5.32
N ALA C 406 33.15 -4.56 -6.23
CA ALA C 406 31.73 -4.22 -6.16
C ALA C 406 30.83 -5.45 -6.28
N TRP C 407 31.31 -6.53 -6.96
CA TRP C 407 30.57 -7.76 -7.17
C TRP C 407 31.00 -8.90 -6.25
N ILE C 408 32.23 -8.87 -5.71
CA ILE C 408 32.64 -9.82 -4.70
C ILE C 408 31.97 -9.51 -3.36
N VAL C 409 31.94 -8.25 -2.93
CA VAL C 409 31.33 -7.89 -1.64
C VAL C 409 29.82 -8.18 -1.69
N PRO C 410 29.28 -8.91 -0.72
CA PRO C 410 27.85 -9.26 -0.73
C PRO C 410 26.96 -8.05 -0.55
N PRO C 411 25.72 -8.08 -1.07
CA PRO C 411 24.86 -6.88 -1.05
C PRO C 411 24.14 -6.64 0.27
N ILE C 412 24.42 -7.46 1.29
CA ILE C 412 24.04 -7.13 2.67
C ILE C 412 25.23 -7.48 3.54
N SER C 413 25.31 -6.80 4.68
CA SER C 413 26.37 -7.05 5.67
C SER C 413 27.79 -6.98 5.09
N GLY C 414 27.99 -6.21 4.01
CA GLY C 414 29.29 -6.08 3.34
C GLY C 414 30.51 -6.16 4.25
N SER C 415 30.62 -5.23 5.20
CA SER C 415 31.81 -5.12 6.03
C SER C 415 31.86 -6.14 7.15
N LEU C 416 30.82 -6.98 7.30
CA LEU C 416 30.87 -8.12 8.21
C LEU C 416 31.59 -9.31 7.59
N THR C 417 31.88 -9.26 6.23
CA THR C 417 32.59 -10.28 5.45
C THR C 417 34.02 -9.82 5.19
N PRO C 418 34.96 -10.77 5.05
CA PRO C 418 36.38 -10.40 4.97
C PRO C 418 36.79 -9.77 3.65
N VAL C 419 36.02 -10.02 2.58
CA VAL C 419 36.36 -9.45 1.29
C VAL C 419 36.17 -7.95 1.27
N PHE C 420 35.37 -7.40 2.19
CA PHE C 420 35.16 -5.95 2.24
C PHE C 420 36.46 -5.22 2.55
N HIS C 421 37.28 -5.80 3.43
CA HIS C 421 38.55 -5.21 3.84
C HIS C 421 39.70 -5.57 2.92
N GLN C 422 39.45 -6.37 1.88
CA GLN C 422 40.49 -6.84 0.98
C GLN C 422 40.54 -5.96 -0.27
N GLU C 423 41.65 -5.27 -0.48
CA GLU C 423 41.85 -4.57 -1.73
C GLU C 423 41.99 -5.58 -2.88
N MET C 424 41.46 -5.22 -4.05
CA MET C 424 41.43 -6.11 -5.19
C MET C 424 41.85 -5.39 -6.47
N VAL C 425 42.42 -6.16 -7.39
CA VAL C 425 42.81 -5.69 -8.72
C VAL C 425 41.93 -6.38 -9.76
N ASN C 426 41.29 -5.59 -10.64
CA ASN C 426 40.44 -6.13 -11.70
C ASN C 426 41.08 -5.97 -13.07
N TYR C 427 41.03 -7.03 -13.88
CA TYR C 427 41.55 -7.03 -15.23
C TYR C 427 40.99 -8.23 -16.00
N PHE C 428 41.25 -8.25 -17.32
CA PHE C 428 40.69 -9.24 -18.22
C PHE C 428 41.77 -10.23 -18.62
N LEU C 429 41.54 -11.51 -18.31
CA LEU C 429 42.33 -12.59 -18.84
C LEU C 429 41.48 -13.37 -19.84
N SER C 430 42.16 -14.19 -20.63
CA SER C 430 41.57 -15.16 -21.52
C SER C 430 42.10 -16.54 -21.15
N PRO C 431 41.30 -17.61 -21.31
CA PRO C 431 39.89 -17.70 -21.70
C PRO C 431 38.97 -16.93 -20.75
N ALA C 432 37.78 -16.54 -21.22
CA ALA C 432 36.90 -15.68 -20.44
C ALA C 432 35.44 -15.96 -20.74
N PHE C 433 34.59 -15.60 -19.77
CA PHE C 433 33.17 -15.41 -20.04
C PHE C 433 32.92 -13.93 -20.30
N ARG C 434 32.31 -13.63 -21.45
CA ARG C 434 32.05 -12.26 -21.92
C ARG C 434 30.57 -12.08 -22.20
N TYR C 435 30.07 -10.88 -21.91
CA TYR C 435 28.72 -10.53 -22.31
C TYR C 435 28.65 -10.35 -23.82
N GLN C 436 27.43 -10.45 -24.35
CA GLN C 436 27.24 -10.37 -25.79
C GLN C 436 25.90 -9.71 -26.06
N PRO C 437 25.72 -9.09 -27.22
CA PRO C 437 24.43 -8.46 -27.50
C PRO C 437 23.33 -9.50 -27.56
N ASP C 438 22.10 -9.06 -27.24
CA ASP C 438 20.94 -9.93 -27.35
C ASP C 438 20.78 -10.41 -28.80
N PRO C 439 20.09 -11.53 -29.01
CA PRO C 439 19.94 -12.03 -30.39
C PRO C 439 19.06 -11.16 -31.25
N TRP C 440 18.04 -10.52 -30.68
CA TRP C 440 17.19 -9.62 -31.46
C TRP C 440 17.82 -8.22 -31.58
N PHE D 28 32.58 10.54 -23.51
CA PHE D 28 31.79 10.82 -22.31
C PHE D 28 31.13 9.56 -21.78
N PRO D 29 31.47 9.18 -20.56
CA PRO D 29 30.94 7.94 -20.00
C PRO D 29 29.42 7.98 -19.89
N ARG D 30 28.77 6.93 -20.37
CA ARG D 30 27.36 6.71 -20.12
C ARG D 30 27.20 6.03 -18.76
N VAL D 31 26.27 6.53 -17.96
CA VAL D 31 26.07 6.10 -16.58
C VAL D 31 24.61 5.71 -16.42
N LYS D 32 24.36 4.62 -15.70
CA LYS D 32 23.00 4.10 -15.62
C LYS D 32 22.55 3.93 -14.17
N ASN D 33 21.32 4.31 -13.89
CA ASN D 33 20.66 3.90 -12.66
C ASN D 33 19.85 2.64 -12.94
N TRP D 34 20.21 1.52 -12.29
CA TRP D 34 19.55 0.25 -12.56
C TRP D 34 18.22 0.10 -11.86
N GLU D 35 17.89 0.97 -10.91
CA GLU D 35 16.63 0.88 -10.21
C GLU D 35 15.52 1.53 -11.03
N VAL D 36 15.86 2.54 -11.82
CA VAL D 36 14.90 3.32 -12.60
C VAL D 36 15.09 3.15 -14.11
N GLY D 37 16.26 2.74 -14.58
CA GLY D 37 16.54 2.62 -16.00
C GLY D 37 17.18 3.84 -16.60
N SER D 38 17.33 4.91 -15.85
CA SER D 38 17.70 6.20 -16.40
C SER D 38 19.19 6.25 -16.74
N ILE D 39 19.52 7.12 -17.69
CA ILE D 39 20.85 7.18 -18.29
C ILE D 39 21.29 8.64 -18.37
N THR D 40 22.48 8.92 -17.87
CA THR D 40 23.11 10.22 -18.05
C THR D 40 24.52 10.02 -18.57
N TYR D 41 25.13 11.13 -18.98
CA TYR D 41 26.52 11.16 -19.40
C TYR D 41 27.28 12.12 -18.48
N ASP D 42 28.38 11.63 -17.91
CA ASP D 42 29.22 12.43 -17.02
C ASP D 42 30.22 13.23 -17.87
N THR D 43 29.76 14.40 -18.32
CA THR D 43 30.66 15.28 -19.09
C THR D 43 31.68 15.96 -18.19
N LEU D 44 31.35 16.18 -16.91
CA LEU D 44 32.29 16.84 -16.01
C LEU D 44 33.65 16.12 -15.97
N SER D 45 33.63 14.78 -16.06
CA SER D 45 34.85 14.00 -15.91
C SER D 45 35.93 14.42 -16.90
N ALA D 46 35.53 15.03 -18.02
CA ALA D 46 36.47 15.46 -19.04
C ALA D 46 37.46 16.50 -18.53
N GLN D 47 37.11 17.21 -17.46
CA GLN D 47 37.99 18.21 -16.89
C GLN D 47 38.84 17.68 -15.74
N ALA D 48 38.95 16.36 -15.61
CA ALA D 48 39.68 15.75 -14.51
C ALA D 48 41.13 16.22 -14.53
N GLN D 49 41.51 17.00 -13.51
CA GLN D 49 42.87 17.53 -13.38
C GLN D 49 43.86 16.40 -13.13
N GLN D 50 44.09 16.07 -11.85
CA GLN D 50 45.09 15.07 -11.51
C GLN D 50 44.62 13.68 -11.96
N ASP D 51 45.58 12.77 -12.06
CA ASP D 51 45.34 11.45 -12.62
C ASP D 51 45.28 10.39 -11.53
N GLY D 52 44.27 9.51 -11.64
CA GLY D 52 44.04 8.45 -10.70
C GLY D 52 44.89 7.22 -10.93
N PRO D 53 44.56 6.13 -10.23
CA PRO D 53 45.43 4.95 -10.21
C PRO D 53 45.14 3.91 -11.28
N CYS D 54 44.13 4.11 -12.10
CA CYS D 54 43.69 3.08 -13.03
C CYS D 54 44.26 3.32 -14.41
N THR D 55 44.42 2.23 -15.15
CA THR D 55 44.79 2.20 -16.55
C THR D 55 43.86 1.25 -17.27
N PRO D 56 43.79 1.32 -18.61
CA PRO D 56 42.98 0.32 -19.33
C PRO D 56 43.41 -1.11 -19.05
N ARG D 57 44.61 -1.32 -18.52
CA ARG D 57 45.07 -2.68 -18.25
C ARG D 57 44.45 -3.26 -17.00
N ARG D 58 44.25 -2.43 -15.97
CA ARG D 58 43.79 -2.91 -14.67
C ARG D 58 43.15 -1.76 -13.91
N CYS D 59 42.12 -2.10 -13.15
CA CYS D 59 41.39 -1.17 -12.29
C CYS D 59 41.82 -1.35 -10.84
N LEU D 60 42.04 -0.22 -10.15
CA LEU D 60 42.50 -0.13 -8.77
C LEU D 60 41.57 0.74 -7.94
N GLY D 61 40.30 0.81 -8.35
CA GLY D 61 39.34 1.63 -7.63
C GLY D 61 39.08 1.22 -6.19
N SER D 62 39.39 -0.03 -5.84
CA SER D 62 39.14 -0.52 -4.49
C SER D 62 40.30 -0.27 -3.53
N LEU D 63 41.40 0.31 -4.00
CA LEU D 63 42.54 0.57 -3.13
C LEU D 63 42.28 1.79 -2.27
N VAL D 64 42.67 1.72 -0.98
CA VAL D 64 42.35 2.80 -0.08
C VAL D 64 43.26 4.00 -0.32
N PHE D 65 44.58 3.80 -0.31
CA PHE D 65 45.56 4.86 -0.56
C PHE D 65 46.36 4.48 -1.79
N PRO D 66 45.93 4.88 -2.99
CA PRO D 66 46.63 4.43 -4.21
C PRO D 66 48.02 5.05 -4.41
N ARG D 67 48.52 5.78 -3.42
CA ARG D 67 49.82 6.45 -3.54
C ARG D 67 50.80 6.09 -2.43
N ALA D 79 57.50 25.91 -9.41
CA ALA D 79 56.88 25.79 -10.71
C ALA D 79 55.85 26.88 -10.90
N PRO D 80 56.30 28.10 -11.19
CA PRO D 80 55.38 29.25 -11.19
C PRO D 80 54.23 29.12 -12.17
N GLU D 81 54.49 28.62 -13.40
CA GLU D 81 53.44 28.56 -14.41
C GLU D 81 52.46 27.42 -14.15
N GLN D 82 52.87 26.34 -13.51
CA GLN D 82 51.88 25.31 -13.20
C GLN D 82 50.98 25.79 -12.08
N LEU D 83 51.55 26.51 -11.11
CA LEU D 83 50.72 27.21 -10.12
C LEU D 83 49.76 28.19 -10.77
N LEU D 84 50.22 28.92 -11.80
CA LEU D 84 49.38 29.94 -12.41
C LEU D 84 48.16 29.32 -13.09
N SER D 85 48.36 28.23 -13.84
CA SER D 85 47.24 27.58 -14.52
C SER D 85 46.24 27.03 -13.50
N GLN D 86 46.71 26.53 -12.36
CA GLN D 86 45.82 26.11 -11.30
C GLN D 86 45.11 27.30 -10.68
N ALA D 87 45.85 28.40 -10.47
CA ALA D 87 45.26 29.62 -9.93
C ALA D 87 44.19 30.17 -10.88
N ARG D 88 44.55 30.30 -12.17
CA ARG D 88 43.61 30.79 -13.17
C ARG D 88 42.36 29.94 -13.22
N ASP D 89 42.52 28.61 -13.24
CA ASP D 89 41.34 27.78 -13.27
C ASP D 89 40.45 28.06 -12.07
N PHE D 90 41.07 28.17 -10.88
CA PHE D 90 40.26 28.40 -9.68
C PHE D 90 39.51 29.72 -9.77
N ILE D 91 40.22 30.81 -10.11
CA ILE D 91 39.57 32.12 -10.24
C ILE D 91 38.39 32.05 -11.20
N ASN D 92 38.57 31.36 -12.33
CA ASN D 92 37.46 31.20 -13.27
C ASN D 92 36.33 30.45 -12.61
N GLN D 93 36.63 29.47 -11.76
CA GLN D 93 35.58 28.75 -11.07
C GLN D 93 34.82 29.70 -10.18
N TYR D 94 35.54 30.54 -9.44
CA TYR D 94 34.88 31.48 -8.55
C TYR D 94 33.96 32.41 -9.34
N TYR D 95 34.44 32.94 -10.46
CA TYR D 95 33.63 33.93 -11.16
C TYR D 95 32.41 33.31 -11.82
N SER D 96 32.50 32.04 -12.21
CA SER D 96 31.29 31.34 -12.66
C SER D 96 30.27 31.20 -11.54
N SER D 97 30.73 30.81 -10.35
CA SER D 97 29.82 30.59 -9.23
C SER D 97 28.93 31.81 -8.98
N ILE D 98 29.47 33.02 -9.15
CA ILE D 98 28.72 34.25 -8.94
C ILE D 98 28.24 34.85 -10.25
N LYS D 99 28.22 34.08 -11.33
CA LYS D 99 27.65 34.50 -12.61
C LYS D 99 28.21 35.85 -13.07
N ARG D 100 29.54 35.93 -13.13
CA ARG D 100 30.19 37.16 -13.56
C ARG D 100 31.45 36.87 -14.36
N SER D 101 31.48 35.72 -15.04
CA SER D 101 32.59 35.39 -15.92
C SER D 101 32.81 36.50 -16.94
N GLY D 102 34.07 36.78 -17.24
CA GLY D 102 34.38 37.79 -18.24
C GLY D 102 34.07 39.22 -17.85
N SER D 103 33.67 39.49 -16.61
CA SER D 103 33.50 40.88 -16.20
C SER D 103 34.87 41.52 -15.99
N GLN D 104 34.86 42.84 -15.75
CA GLN D 104 36.10 43.54 -15.41
C GLN D 104 36.73 42.98 -14.14
N ALA D 105 35.92 42.75 -13.11
CA ALA D 105 36.46 42.24 -11.85
C ALA D 105 37.12 40.87 -12.05
N HIS D 106 36.63 40.10 -13.02
CA HIS D 106 37.23 38.81 -13.36
C HIS D 106 38.59 39.01 -14.02
N GLU D 107 38.65 39.82 -15.08
CA GLU D 107 39.93 40.19 -15.70
C GLU D 107 40.93 40.70 -14.67
N GLN D 108 40.47 41.58 -13.77
CA GLN D 108 41.39 42.24 -12.84
C GLN D 108 41.93 41.28 -11.79
N ARG D 109 41.07 40.41 -11.25
CA ARG D 109 41.54 39.45 -10.26
C ARG D 109 42.55 38.49 -10.88
N LEU D 110 42.33 38.07 -12.13
CA LEU D 110 43.30 37.22 -12.82
C LEU D 110 44.64 37.95 -12.99
N GLN D 111 44.61 39.18 -13.50
CA GLN D 111 45.83 39.96 -13.60
C GLN D 111 46.46 40.16 -12.23
N GLU D 112 45.62 40.41 -11.22
CA GLU D 112 46.15 40.61 -9.88
C GLU D 112 46.90 39.38 -9.40
N VAL D 113 46.33 38.18 -9.61
CA VAL D 113 46.99 36.98 -9.14
C VAL D 113 48.29 36.74 -9.89
N GLU D 114 48.26 36.92 -11.21
CA GLU D 114 49.44 36.70 -12.04
C GLU D 114 50.57 37.66 -11.68
N ALA D 115 50.25 38.81 -11.08
CA ALA D 115 51.30 39.73 -10.67
C ALA D 115 51.90 39.32 -9.32
N GLU D 116 51.06 38.82 -8.41
CA GLU D 116 51.59 38.44 -7.10
C GLU D 116 52.46 37.19 -7.19
N VAL D 117 52.09 36.26 -8.07
CA VAL D 117 52.91 35.07 -8.31
C VAL D 117 54.26 35.48 -8.89
N ALA D 118 54.25 36.39 -9.87
CA ALA D 118 55.48 36.79 -10.52
C ALA D 118 56.44 37.47 -9.54
N ALA D 119 55.90 38.25 -8.61
CA ALA D 119 56.72 38.95 -7.63
C ALA D 119 57.13 38.06 -6.46
N THR D 120 56.20 37.27 -5.93
CA THR D 120 56.45 36.55 -4.70
C THR D 120 56.56 35.05 -4.88
N GLY D 121 56.24 34.52 -6.07
CA GLY D 121 56.17 33.09 -6.23
C GLY D 121 54.91 32.44 -5.71
N THR D 122 54.03 33.18 -5.04
CA THR D 122 52.77 32.66 -4.54
C THR D 122 51.71 33.77 -4.57
N TYR D 123 50.54 33.47 -4.01
CA TYR D 123 49.51 34.50 -3.90
C TYR D 123 48.65 34.18 -2.70
N GLN D 124 47.77 35.12 -2.36
CA GLN D 124 46.83 34.96 -1.25
C GLN D 124 45.42 34.92 -1.78
N LEU D 125 44.59 34.04 -1.20
CA LEU D 125 43.18 34.02 -1.53
C LEU D 125 42.46 35.19 -0.88
N ARG D 126 41.58 35.83 -1.64
CA ARG D 126 40.63 36.72 -1.01
C ARG D 126 39.75 35.91 -0.06
N GLU D 127 39.21 36.57 0.96
CA GLU D 127 38.37 35.87 1.92
C GLU D 127 37.29 35.06 1.21
N SER D 128 36.58 35.69 0.27
CA SER D 128 35.45 35.05 -0.38
CA SER D 128 35.45 35.04 -0.36
C SER D 128 35.88 33.86 -1.22
N GLU D 129 37.10 33.89 -1.79
CA GLU D 129 37.61 32.76 -2.57
C GLU D 129 37.94 31.58 -1.69
N LEU D 130 38.40 31.83 -0.46
CA LEU D 130 38.65 30.75 0.46
C LEU D 130 37.34 30.04 0.85
N VAL D 131 36.29 30.81 1.14
CA VAL D 131 35.01 30.21 1.51
C VAL D 131 34.49 29.33 0.37
N PHE D 132 34.49 29.87 -0.84
CA PHE D 132 34.09 29.09 -2.01
C PHE D 132 35.03 27.89 -2.21
N GLY D 133 36.35 28.12 -2.13
CA GLY D 133 37.29 27.03 -2.28
C GLY D 133 37.02 25.85 -1.34
N ALA D 134 36.75 26.13 -0.06
CA ALA D 134 36.55 25.02 0.88
C ALA D 134 35.25 24.30 0.59
N LYS D 135 34.21 25.04 0.22
CA LYS D 135 32.96 24.40 -0.17
C LYS D 135 33.14 23.53 -1.39
N GLN D 136 33.97 23.97 -2.35
CA GLN D 136 34.16 23.20 -3.57
C GLN D 136 34.97 21.94 -3.32
N ALA D 137 35.97 22.03 -2.46
CA ALA D 137 36.70 20.84 -2.04
C ALA D 137 35.75 19.76 -1.50
N TRP D 138 34.80 20.15 -0.63
CA TRP D 138 33.75 19.24 -0.16
C TRP D 138 32.91 18.72 -1.32
N ARG D 139 32.41 19.64 -2.15
CA ARG D 139 31.60 19.24 -3.30
C ARG D 139 32.34 18.24 -4.20
N ASN D 140 33.67 18.34 -4.30
CA ASN D 140 34.48 17.51 -5.16
C ASN D 140 34.90 16.17 -4.53
N ALA D 141 34.62 15.95 -3.24
CA ALA D 141 35.16 14.79 -2.53
C ALA D 141 34.42 13.50 -2.92
N PRO D 142 35.03 12.58 -3.69
CA PRO D 142 34.24 11.45 -4.25
C PRO D 142 33.77 10.46 -3.23
N ARG D 143 34.42 10.35 -2.08
CA ARG D 143 34.10 9.37 -1.05
C ARG D 143 33.13 9.89 0.01
N CYS D 144 32.57 11.11 -0.11
CA CYS D 144 31.67 11.66 0.91
C CYS D 144 30.24 11.53 0.42
N VAL D 145 29.41 10.82 1.21
CA VAL D 145 27.99 10.68 0.93
C VAL D 145 27.17 11.83 1.51
N GLY D 146 27.75 12.68 2.36
CA GLY D 146 27.00 13.83 2.86
C GLY D 146 27.03 15.09 1.99
N ARG D 147 27.41 15.00 0.72
CA ARG D 147 27.63 16.25 -0.05
C ARG D 147 26.34 16.91 -0.48
N ILE D 148 25.16 16.46 -0.03
CA ILE D 148 23.97 17.25 -0.27
C ILE D 148 24.11 18.57 0.45
N GLN D 149 24.88 18.59 1.53
CA GLN D 149 25.05 19.76 2.38
C GLN D 149 26.14 20.73 1.88
N TRP D 150 26.82 20.43 0.77
CA TRP D 150 28.11 21.09 0.47
C TRP D 150 28.03 22.63 0.55
N GLY D 151 26.87 23.23 0.28
CA GLY D 151 26.73 24.68 0.36
C GLY D 151 26.56 25.25 1.74
N LYS D 152 26.15 24.44 2.73
CA LYS D 152 26.00 24.91 4.11
C LYS D 152 27.24 24.48 4.87
N LEU D 153 28.23 25.36 4.87
CA LEU D 153 29.52 25.08 5.48
C LEU D 153 30.02 26.39 6.07
N GLN D 154 30.30 26.37 7.36
CA GLN D 154 30.82 27.52 8.07
C GLN D 154 32.33 27.49 7.97
N VAL D 155 32.92 28.52 7.37
CA VAL D 155 34.35 28.57 7.10
C VAL D 155 34.96 29.56 8.09
N PHE D 156 35.80 29.06 8.99
CA PHE D 156 36.55 29.90 9.93
C PHE D 156 37.94 30.18 9.35
N ASP D 157 38.25 31.45 9.12
CA ASP D 157 39.53 31.86 8.54
C ASP D 157 40.54 31.99 9.67
N ALA D 158 41.44 31.02 9.79
CA ALA D 158 42.52 31.10 10.76
C ALA D 158 43.88 31.39 10.12
N ARG D 159 43.92 32.03 8.94
CA ARG D 159 45.19 32.15 8.23
C ARG D 159 46.17 33.13 8.88
N ASP D 160 45.73 33.95 9.82
CA ASP D 160 46.62 34.79 10.61
C ASP D 160 47.13 34.08 11.86
N CYS D 161 46.90 32.77 11.97
CA CYS D 161 47.32 32.01 13.14
C CYS D 161 48.84 31.99 13.24
N ARG D 162 49.36 32.07 14.46
CA ARG D 162 50.80 32.21 14.59
C ARG D 162 51.46 31.36 15.66
N SER D 163 50.73 30.50 16.37
CA SER D 163 51.39 29.63 17.33
C SER D 163 50.53 28.39 17.57
N ALA D 164 51.13 27.40 18.23
CA ALA D 164 50.39 26.20 18.61
C ALA D 164 49.29 26.55 19.59
N GLN D 165 49.56 27.49 20.50
CA GLN D 165 48.55 27.90 21.45
C GLN D 165 47.36 28.54 20.75
N GLU D 166 47.63 29.38 19.75
CA GLU D 166 46.51 29.98 19.02
C GLU D 166 45.78 28.93 18.19
N MET D 167 46.48 27.88 17.77
CA MET D 167 45.83 26.76 17.08
C MET D 167 44.78 26.12 17.96
N PHE D 168 45.15 25.80 19.20
CA PHE D 168 44.22 25.20 20.15
C PHE D 168 42.99 26.07 20.32
N THR D 169 43.18 27.39 20.46
CA THR D 169 42.06 28.30 20.63
C THR D 169 41.13 28.26 19.42
N TYR D 170 41.70 28.24 18.21
CA TYR D 170 40.88 28.14 17.02
C TYR D 170 40.12 26.82 16.96
N ILE D 171 40.68 25.75 17.56
CA ILE D 171 40.07 24.43 17.42
C ILE D 171 38.94 24.28 18.43
N CYS D 172 39.16 24.80 19.63
CA CYS D 172 38.07 24.87 20.62
C CYS D 172 36.90 25.67 20.10
N ASN D 173 37.16 26.84 19.49
CA ASN D 173 36.05 27.59 18.91
C ASN D 173 35.34 26.77 17.84
N HIS D 174 36.11 26.05 17.01
CA HIS D 174 35.52 25.19 16.00
C HIS D 174 34.63 24.13 16.66
N ILE D 175 35.16 23.42 17.68
CA ILE D 175 34.42 22.33 18.31
C ILE D 175 33.13 22.86 18.92
N LYS D 176 33.21 24.01 19.58
CA LYS D 176 32.04 24.57 20.24
C LYS D 176 30.98 24.97 19.23
N TYR D 177 31.37 25.70 18.18
CA TYR D 177 30.41 26.06 17.12
C TYR D 177 29.77 24.81 16.48
N ALA D 178 30.60 23.84 16.02
CA ALA D 178 30.07 22.70 15.27
C ALA D 178 29.22 21.77 16.14
N THR D 179 29.61 21.61 17.40
CA THR D 179 28.85 20.76 18.31
C THR D 179 27.50 21.39 18.64
N ASN D 180 27.51 22.63 19.12
CA ASN D 180 26.27 23.38 19.31
C ASN D 180 25.31 22.60 20.20
N ARG D 181 25.86 22.05 21.29
CA ARG D 181 25.19 21.14 22.23
C ARG D 181 24.29 20.11 21.55
N GLY D 182 24.74 19.55 20.42
CA GLY D 182 24.08 18.42 19.79
C GLY D 182 23.38 18.72 18.46
N ASN D 183 23.09 19.99 18.18
CA ASN D 183 22.51 20.38 16.89
C ASN D 183 23.68 20.72 15.96
N LEU D 184 24.20 19.69 15.27
CA LEU D 184 25.52 19.79 14.67
C LEU D 184 25.51 20.69 13.43
N ARG D 185 26.63 21.38 13.24
CA ARG D 185 26.79 22.33 12.15
C ARG D 185 28.10 22.06 11.43
N SER D 186 28.04 21.89 10.13
CA SER D 186 29.25 21.66 9.35
C SER D 186 30.17 22.86 9.46
N ALA D 187 31.45 22.60 9.67
CA ALA D 187 32.40 23.69 9.81
C ALA D 187 33.76 23.25 9.28
N ILE D 188 34.60 24.22 8.95
CA ILE D 188 36.02 24.00 8.64
C ILE D 188 36.80 25.23 9.11
N THR D 189 37.96 24.97 9.73
CA THR D 189 38.93 25.99 10.10
C THR D 189 40.17 25.82 9.22
N VAL D 190 40.55 26.87 8.53
CA VAL D 190 41.67 26.83 7.59
C VAL D 190 42.82 27.61 8.19
N PHE D 191 43.88 26.89 8.57
CA PHE D 191 45.10 27.46 9.11
C PHE D 191 46.03 27.87 8.00
N PRO D 192 47.10 28.62 8.29
CA PRO D 192 47.90 29.23 7.22
C PRO D 192 48.39 28.25 6.17
N GLN D 193 48.48 28.76 4.94
CA GLN D 193 48.93 27.96 3.83
C GLN D 193 50.41 27.62 3.94
N ARG D 194 50.78 26.50 3.32
CA ARG D 194 52.17 26.14 3.15
C ARG D 194 52.88 27.24 2.36
N CYS D 195 54.09 27.57 2.80
CA CYS D 195 54.88 28.51 2.02
C CYS D 195 56.36 28.22 2.23
N PRO D 196 57.19 28.50 1.22
CA PRO D 196 58.61 28.12 1.31
C PRO D 196 59.34 28.86 2.42
N GLY D 197 60.30 28.15 3.02
CA GLY D 197 61.13 28.73 4.07
C GLY D 197 60.47 28.80 5.42
N ARG D 198 59.53 27.90 5.68
CA ARG D 198 58.72 27.88 6.90
C ARG D 198 57.96 26.57 6.90
N GLY D 199 58.02 25.84 7.99
CA GLY D 199 57.31 24.58 8.09
C GLY D 199 55.81 24.78 8.06
N ASP D 200 55.12 23.65 7.98
CA ASP D 200 53.66 23.58 7.95
C ASP D 200 53.06 23.61 9.35
N PHE D 201 51.93 24.29 9.50
CA PHE D 201 51.00 23.93 10.57
C PHE D 201 50.48 22.50 10.31
N ARG D 202 50.53 21.64 11.32
CA ARG D 202 49.91 20.32 11.23
C ARG D 202 49.21 19.96 12.52
N ILE D 203 48.10 19.24 12.40
CA ILE D 203 47.43 18.58 13.52
C ILE D 203 47.78 17.10 13.42
N TRP D 204 48.42 16.55 14.46
CA TRP D 204 48.90 15.19 14.36
C TRP D 204 47.77 14.17 14.46
N ASN D 205 46.75 14.45 15.26
CA ASN D 205 45.62 13.53 15.41
C ASN D 205 44.82 13.49 14.11
N SER D 206 44.21 12.32 13.85
CA SER D 206 43.47 12.12 12.61
C SER D 206 42.08 12.73 12.68
N GLN D 207 41.51 12.81 13.87
CA GLN D 207 40.27 13.53 14.13
C GLN D 207 40.49 14.41 15.35
N LEU D 208 39.68 15.46 15.47
CA LEU D 208 39.83 16.30 16.65
C LEU D 208 39.45 15.56 17.91
N VAL D 209 38.50 14.64 17.83
CA VAL D 209 38.04 13.86 18.98
C VAL D 209 38.21 12.40 18.62
N ARG D 210 38.95 11.66 19.46
CA ARG D 210 39.34 10.28 19.22
C ARG D 210 39.55 9.61 20.56
N TYR D 211 39.26 8.30 20.63
CA TYR D 211 39.44 7.54 21.85
C TYR D 211 40.82 6.92 21.88
N ALA D 212 41.43 6.92 23.06
CA ALA D 212 42.76 6.35 23.21
C ALA D 212 42.75 4.86 22.90
N GLY D 213 43.85 4.35 22.37
CA GLY D 213 44.02 2.94 22.17
C GLY D 213 45.36 2.45 22.70
N TYR D 214 45.33 1.75 23.84
CA TYR D 214 46.55 1.33 24.53
C TYR D 214 46.88 -0.11 24.19
N ARG D 215 48.10 -0.36 23.70
CA ARG D 215 48.59 -1.73 23.65
C ARG D 215 48.62 -2.30 25.06
N GLN D 216 48.14 -3.52 25.22
CA GLN D 216 48.08 -4.15 26.52
C GLN D 216 49.28 -5.07 26.74
N GLN D 217 49.24 -5.81 27.84
CA GLN D 217 50.34 -6.72 28.18
C GLN D 217 50.62 -7.70 27.05
N ASP D 218 49.59 -8.08 26.29
CA ASP D 218 49.59 -9.30 25.48
C ASP D 218 49.73 -9.09 23.98
N GLY D 219 49.80 -7.84 23.51
CA GLY D 219 49.60 -7.55 22.11
C GLY D 219 48.16 -7.25 21.74
N SER D 220 47.25 -7.36 22.71
CA SER D 220 45.87 -6.92 22.57
C SER D 220 45.81 -5.41 22.75
N VAL D 221 44.61 -4.84 22.80
CA VAL D 221 44.42 -3.39 22.92
C VAL D 221 43.23 -3.12 23.81
N ARG D 222 43.35 -2.13 24.69
CA ARG D 222 42.23 -1.59 25.44
C ARG D 222 41.92 -0.20 24.89
N GLY D 223 40.67 0.03 24.51
CA GLY D 223 40.32 1.21 23.76
C GLY D 223 40.29 0.94 22.26
N ASP D 224 40.43 2.01 21.49
CA ASP D 224 40.27 1.92 20.04
C ASP D 224 41.59 1.50 19.39
N PRO D 225 41.65 0.34 18.73
CA PRO D 225 42.93 -0.09 18.12
C PRO D 225 43.38 0.78 16.94
N ALA D 226 42.45 1.46 16.27
CA ALA D 226 42.83 2.38 15.19
C ALA D 226 43.76 3.48 15.68
N ASN D 227 43.76 3.81 16.98
CA ASN D 227 44.48 4.96 17.51
C ASN D 227 45.64 4.56 18.41
N VAL D 228 46.22 3.36 18.21
CA VAL D 228 47.33 2.93 19.05
C VAL D 228 48.58 3.78 18.77
N GLU D 229 48.78 4.16 17.52
CA GLU D 229 49.99 4.90 17.18
C GLU D 229 49.94 6.32 17.73
N ILE D 230 48.83 7.02 17.51
CA ILE D 230 48.71 8.38 18.03
C ILE D 230 48.64 8.37 19.56
N THR D 231 48.06 7.32 20.15
CA THR D 231 48.14 7.16 21.60
C THR D 231 49.58 7.11 22.08
N GLU D 232 50.44 6.36 21.39
CA GLU D 232 51.83 6.20 21.84
C GLU D 232 52.65 7.48 21.65
N LEU D 233 52.31 8.29 20.66
CA LEU D 233 53.01 9.57 20.51
C LEU D 233 52.52 10.58 21.53
N CYS D 234 51.26 10.50 21.94
CA CYS D 234 50.76 11.35 23.02
C CYS D 234 51.49 11.06 24.31
N ILE D 235 51.59 9.77 24.68
CA ILE D 235 52.23 9.41 25.94
C ILE D 235 53.63 9.99 26.00
N GLN D 236 54.46 9.62 25.03
CA GLN D 236 55.85 10.02 25.02
C GLN D 236 56.03 11.53 24.87
N HIS D 237 54.96 12.27 24.59
CA HIS D 237 54.97 13.73 24.64
C HIS D 237 54.40 14.26 25.95
N GLY D 238 54.36 13.42 26.99
CA GLY D 238 54.06 13.87 28.33
C GLY D 238 52.65 13.57 28.83
N TRP D 239 51.75 13.10 27.98
CA TRP D 239 50.38 12.90 28.41
C TRP D 239 50.30 11.78 29.45
N THR D 240 49.57 12.03 30.53
CA THR D 240 49.30 10.99 31.51
C THR D 240 48.16 10.12 31.02
N PRO D 241 48.38 8.83 30.80
CA PRO D 241 47.35 8.01 30.18
C PRO D 241 46.24 7.62 31.14
N GLY D 242 45.11 7.21 30.56
CA GLY D 242 44.07 6.55 31.30
C GLY D 242 44.19 5.04 31.17
N ASN D 243 43.11 4.34 31.59
CA ASN D 243 43.04 2.91 31.35
C ASN D 243 41.61 2.48 31.01
N GLY D 244 40.86 3.38 30.36
CA GLY D 244 39.51 3.10 29.94
C GLY D 244 39.45 2.78 28.46
N ARG D 245 38.26 2.35 28.02
CA ARG D 245 38.01 2.05 26.62
C ARG D 245 37.57 3.28 25.84
N PHE D 246 37.18 4.35 26.53
CA PHE D 246 36.62 5.54 25.87
C PHE D 246 37.26 6.79 26.42
N ASP D 247 38.60 6.80 26.48
CA ASP D 247 39.37 7.93 26.96
C ASP D 247 39.68 8.88 25.81
N VAL D 248 39.22 10.12 25.91
CA VAL D 248 39.48 11.09 24.85
C VAL D 248 40.96 11.45 24.85
N LEU D 249 41.58 11.35 23.68
CA LEU D 249 42.99 11.69 23.52
C LEU D 249 43.22 13.20 23.55
N PRO D 250 44.37 13.65 24.03
CA PRO D 250 44.73 15.06 23.88
C PRO D 250 45.18 15.36 22.45
N LEU D 251 45.15 16.64 22.10
CA LEU D 251 45.57 17.07 20.77
C LEU D 251 47.08 17.31 20.75
N LEU D 252 47.72 16.90 19.66
CA LEU D 252 49.12 17.24 19.39
C LEU D 252 49.10 18.26 18.27
N LEU D 253 49.47 19.49 18.58
CA LEU D 253 49.43 20.60 17.64
C LEU D 253 50.84 21.03 17.26
N GLN D 254 51.08 21.20 15.97
CA GLN D 254 52.40 21.48 15.43
C GLN D 254 52.33 22.84 14.76
N ALA D 255 53.06 23.81 15.31
CA ALA D 255 53.29 25.07 14.65
C ALA D 255 54.58 24.97 13.83
N PRO D 256 54.78 25.84 12.84
CA PRO D 256 55.95 25.71 11.96
C PRO D 256 57.26 25.58 12.72
N ASP D 257 58.04 24.52 12.39
CA ASP D 257 59.45 24.37 12.80
C ASP D 257 59.60 24.10 14.29
N GLU D 258 58.56 23.56 14.89
CA GLU D 258 58.46 23.29 16.31
C GLU D 258 58.02 21.85 16.49
N PRO D 259 58.53 21.12 17.48
CA PRO D 259 57.95 19.84 17.80
C PRO D 259 56.52 20.00 18.25
N PRO D 260 55.70 18.95 18.10
CA PRO D 260 54.28 19.08 18.46
C PRO D 260 54.09 19.41 19.92
N GLU D 261 53.01 20.13 20.19
CA GLU D 261 52.63 20.50 21.55
C GLU D 261 51.32 19.84 21.95
N LEU D 262 51.25 19.40 23.20
CA LEU D 262 50.12 18.68 23.74
C LEU D 262 49.11 19.61 24.44
N PHE D 263 47.83 19.47 24.09
CA PHE D 263 46.75 20.26 24.67
C PHE D 263 45.58 19.35 25.06
N LEU D 264 45.14 19.43 26.32
CA LEU D 264 43.97 18.67 26.76
C LEU D 264 42.67 19.37 26.33
N LEU D 265 41.73 18.59 25.79
CA LEU D 265 40.46 19.19 25.46
C LEU D 265 39.62 19.33 26.73
N PRO D 266 38.91 20.45 26.88
CA PRO D 266 38.00 20.60 28.03
C PRO D 266 36.91 19.55 27.98
N PRO D 267 36.82 18.70 29.01
CA PRO D 267 35.80 17.63 28.99
C PRO D 267 34.40 18.12 28.60
N GLU D 268 34.03 19.35 28.95
CA GLU D 268 32.70 19.86 28.65
C GLU D 268 32.54 20.34 27.22
N LEU D 269 33.63 20.38 26.44
CA LEU D 269 33.56 20.68 25.02
C LEU D 269 33.38 19.42 24.16
N VAL D 270 33.66 18.23 24.71
CA VAL D 270 33.59 16.96 23.98
C VAL D 270 32.28 16.28 24.36
N LEU D 271 31.27 16.44 23.51
CA LEU D 271 29.95 15.85 23.73
C LEU D 271 29.94 14.38 23.35
N GLU D 272 29.51 13.54 24.28
CA GLU D 272 29.52 12.08 24.13
C GLU D 272 28.12 11.52 24.38
N VAL D 273 27.81 10.40 23.72
CA VAL D 273 26.51 9.77 23.79
C VAL D 273 26.69 8.40 24.42
N PRO D 274 26.06 8.12 25.56
CA PRO D 274 26.00 6.73 26.03
C PRO D 274 25.08 5.92 25.14
N LEU D 275 25.51 4.71 24.82
CA LEU D 275 24.76 3.82 23.94
C LEU D 275 23.85 2.89 24.74
N GLU D 276 22.56 2.94 24.45
CA GLU D 276 21.60 1.97 24.96
C GLU D 276 20.70 1.53 23.82
N HIS D 277 19.96 0.45 24.08
CA HIS D 277 19.10 -0.10 23.04
C HIS D 277 17.65 0.12 23.44
N PRO D 278 16.79 0.47 22.48
CA PRO D 278 15.41 0.79 22.84
C PRO D 278 14.64 -0.37 23.44
N THR D 279 14.96 -1.61 23.07
CA THR D 279 14.36 -2.74 23.74
C THR D 279 15.34 -3.71 24.35
N LEU D 280 16.65 -3.63 24.10
CA LEU D 280 17.54 -4.58 24.76
C LEU D 280 18.19 -3.88 25.96
N GLU D 281 17.54 -4.02 27.13
CA GLU D 281 17.95 -3.28 28.32
C GLU D 281 19.34 -3.65 28.78
N TRP D 282 19.77 -4.91 28.57
CA TRP D 282 21.11 -5.27 29.02
C TRP D 282 22.18 -4.56 28.20
N PHE D 283 21.83 -4.09 26.99
CA PHE D 283 22.80 -3.43 26.14
C PHE D 283 23.50 -2.31 26.88
N ALA D 284 22.74 -1.54 27.68
CA ALA D 284 23.31 -0.42 28.41
C ALA D 284 24.49 -0.86 29.26
N ALA D 285 24.49 -2.10 29.77
CA ALA D 285 25.56 -2.55 30.65
C ALA D 285 26.86 -2.86 29.91
N LEU D 286 26.84 -2.91 28.58
CA LEU D 286 28.09 -3.05 27.84
C LEU D 286 29.02 -1.84 28.07
N GLY D 287 28.46 -0.73 28.50
CA GLY D 287 29.25 0.45 28.80
C GLY D 287 29.81 1.11 27.56
N LEU D 288 29.02 1.17 26.50
CA LEU D 288 29.46 1.74 25.24
C LEU D 288 29.03 3.19 25.12
N ARG D 289 29.87 3.97 24.43
CA ARG D 289 29.61 5.38 24.16
C ARG D 289 30.37 5.76 22.90
N TRP D 290 29.93 6.83 22.25
CA TRP D 290 30.70 7.41 21.16
C TRP D 290 30.55 8.93 21.24
N TYR D 291 31.50 9.63 20.63
CA TYR D 291 31.49 11.07 20.65
C TYR D 291 30.58 11.61 19.56
N ALA D 292 30.12 12.86 19.76
CA ALA D 292 29.10 13.44 18.90
C ALA D 292 29.64 13.87 17.55
N LEU D 293 30.89 14.36 17.52
CA LEU D 293 31.42 15.20 16.44
C LEU D 293 32.51 14.49 15.67
N PRO D 294 32.29 14.13 14.38
CA PRO D 294 33.35 13.58 13.52
C PRO D 294 34.11 14.72 12.85
N ALA D 295 35.37 14.88 13.22
CA ALA D 295 36.09 16.08 12.80
C ALA D 295 37.47 15.66 12.30
N VAL D 296 37.54 15.43 10.98
CA VAL D 296 38.76 14.97 10.33
C VAL D 296 39.79 16.10 10.32
N SER D 297 40.98 15.82 10.86
CA SER D 297 42.01 16.83 11.01
C SER D 297 43.31 16.55 10.26
N ASN D 298 43.41 15.44 9.52
CA ASN D 298 44.70 15.03 8.94
C ASN D 298 44.77 15.20 7.42
N MET D 299 43.74 15.75 6.79
CA MET D 299 43.77 15.94 5.35
C MET D 299 44.26 17.35 4.97
N LEU D 300 44.78 17.47 3.75
CA LEU D 300 45.28 18.72 3.23
C LEU D 300 44.26 19.30 2.25
N LEU D 301 43.94 20.56 2.43
CA LEU D 301 43.06 21.24 1.49
C LEU D 301 43.90 21.97 0.44
N GLU D 302 43.53 21.80 -0.82
CA GLU D 302 44.24 22.38 -1.95
C GLU D 302 43.25 23.24 -2.72
N ILE D 303 43.57 24.54 -2.85
CA ILE D 303 42.72 25.53 -3.50
C ILE D 303 43.61 26.39 -4.40
N GLY D 304 43.30 26.39 -5.70
CA GLY D 304 44.03 27.22 -6.65
C GLY D 304 45.52 26.97 -6.68
N GLY D 305 45.96 25.74 -6.42
CA GLY D 305 47.36 25.45 -6.29
C GLY D 305 47.95 25.72 -4.91
N LEU D 306 47.24 26.42 -4.05
CA LEU D 306 47.70 26.61 -2.68
C LEU D 306 47.31 25.43 -1.82
N GLU D 307 48.18 25.10 -0.88
CA GLU D 307 48.00 23.92 -0.05
C GLU D 307 47.91 24.37 1.39
N PHE D 308 46.94 23.79 2.12
CA PHE D 308 46.70 24.11 3.52
C PHE D 308 46.79 22.78 4.27
N PRO D 309 48.00 22.42 4.74
CA PRO D 309 48.17 21.15 5.47
C PRO D 309 47.31 20.99 6.70
N ALA D 310 46.87 22.07 7.33
CA ALA D 310 46.02 21.99 8.52
C ALA D 310 44.73 22.73 8.21
N ALA D 311 43.64 21.97 8.09
CA ALA D 311 42.32 22.54 7.82
C ALA D 311 41.23 21.59 8.30
N PRO D 312 41.07 21.39 9.63
CA PRO D 312 40.08 20.42 10.13
C PRO D 312 38.67 20.77 9.69
N PHE D 313 37.90 19.72 9.35
CA PHE D 313 36.53 19.91 8.92
C PHE D 313 35.62 18.87 9.59
N SER D 314 34.37 19.22 9.78
CA SER D 314 33.50 18.33 10.53
C SER D 314 32.08 18.50 10.03
N GLY D 315 31.33 17.41 10.05
CA GLY D 315 29.89 17.42 9.86
C GLY D 315 29.18 16.69 10.97
N TRP D 316 28.37 15.69 10.63
CA TRP D 316 27.77 14.81 11.62
C TRP D 316 27.83 13.37 11.10
N TYR D 317 27.61 12.43 12.01
CA TYR D 317 27.79 11.02 11.70
C TYR D 317 26.68 10.45 10.85
N MET D 318 27.05 9.50 9.98
CA MET D 318 26.12 8.49 9.49
C MET D 318 26.22 7.29 10.43
N SER D 319 25.06 6.79 10.91
CA SER D 319 25.07 5.83 12.03
C SER D 319 25.89 4.58 11.73
N THR D 320 25.94 4.14 10.47
CA THR D 320 26.77 2.97 10.20
C THR D 320 28.25 3.20 10.45
N GLU D 321 28.74 4.44 10.50
CA GLU D 321 30.17 4.59 10.81
C GLU D 321 30.46 4.19 12.24
N ILE D 322 29.55 4.50 13.15
CA ILE D 322 29.71 4.09 14.54
C ILE D 322 29.26 2.65 14.74
N GLY D 323 28.07 2.33 14.25
CA GLY D 323 27.47 1.04 14.53
C GLY D 323 28.21 -0.11 13.88
N THR D 324 28.36 -0.06 12.57
CA THR D 324 28.99 -1.14 11.85
C THR D 324 30.52 -1.08 11.94
N ARG D 325 31.12 0.03 11.48
CA ARG D 325 32.57 0.08 11.32
C ARG D 325 33.29 0.22 12.68
N ASN D 326 32.98 1.29 13.42
CA ASN D 326 33.82 1.57 14.59
C ASN D 326 33.62 0.53 15.68
N LEU D 327 32.44 -0.09 15.76
CA LEU D 327 32.17 -1.05 16.82
C LEU D 327 32.19 -2.52 16.37
N CYS D 328 31.95 -2.84 15.08
CA CYS D 328 31.94 -4.24 14.63
C CYS D 328 33.10 -4.65 13.74
N ASP D 329 33.92 -3.71 13.24
CA ASP D 329 35.13 -4.12 12.56
C ASP D 329 35.94 -4.99 13.53
N PRO D 330 36.42 -6.16 13.11
CA PRO D 330 37.20 -7.01 14.03
C PRO D 330 38.47 -6.37 14.50
N HIS D 331 39.01 -5.42 13.74
CA HIS D 331 40.22 -4.69 14.10
C HIS D 331 39.90 -3.35 14.75
N ARG D 332 38.64 -3.11 15.09
CA ARG D 332 38.23 -1.99 15.93
C ARG D 332 37.72 -2.53 17.25
N TYR D 333 36.51 -2.15 17.71
CA TYR D 333 36.07 -2.58 19.03
C TYR D 333 35.54 -4.01 19.03
N ASN D 334 35.16 -4.53 17.86
CA ASN D 334 34.94 -5.97 17.67
C ASN D 334 33.96 -6.53 18.71
N ILE D 335 32.76 -5.93 18.78
CA ILE D 335 31.79 -6.33 19.80
C ILE D 335 30.73 -7.30 19.27
N LEU D 336 30.83 -7.70 18.01
CA LEU D 336 29.75 -8.40 17.34
C LEU D 336 29.38 -9.69 18.06
N GLU D 337 30.39 -10.50 18.37
CA GLU D 337 30.12 -11.81 18.95
C GLU D 337 29.53 -11.69 20.33
N ASP D 338 29.89 -10.65 21.08
CA ASP D 338 29.41 -10.52 22.45
C ASP D 338 27.96 -10.03 22.50
N VAL D 339 27.61 -9.10 21.63
CA VAL D 339 26.21 -8.70 21.50
C VAL D 339 25.36 -9.90 21.09
N ALA D 340 25.90 -10.75 20.21
CA ALA D 340 25.16 -11.87 19.62
C ALA D 340 24.93 -12.98 20.63
N VAL D 341 25.92 -13.24 21.49
CA VAL D 341 25.74 -14.18 22.59
C VAL D 341 24.69 -13.64 23.56
N CYS D 342 24.78 -12.34 23.87
CA CYS D 342 23.81 -11.70 24.73
C CYS D 342 22.41 -11.73 24.14
N MET D 343 22.29 -11.69 22.82
CA MET D 343 20.98 -11.82 22.19
C MET D 343 20.52 -13.26 22.06
N ASP D 344 21.29 -14.19 22.64
CA ASP D 344 20.98 -15.63 22.59
C ASP D 344 20.88 -16.17 21.16
N LEU D 345 21.62 -15.58 20.23
CA LEU D 345 21.70 -16.14 18.88
C LEU D 345 22.61 -17.36 18.88
N ASP D 346 22.50 -18.16 17.83
CA ASP D 346 23.38 -19.33 17.69
C ASP D 346 24.63 -18.89 16.96
N THR D 347 25.70 -18.66 17.71
CA THR D 347 26.92 -18.13 17.11
C THR D 347 27.80 -19.19 16.48
N ARG D 348 27.37 -20.45 16.42
CA ARG D 348 28.26 -21.52 16.00
C ARG D 348 27.97 -22.02 14.59
N THR D 349 27.10 -21.36 13.84
CA THR D 349 27.05 -21.54 12.40
C THR D 349 26.78 -20.20 11.74
N THR D 350 27.54 -19.91 10.67
CA THR D 350 27.33 -18.69 9.91
C THR D 350 25.91 -18.61 9.36
N SER D 351 25.32 -19.76 9.04
CA SER D 351 24.02 -19.80 8.38
C SER D 351 22.87 -19.32 9.26
N SER D 352 23.08 -19.13 10.57
CA SER D 352 22.01 -18.49 11.31
C SER D 352 21.95 -16.99 11.04
N LEU D 353 22.96 -16.44 10.35
CA LEU D 353 23.05 -15.00 10.12
C LEU D 353 23.04 -14.23 11.44
N TRP D 354 23.64 -14.81 12.48
CA TRP D 354 23.75 -14.10 13.75
C TRP D 354 24.52 -12.79 13.58
N LYS D 355 25.58 -12.80 12.76
CA LYS D 355 26.39 -11.58 12.59
C LYS D 355 25.54 -10.45 12.04
N ASP D 356 24.74 -10.73 11.01
CA ASP D 356 23.87 -9.71 10.43
C ASP D 356 22.83 -9.24 11.45
N LYS D 357 22.30 -10.16 12.27
CA LYS D 357 21.27 -9.77 13.24
C LYS D 357 21.85 -8.90 14.36
N ALA D 358 23.01 -9.27 14.90
CA ALA D 358 23.59 -8.45 15.94
C ALA D 358 24.05 -7.09 15.39
N ALA D 359 24.60 -7.07 14.18
CA ALA D 359 25.03 -5.79 13.62
C ALA D 359 23.84 -4.85 13.47
N VAL D 360 22.71 -5.38 13.02
CA VAL D 360 21.54 -4.53 12.83
C VAL D 360 21.10 -3.93 14.15
N GLU D 361 21.05 -4.73 15.23
CA GLU D 361 20.64 -4.16 16.52
C GLU D 361 21.66 -3.16 17.05
N ILE D 362 22.96 -3.37 16.79
CA ILE D 362 23.95 -2.37 17.20
C ILE D 362 23.68 -1.06 16.47
N ASN D 363 23.31 -1.14 15.20
CA ASN D 363 22.98 0.08 14.47
C ASN D 363 21.70 0.71 15.00
N VAL D 364 20.72 -0.12 15.40
CA VAL D 364 19.51 0.43 16.05
C VAL D 364 19.89 1.17 17.33
N ALA D 365 20.72 0.55 18.18
CA ALA D 365 21.09 1.22 19.43
C ALA D 365 21.75 2.57 19.17
N VAL D 366 22.64 2.65 18.17
CA VAL D 366 23.37 3.89 17.91
C VAL D 366 22.41 5.00 17.52
N LEU D 367 21.52 4.72 16.55
CA LEU D 367 20.52 5.70 16.14
C LEU D 367 19.65 6.13 17.32
N HIS D 368 19.14 5.16 18.07
CA HIS D 368 18.21 5.50 19.14
C HIS D 368 18.90 6.32 20.22
N SER D 369 20.16 5.99 20.55
CA SER D 369 20.86 6.74 21.58
C SER D 369 21.17 8.17 21.15
N TYR D 370 21.49 8.39 19.87
CA TYR D 370 21.76 9.76 19.44
C TYR D 370 20.49 10.56 19.36
N GLN D 371 19.39 9.93 18.93
CA GLN D 371 18.12 10.64 18.92
C GLN D 371 17.67 10.97 20.34
N LEU D 372 17.88 10.04 21.26
CA LEU D 372 17.56 10.25 22.67
C LEU D 372 18.35 11.42 23.25
N ALA D 373 19.65 11.48 22.96
CA ALA D 373 20.50 12.55 23.46
C ALA D 373 20.32 13.84 22.70
N LYS D 374 19.56 13.83 21.60
CA LYS D 374 19.35 15.01 20.76
C LYS D 374 20.66 15.44 20.09
N VAL D 375 21.43 14.46 19.62
CA VAL D 375 22.62 14.71 18.82
C VAL D 375 22.29 14.31 17.39
N THR D 376 22.56 15.21 16.45
CA THR D 376 22.37 14.92 15.04
C THR D 376 23.02 13.60 14.67
N ILE D 377 22.31 12.84 13.85
CA ILE D 377 22.86 11.63 13.25
C ILE D 377 21.95 11.32 12.08
N VAL D 378 22.49 10.68 11.08
CA VAL D 378 21.66 10.25 9.96
C VAL D 378 21.89 8.75 9.74
N ASP D 379 20.82 8.03 9.41
CA ASP D 379 20.96 6.61 9.10
C ASP D 379 21.32 6.48 7.62
N HIS D 380 21.81 5.29 7.24
CA HIS D 380 22.34 5.12 5.89
C HIS D 380 21.24 5.18 4.83
N HIS D 381 19.97 4.98 5.23
CA HIS D 381 18.91 5.02 4.24
C HIS D 381 18.63 6.45 3.82
N ALA D 382 18.51 7.34 4.79
CA ALA D 382 18.22 8.72 4.46
C ALA D 382 19.47 9.38 3.87
N ALA D 383 20.66 9.03 4.36
CA ALA D 383 21.89 9.63 3.83
C ALA D 383 22.09 9.30 2.36
N THR D 384 21.94 8.01 2.00
CA THR D 384 22.10 7.61 0.60
C THR D 384 20.97 8.16 -0.28
N ALA D 385 19.75 8.27 0.26
CA ALA D 385 18.67 8.89 -0.51
C ALA D 385 18.98 10.35 -0.81
N SER D 386 19.58 11.06 0.16
CA SER D 386 19.87 12.47 -0.07
C SER D 386 21.02 12.62 -1.04
N PHE D 387 21.94 11.66 -1.04
CA PHE D 387 23.01 11.68 -2.05
C PHE D 387 22.45 11.52 -3.46
N MET D 388 21.43 10.67 -3.65
CA MET D 388 20.81 10.55 -4.96
C MET D 388 20.25 11.89 -5.44
N LYS D 389 19.63 12.65 -4.53
CA LYS D 389 19.22 14.02 -4.87
C LYS D 389 20.44 14.87 -5.26
N HIS D 390 21.55 14.73 -4.53
CA HIS D 390 22.77 15.46 -4.88
C HIS D 390 23.22 15.14 -6.29
N LEU D 391 23.28 13.84 -6.62
CA LEU D 391 23.69 13.44 -7.97
C LEU D 391 22.82 14.12 -9.01
N GLU D 392 21.52 14.16 -8.76
CA GLU D 392 20.59 14.78 -9.70
C GLU D 392 20.80 16.29 -9.79
N ASN D 393 21.09 16.95 -8.66
CA ASN D 393 21.40 18.38 -8.71
C ASN D 393 22.65 18.63 -9.54
N GLU D 394 23.70 17.85 -9.29
CA GLU D 394 25.00 18.08 -9.89
C GLU D 394 25.00 17.82 -11.39
N GLN D 395 24.28 16.78 -11.84
CA GLN D 395 24.11 16.58 -13.28
C GLN D 395 23.58 17.84 -13.95
N LYS D 396 22.61 18.51 -13.33
CA LYS D 396 22.10 19.80 -13.79
C LYS D 396 23.21 20.84 -13.80
N ALA D 397 23.72 21.16 -12.60
CA ALA D 397 24.63 22.29 -12.44
C ALA D 397 25.92 22.08 -13.22
N ARG D 398 26.51 20.89 -13.12
CA ARG D 398 27.84 20.64 -13.66
C ARG D 398 27.91 19.53 -14.70
N GLY D 399 26.83 18.78 -14.93
CA GLY D 399 26.91 17.66 -15.83
C GLY D 399 27.71 16.50 -15.31
N GLY D 400 27.78 16.32 -14.00
CA GLY D 400 28.44 15.17 -13.42
C GLY D 400 28.77 15.38 -11.96
N CYS D 401 29.26 14.29 -11.35
CA CYS D 401 29.64 14.26 -9.94
C CYS D 401 30.64 13.13 -9.70
N PRO D 402 31.85 13.42 -9.25
CA PRO D 402 32.81 12.35 -8.93
C PRO D 402 32.34 11.58 -7.72
N ALA D 403 32.28 10.25 -7.85
CA ALA D 403 31.81 9.41 -6.77
C ALA D 403 32.56 8.08 -6.78
N ASP D 404 33.01 7.68 -5.60
CA ASP D 404 33.71 6.42 -5.37
C ASP D 404 32.67 5.41 -4.88
N TRP D 405 32.19 4.54 -5.78
CA TRP D 405 31.08 3.63 -5.47
C TRP D 405 31.33 2.83 -4.19
N ALA D 406 32.54 2.32 -4.01
CA ALA D 406 32.79 1.46 -2.86
C ALA D 406 32.75 2.20 -1.54
N TRP D 407 32.96 3.52 -1.53
CA TRP D 407 32.87 4.30 -0.29
C TRP D 407 31.47 4.89 -0.10
N ILE D 408 30.77 5.18 -1.19
CA ILE D 408 29.42 5.73 -1.09
C ILE D 408 28.41 4.66 -0.59
N VAL D 409 28.55 3.40 -1.01
CA VAL D 409 27.63 2.34 -0.57
C VAL D 409 27.91 1.99 0.89
N PRO D 410 26.90 1.99 1.75
CA PRO D 410 27.10 1.80 3.22
C PRO D 410 27.65 0.40 3.51
N PRO D 411 28.33 0.21 4.65
CA PRO D 411 28.94 -1.11 4.90
C PRO D 411 27.96 -2.22 5.27
N ILE D 412 26.68 -1.93 5.55
CA ILE D 412 25.64 -2.95 5.63
C ILE D 412 24.54 -2.56 4.67
N SER D 413 23.77 -3.57 4.26
CA SER D 413 22.50 -3.38 3.54
C SER D 413 22.66 -2.58 2.24
N GLY D 414 23.82 -2.70 1.58
CA GLY D 414 24.11 -1.85 0.44
C GLY D 414 23.05 -1.86 -0.63
N SER D 415 22.63 -3.06 -1.07
CA SER D 415 21.65 -3.13 -2.16
C SER D 415 20.27 -2.68 -1.72
N LEU D 416 20.04 -2.59 -0.41
CA LEU D 416 18.81 -1.96 0.06
C LEU D 416 18.83 -0.46 -0.06
N THR D 417 19.96 0.15 -0.45
CA THR D 417 19.98 1.62 -0.59
C THR D 417 20.08 1.97 -2.06
N PRO D 418 19.55 3.14 -2.48
CA PRO D 418 19.48 3.42 -3.93
C PRO D 418 20.84 3.63 -4.58
N VAL D 419 21.90 3.96 -3.84
CA VAL D 419 23.20 4.21 -4.47
C VAL D 419 23.88 2.92 -4.92
N PHE D 420 23.50 1.79 -4.35
CA PHE D 420 24.02 0.52 -4.84
C PHE D 420 23.72 0.35 -6.32
N HIS D 421 22.51 0.72 -6.73
CA HIS D 421 22.13 0.50 -8.11
C HIS D 421 22.54 1.65 -9.04
N GLN D 422 23.25 2.67 -8.54
CA GLN D 422 23.72 3.78 -9.35
C GLN D 422 25.16 3.55 -9.81
N GLU D 423 25.36 3.44 -11.12
CA GLU D 423 26.72 3.47 -11.65
C GLU D 423 27.34 4.83 -11.33
N MET D 424 28.65 4.85 -11.12
CA MET D 424 29.33 6.09 -10.71
C MET D 424 30.71 6.19 -11.36
N VAL D 425 31.11 7.42 -11.68
CA VAL D 425 32.39 7.73 -12.31
C VAL D 425 33.26 8.40 -11.26
N ASN D 426 34.44 7.85 -11.01
CA ASN D 426 35.33 8.42 -10.00
C ASN D 426 36.44 9.22 -10.70
N TYR D 427 36.75 10.43 -10.19
CA TYR D 427 37.83 11.25 -10.74
C TYR D 427 38.15 12.40 -9.80
N PHE D 428 39.27 13.06 -10.07
CA PHE D 428 39.83 14.08 -9.19
C PHE D 428 39.63 15.46 -9.80
N LEU D 429 38.81 16.29 -9.17
CA LEU D 429 38.73 17.70 -9.48
C LEU D 429 39.39 18.52 -8.39
N SER D 430 39.73 19.76 -8.73
CA SER D 430 40.27 20.70 -7.77
C SER D 430 39.37 21.93 -7.69
N PRO D 431 39.20 22.53 -6.51
CA PRO D 431 39.71 22.31 -5.14
C PRO D 431 39.44 20.92 -4.57
N ALA D 432 40.31 20.49 -3.66
CA ALA D 432 40.25 19.09 -3.22
C ALA D 432 40.77 18.95 -1.81
N PHE D 433 40.18 17.98 -1.10
CA PHE D 433 40.72 17.46 0.15
C PHE D 433 41.55 16.24 -0.22
N ARG D 434 42.82 16.25 0.18
CA ARG D 434 43.78 15.22 -0.19
C ARG D 434 44.36 14.62 1.07
N TYR D 435 44.70 13.33 0.97
CA TYR D 435 45.56 12.69 1.96
C TYR D 435 46.99 13.19 1.81
N GLN D 436 47.71 13.11 2.92
CA GLN D 436 49.08 13.58 3.03
C GLN D 436 49.79 12.69 4.04
N PRO D 437 51.13 12.62 3.99
CA PRO D 437 51.84 11.77 4.94
C PRO D 437 51.65 12.21 6.39
N ASP D 438 51.73 11.22 7.29
CA ASP D 438 51.73 11.51 8.70
C ASP D 438 52.94 12.35 9.06
N PRO D 439 52.79 13.36 9.91
CA PRO D 439 53.86 14.34 10.09
C PRO D 439 55.00 13.84 10.95
N TRP D 440 55.11 12.52 11.13
CA TRP D 440 56.20 11.92 11.88
C TRP D 440 56.84 10.77 11.09
CHA HEM E . -31.52 16.29 7.06
CHB HEM E . -27.00 16.66 8.76
CHC HEM E . -28.31 20.68 11.17
CHD HEM E . -32.97 19.83 10.03
C1A HEM E . -30.16 16.11 7.17
C2A HEM E . -29.29 15.29 6.34
C3A HEM E . -28.05 15.41 6.82
C4A HEM E . -28.08 16.29 7.97
CMA HEM E . -26.80 14.73 6.26
CAA HEM E . -29.66 14.45 5.10
CBA HEM E . -30.38 15.34 4.09
CGA HEM E . -30.19 14.87 2.67
O1A HEM E . -29.37 13.93 2.44
O2A HEM E . -30.84 15.46 1.77
C1B HEM E . -26.94 17.80 9.55
C2B HEM E . -25.77 18.31 10.24
C3B HEM E . -26.11 19.41 10.91
C4B HEM E . -27.53 19.65 10.68
CMB HEM E . -24.36 17.68 10.19
CAB HEM E . -25.11 20.26 11.77
CBB HEM E . -25.45 21.37 12.43
C1C HEM E . -29.68 20.81 11.05
C2C HEM E . -30.48 21.93 11.55
C3C HEM E . -31.77 21.70 11.22
C4C HEM E . -31.83 20.44 10.52
CMC HEM E . -29.89 23.14 12.30
CAC HEM E . -33.03 22.53 11.54
CBC HEM E . -33.09 23.42 12.53
C1D HEM E . -33.00 18.83 9.07
C2D HEM E . -34.14 18.40 8.29
C3D HEM E . -33.73 17.42 7.48
C4D HEM E . -32.32 17.20 7.71
CMD HEM E . -35.57 18.96 8.37
CAD HEM E . -34.62 16.68 6.45
CBD HEM E . -34.17 17.25 5.12
CGD HEM E . -35.00 16.77 3.95
O1D HEM E . -36.00 16.06 4.21
O2D HEM E . -34.67 17.12 2.79
NA HEM E . -29.38 16.69 8.15
NB HEM E . -27.99 18.64 9.85
NC HEM E . -30.54 19.94 10.43
ND HEM E . -31.91 18.08 8.69
FE HEM E . -30.03 18.17 9.48
N1 H4B F . -30.80 9.59 2.38
C2 H4B F . -30.47 10.91 2.39
N2 H4B F . -29.80 11.40 3.47
N3 H4B F . -30.79 11.72 1.35
C4 H4B F . -31.44 11.23 0.27
O4 H4B F . -31.74 11.98 -0.71
C4A H4B F . -31.79 9.88 0.24
C8A H4B F . -31.47 9.08 1.32
N5 H4B F . -32.45 9.37 -0.80
N8 H4B F . -31.81 7.76 1.33
C6 H4B F . -33.31 8.23 -0.51
C7 H4B F . -32.51 7.15 0.21
C9 H4B F . -33.97 7.75 -1.79
O9 H4B F . -32.97 7.61 -2.80
C10 H4B F . -34.69 6.42 -1.63
C11 H4B F . -35.71 6.29 -2.75
O10 H4B F . -35.36 6.32 -0.36
C13 K8O G . -33.53 19.87 1.07
C14 K8O G . -33.50 20.24 -0.40
C15 K8O G . -32.13 20.75 -0.81
C16 K8O G . -31.09 19.69 -0.44
C12 K8O G . -32.43 18.86 1.34
C10 K8O G . -30.06 18.54 1.41
C02 K8O G . -27.13 19.41 6.56
C03 K8O G . -27.72 20.36 7.39
C04 K8O G . -28.94 20.92 7.02
C05 K8O G . -29.55 20.53 5.84
C06 K8O G . -28.96 19.56 5.06
C07 K8O G . -29.58 21.93 7.93
C08 K8O G . -29.38 19.18 3.90
C09 K8O G . -29.73 18.86 2.81
F17 K8O G . -33.80 19.15 -1.10
F18 K8O G . -34.40 21.18 -0.64
N01 K8O G . -27.75 19.06 5.42
N02 K8O G . -25.94 18.86 6.87
N11 K8O G . -31.15 19.46 0.99
C1 BTB H . -4.84 12.72 -15.69
O1 BTB H . -5.80 12.51 -16.73
C2 BTB H . -3.63 11.84 -15.96
C3 BTB H . -4.11 10.38 -15.80
O3 BTB H . -3.29 9.28 -16.28
C4 BTB H . -3.15 12.20 -17.36
O4 BTB H . -3.00 11.10 -18.28
N BTB H . -2.58 12.26 -14.98
C5 BTB H . -2.72 11.64 -13.66
C6 BTB H . -1.32 11.35 -13.12
O6 BTB H . -0.71 10.23 -13.79
C7 BTB H . -2.39 13.73 -14.86
C8 BTB H . -1.22 14.29 -15.67
O8 BTB H . -0.14 13.36 -15.85
C1 BTB I . -16.90 3.09 -22.83
O1 BTB I . -15.47 3.10 -22.71
C2 BTB I . -17.56 3.45 -21.51
C3 BTB I . -16.98 4.76 -21.00
O3 BTB I . -17.80 5.23 -19.92
C4 BTB I . -19.05 3.64 -21.77
O4 BTB I . -19.54 4.77 -21.06
N BTB I . -17.32 2.40 -20.49
C5 BTB I . -17.11 1.05 -21.07
C6 BTB I . -15.71 0.61 -20.65
O6 BTB I . -14.88 1.78 -20.65
C7 BTB I . -18.41 2.28 -19.50
C8 BTB I . -17.83 2.61 -18.13
O8 BTB I . -16.45 2.94 -18.27
C1 BTB J . -49.48 46.41 -9.06
O1 BTB J . -48.88 46.20 -10.33
C2 BTB J . -48.77 45.55 -7.99
C3 BTB J . -48.87 44.07 -8.37
O3 BTB J . -47.75 43.67 -9.16
C4 BTB J . -47.30 45.96 -7.92
O4 BTB J . -46.65 45.30 -6.83
N BTB J . -49.40 45.77 -6.67
C5 BTB J . -50.87 45.62 -6.74
C6 BTB J . -51.36 44.39 -5.99
O6 BTB J . -50.40 44.01 -5.01
C7 BTB J . -49.08 47.13 -6.16
C8 BTB J . -48.52 47.03 -4.74
O8 BTB J . -48.71 45.70 -4.24
C1 GOL K . -36.74 39.14 22.78
O1 GOL K . -35.39 38.91 23.11
C2 GOL K . -36.91 39.11 21.27
O2 GOL K . -35.65 39.28 20.65
C3 GOL K . -37.82 40.25 20.83
O3 GOL K . -38.36 39.94 19.56
C1 GOL L . -28.50 20.63 -34.25
O1 GOL L . -29.39 21.57 -34.83
C2 GOL L . -28.82 20.36 -32.78
O2 GOL L . -27.78 20.86 -31.95
C3 GOL L . -28.89 18.86 -32.56
O3 GOL L . -28.83 18.62 -31.17
CL CL M . -26.65 19.89 -0.45
GD GD N . -1.09 10.83 -16.42
ZN ZN O . -42.82 0.83 6.98
CHA HEM P . -31.00 -12.86 0.71
CHB HEM P . -28.07 -12.63 -3.16
CHC HEM P . -29.71 -16.94 -4.73
CHD HEM P . -33.32 -16.55 -1.49
C1A HEM P . -29.97 -12.49 -0.13
C2A HEM P . -28.95 -11.50 0.15
C3A HEM P . -28.13 -11.44 -0.91
C4A HEM P . -28.61 -12.38 -1.91
CMA HEM P . -26.89 -10.53 -1.05
CAA HEM P . -28.83 -10.70 1.47
CBA HEM P . -28.34 -11.64 2.57
CGA HEM P . -27.61 -10.89 3.66
O1A HEM P . -27.34 -9.69 3.46
O2A HEM P . -27.31 -11.47 4.72
C1B HEM P . -28.22 -13.78 -3.92
C2B HEM P . -27.50 -14.11 -5.13
C3B HEM P . -27.95 -15.29 -5.59
C4B HEM P . -28.98 -15.75 -4.66
CMB HEM P . -26.40 -13.27 -5.83
CAB HEM P . -27.38 -15.98 -6.86
CBB HEM P . -28.00 -16.97 -7.53
C1C HEM P . -30.82 -17.26 -3.98
C2C HEM P . -31.63 -18.47 -4.07
C3C HEM P . -32.63 -18.36 -3.15
C4C HEM P . -32.50 -17.07 -2.48
CMC HEM P . -31.30 -19.62 -5.04
CAC HEM P . -33.78 -19.33 -2.81
CBC HEM P . -34.09 -20.37 -3.61
C1D HEM P . -32.99 -15.57 -0.57
C2D HEM P . -33.64 -15.30 0.69
C3D HEM P . -33.01 -14.29 1.28
C4D HEM P . -31.92 -13.88 0.44
CMD HEM P . -34.86 -16.06 1.23
CAD HEM P . -33.34 -13.67 2.66
CBD HEM P . -32.40 -14.37 3.65
CGD HEM P . -32.52 -13.74 5.01
O1D HEM P . -33.48 -12.96 5.20
O2D HEM P . -31.67 -14.04 5.88
NA HEM P . -29.74 -13.00 -1.39
NB HEM P . -29.12 -14.80 -3.67
NC HEM P . -31.39 -16.45 -3.02
ND HEM P . -31.94 -14.67 -0.69
FE HEM P . -30.75 -14.56 -2.39
N1 H4B Q . -29.09 -5.91 4.71
C2 H4B Q . -28.60 -7.11 4.33
N2 H4B Q . -28.57 -7.39 3.00
N3 H4B Q . -28.13 -7.98 5.26
C4 H4B Q . -28.16 -7.66 6.58
O4 H4B Q . -27.72 -8.50 7.38
C4A H4B Q . -28.69 -6.42 6.99
C8A H4B Q . -29.16 -5.55 6.02
N5 H4B Q . -28.78 -6.02 8.29
N8 H4B Q . -29.68 -4.32 6.31
C6 H4B Q . -29.76 -5.00 8.61
C7 H4B Q . -29.72 -3.80 7.66
C9 H4B Q . -29.63 -4.52 10.06
O9 H4B Q . -28.25 -4.24 10.34
C10 H4B Q . -30.46 -3.27 10.36
C11 H4B Q . -30.56 -3.06 11.86
O10 H4B Q . -31.78 -3.33 9.82
C13 K8O R . -29.09 -17.15 6.78
C14 K8O R . -28.29 -17.01 8.06
C15 K8O R . -26.90 -16.40 7.82
C16 K8O R . -26.97 -15.16 6.93
C12 K8O R . -29.06 -15.87 5.95
C10 K8O R . -27.62 -14.47 4.71
C02 K8O R . -26.46 -15.38 -1.16
C03 K8O R . -27.19 -16.49 -1.64
C04 K8O R . -28.00 -17.21 -0.76
C05 K8O R . -28.08 -16.82 0.57
C06 K8O R . -27.34 -15.71 1.01
C07 K8O R . -28.83 -18.39 -1.20
C08 K8O R . -27.38 -15.36 2.24
C09 K8O R . -27.50 -15.01 3.36
F17 K8O R . -28.97 -16.26 8.91
F18 K8O R . -28.14 -18.20 8.57
N01 K8O R . -26.52 -15.03 0.14
N02 K8O R . -25.65 -14.70 -2.01
N11 K8O R . -27.64 -15.57 5.69
C1 BTB S . 4.93 -3.51 -7.68
O1 BTB S . 4.92 -4.44 -8.79
C2 BTB S . 3.93 -3.98 -6.63
C3 BTB S . 2.68 -3.06 -6.63
O3 BTB S . 1.61 -3.54 -5.78
C4 BTB S . 3.47 -5.38 -7.01
O4 BTB S . 2.56 -5.91 -6.03
N BTB S . 4.62 -4.07 -5.30
C5 BTB S . 5.18 -2.86 -4.67
C6 BTB S . 4.21 -1.83 -4.11
O6 BTB S . 3.81 -2.27 -2.83
C7 BTB S . 5.62 -5.16 -5.21
C8 BTB S . 5.27 -6.20 -4.13
O8 BTB S . 4.80 -5.62 -2.90
C1 BTB T . -34.80 -45.84 16.46
O1 BTB T . -33.61 -46.18 15.72
C2 BTB T . -34.78 -44.34 16.77
C3 BTB T . -33.41 -44.02 17.34
O3 BTB T . -32.38 -44.44 16.43
C4 BTB T . -34.97 -43.62 15.44
O4 BTB T . -36.03 -44.22 14.67
N BTB T . -35.79 -43.91 17.79
C5 BTB T . -36.14 -44.99 18.73
C6 BTB T . -35.58 -44.61 20.10
O6 BTB T . -35.00 -43.29 20.01
C7 BTB T . -37.04 -43.32 17.28
C8 BTB T . -37.38 -42.20 18.25
O8 BTB T . -36.18 -41.89 18.98
C1 GOL U . -29.17 -10.63 11.38
O1 GOL U . -29.52 -11.79 10.64
C2 GOL U . -28.46 -9.64 10.47
O2 GOL U . -29.22 -8.45 10.27
C3 GOL U . -27.05 -9.32 10.98
O3 GOL U . -26.98 -8.03 11.55
CL CL V . -22.71 -15.71 4.80
GD GD W . 2.55 -4.57 -3.76
GD GD X . -0.87 -9.84 13.16
CHA HEM Y . 28.88 -14.54 -10.96
CHB HEM Y . 28.57 -17.36 -7.01
CHC HEM Y . 29.71 -21.08 -9.94
CHD HEM Y . 31.03 -18.08 -13.55
C1A HEM Y . 28.57 -14.96 -9.68
C2A HEM Y . 27.89 -14.22 -8.61
C3A HEM Y . 27.82 -15.00 -7.54
C4A HEM Y . 28.44 -16.27 -7.85
CMA HEM Y . 27.18 -14.61 -6.19
CAA HEM Y . 27.34 -12.78 -8.68
CBA HEM Y . 26.32 -12.75 -9.82
CGA HEM Y . 25.36 -11.62 -9.64
O1A HEM Y . 25.29 -11.06 -8.51
O2A HEM Y . 24.65 -11.27 -10.62
C1B HEM Y . 28.82 -18.64 -7.45
C2B HEM Y . 28.74 -19.86 -6.66
C3B HEM Y . 29.07 -20.89 -7.47
C4B HEM Y . 29.34 -20.37 -8.80
CMB HEM Y . 28.35 -19.93 -5.15
CAB HEM Y . 29.09 -22.38 -7.01
CBB HEM Y . 29.57 -23.38 -7.76
C1C HEM Y . 30.12 -20.61 -11.18
C2C HEM Y . 30.44 -21.42 -12.36
C3C HEM Y . 30.81 -20.58 -13.36
C4C HEM Y . 30.74 -19.24 -12.84
CMC HEM Y . 30.37 -22.97 -12.41
CAC HEM Y . 31.28 -20.86 -14.82
CBC HEM Y . 31.73 -22.04 -15.26
C1D HEM Y . 30.51 -16.85 -13.20
C2D HEM Y . 30.41 -15.69 -14.04
C3D HEM Y . 29.83 -14.71 -13.31
C4D HEM Y . 29.52 -15.23 -11.99
CMD HEM Y . 30.90 -15.56 -15.48
CAD HEM Y . 29.52 -13.28 -13.82
CBD HEM Y . 28.00 -13.10 -13.90
CGD HEM Y . 27.70 -11.76 -14.52
O1D HEM Y . 28.66 -10.94 -14.62
O2D HEM Y . 26.53 -11.50 -14.88
NA HEM Y . 28.87 -16.20 -9.15
NB HEM Y . 29.20 -18.99 -8.72
NC HEM Y . 30.31 -19.30 -11.52
ND HEM Y . 29.94 -16.56 -11.97
FE HEM Y . 29.87 -17.70 -10.24
N1 H4B Z . 27.27 -7.18 -7.37
C2 H4B Z . 26.71 -8.36 -7.77
N2 H4B Z . 27.16 -9.51 -7.22
N3 H4B Z . 25.72 -8.36 -8.69
C4 H4B Z . 25.28 -7.21 -9.24
O4 H4B Z . 24.37 -7.22 -10.11
C4A H4B Z . 25.87 -6.01 -8.84
C8A H4B Z . 26.87 -6.01 -7.90
N5 H4B Z . 25.47 -4.84 -9.36
N8 H4B Z . 27.45 -4.87 -7.49
C6 H4B Z . 26.42 -3.74 -9.34
C7 H4B Z . 27.01 -3.57 -7.95
C9 H4B Z . 25.75 -2.46 -9.82
O9 H4B Z . 24.69 -2.08 -8.93
C10 H4B Z . 26.75 -1.30 -9.84
C11 H4B Z . 26.11 -0.08 -10.51
O10 H4B Z . 27.95 -1.70 -10.51
C13 K8O AA . 23.30 -13.45 -15.94
C14 K8O AA . 21.83 -13.08 -16.14
C15 K8O AA . 20.98 -13.73 -15.06
C16 K8O AA . 21.55 -13.41 -13.69
C12 K8O AA . 23.76 -13.09 -14.55
C10 K8O AA . 23.49 -13.61 -12.26
C02 K8O AA . 25.74 -18.27 -9.06
C03 K8O AA . 26.27 -19.21 -9.93
C04 K8O AA . 26.25 -18.99 -11.29
C05 K8O AA . 25.71 -17.81 -11.78
C06 K8O AA . 25.20 -16.87 -10.90
C07 K8O AA . 26.79 -19.99 -12.26
C08 K8O AA . 24.72 -15.77 -11.33
C09 K8O AA . 24.14 -14.85 -11.77
F17 K8O AA . 21.71 -11.77 -16.07
F18 K8O AA . 21.42 -13.50 -17.32
N01 K8O AA . 25.21 -17.12 -9.55
N02 K8O AA . 25.76 -18.51 -7.71
N11 K8O AA . 22.96 -13.87 -13.61
C1 BTB BA . 0.60 -9.19 8.99
O1 BTB BA . -0.12 -9.94 8.00
C2 BTB BA . -0.02 -9.30 10.38
C3 BTB BA . 0.89 -8.57 11.38
O3 BTB BA . 0.32 -7.73 12.41
C4 BTB BA . -1.37 -8.61 10.28
O4 BTB BA . -2.39 -9.12 11.15
N BTB BA . -0.03 -10.75 10.74
C5 BTB BA . 1.32 -11.33 10.59
C6 BTB BA . 1.81 -11.76 11.96
O6 BTB BA . 1.74 -10.63 12.85
C7 BTB BA . -1.06 -11.60 10.12
C8 BTB BA . -1.34 -12.81 11.01
O8 BTB BA . -1.02 -12.47 12.37
C1 BTB CA . 6.58 3.48 3.49
O1 BTB CA . 6.77 2.58 2.39
C2 BTB CA . 5.43 4.42 3.19
C3 BTB CA . 4.38 4.19 4.25
O3 BTB CA . 4.95 4.52 5.53
C4 BTB CA . 5.94 5.87 3.29
O4 BTB CA . 7.36 5.94 3.03
N BTB CA . 4.88 4.13 1.84
C5 BTB CA . 5.33 5.06 0.79
C6 BTB CA . 6.58 4.54 0.08
O6 BTB CA . 7.71 5.34 0.48
C7 BTB CA . 3.43 4.19 1.80
C8 BTB CA . 3.04 3.47 0.53
O8 BTB CA . 3.97 2.40 0.30
C1 BTB DA . 17.43 -25.12 -43.73
O1 BTB DA . 17.57 -25.61 -42.39
C2 BTB DA . 15.97 -25.22 -44.18
C3 BTB DA . 15.92 -25.57 -45.66
O3 BTB DA . 16.35 -26.93 -45.87
C4 BTB DA . 15.28 -26.34 -43.40
O4 BTB DA . 16.14 -27.50 -43.34
N BTB DA . 15.28 -23.92 -43.93
C5 BTB DA . 14.86 -23.79 -42.52
C6 BTB DA . 14.67 -22.33 -42.13
O6 BTB DA . 13.46 -22.17 -41.37
C7 BTB DA . 14.10 -23.75 -44.81
C8 BTB DA . 14.21 -22.50 -45.70
O8 BTB DA . 14.02 -21.30 -44.94
C1 GOL EA . 34.78 -38.43 -23.62
O1 GOL EA . 36.17 -38.18 -23.54
C2 GOL EA . 34.35 -38.18 -25.06
O2 GOL EA . 35.50 -37.76 -25.77
C3 GOL EA . 33.31 -37.05 -25.10
O3 GOL EA . 32.71 -36.97 -26.37
C1 GOL FA . -5.44 3.28 -16.81
O1 GOL FA . -4.78 2.04 -16.89
C2 GOL FA . -6.62 2.94 -17.66
O2 GOL FA . -5.89 2.14 -18.53
C3 GOL FA . -7.19 4.17 -18.37
O3 GOL FA . -8.55 4.38 -18.00
C1 GOL GA . 43.58 -17.26 7.12
O1 GOL GA . 44.12 -18.54 7.37
C2 GOL GA . 43.53 -16.45 8.42
O2 GOL GA . 42.18 -16.32 8.85
C3 GOL GA . 44.12 -15.06 8.22
O3 GOL GA . 44.28 -14.43 9.47
C1 GOL HA . 26.08 -17.63 -46.47
O1 GOL HA . 27.42 -18.06 -46.36
C2 GOL HA . 25.83 -16.38 -45.63
O2 GOL HA . 25.30 -16.75 -44.38
C3 GOL HA . 24.82 -15.47 -46.33
O3 GOL HA . 23.54 -16.07 -46.31
CL CL IA . 19.79 -15.26 -10.11
ZN ZN JA . 39.05 1.79 -12.09
CHA HEM KA . 33.93 10.93 3.87
CHB HEM KA . 29.37 11.61 5.43
CHC HEM KA . 30.24 16.35 6.05
CHD HEM KA . 34.33 15.78 3.52
C1A HEM KA . 32.67 10.69 4.38
C2A HEM KA . 32.13 9.40 4.74
C3A HEM KA . 30.87 9.58 5.19
C4A HEM KA . 30.56 10.99 5.10
CMA HEM KA . 29.85 8.54 5.70
CAA HEM KA . 32.97 8.12 4.65
CBA HEM KA . 33.73 8.06 5.97
CGA HEM KA . 34.40 6.72 6.15
O1A HEM KA . 33.86 5.70 5.64
O2A HEM KA . 35.46 6.64 6.81
C1B HEM KA . 29.18 12.93 5.80
C2B HEM KA . 28.02 13.54 6.44
C3B HEM KA . 28.25 14.84 6.59
C4B HEM KA . 29.58 15.13 6.08
CMB HEM KA . 26.73 12.82 6.84
CAB HEM KA . 27.23 15.82 7.25
CBB HEM KA . 27.19 17.16 7.08
C1C HEM KA . 31.45 16.61 5.42
C2C HEM KA . 32.10 17.91 5.39
C3C HEM KA . 33.24 17.76 4.72
C4C HEM KA . 33.33 16.37 4.27
CMC HEM KA . 31.48 19.15 6.09
CAC HEM KA . 34.31 18.83 4.34
CBC HEM KA . 34.05 20.14 4.39
C1D HEM KA . 34.60 14.43 3.44
C2D HEM KA . 35.81 13.82 2.90
C3D HEM KA . 35.68 12.50 2.98
C4D HEM KA . 34.42 12.19 3.59
CMD HEM KA . 37.04 14.53 2.28
CAD HEM KA . 36.75 11.48 2.54
CBD HEM KA . 37.54 11.19 3.82
CGD HEM KA . 38.45 10.00 3.70
O1D HEM KA . 38.63 9.50 2.56
O2D HEM KA . 39.00 9.57 4.75
NA HEM KA . 31.69 11.62 4.58
NB HEM KA . 30.12 13.94 5.60
NC HEM KA . 32.23 15.72 4.74
ND HEM KA . 33.77 13.40 3.86
FE HEM KA . 31.88 13.63 4.50
N1 H4B LA . 33.92 2.76 2.40
C2 H4B LA . 33.87 3.64 3.42
N2 H4B LA . 32.89 4.57 3.42
N3 H4B LA . 34.78 3.62 4.42
C4 H4B LA . 35.77 2.70 4.43
O4 H4B LA . 36.60 2.70 5.38
C4A H4B LA . 35.84 1.78 3.39
C8A H4B LA . 34.89 1.82 2.37
N5 H4B LA . 36.81 0.84 3.35
N8 H4B LA . 34.91 0.96 1.32
C6 H4B LA . 37.14 0.29 2.06
C7 H4B LA . 35.88 -0.12 1.28
C9 H4B LA . 38.13 -0.87 2.20
O9 H4B LA . 37.69 -1.79 3.22
C10 H4B LA . 38.29 -1.57 0.85
C11 H4B LA . 39.46 -2.55 0.83
O10 H4B LA . 38.47 -0.58 -0.17
C13 K8O MA . 39.80 9.93 9.72
C14 K8O MA . 40.32 8.55 10.13
C15 K8O MA . 39.19 7.56 10.43
C16 K8O MA . 38.14 7.57 9.33
C12 K8O MA . 38.74 9.77 8.64
C10 K8O MA . 36.60 8.93 8.17
C02 K8O MA . 31.43 12.08 8.73
C03 K8O MA . 31.72 13.44 8.59
C04 K8O MA . 33.05 13.86 8.40
C05 K8O MA . 34.04 12.88 8.39
C06 K8O MA . 33.70 11.53 8.57
C07 K8O MA . 33.39 15.33 8.23
C08 K8O MA . 34.63 10.65 8.54
C09 K8O MA . 35.53 9.89 8.45
F17 K8O MA . 41.07 8.10 9.14
F18 K8O MA . 41.04 8.67 11.22
N01 K8O MA . 32.42 11.16 8.75
N02 K8O MA . 30.16 11.66 8.91
N11 K8O MA . 37.66 8.95 9.17
C1 BTB NA . 8.68 -4.74 27.18
O1 BTB NA . 8.12 -3.51 26.70
C2 BTB NA . 10.17 -4.80 26.87
C3 BTB NA . 10.39 -5.11 25.38
O3 BTB NA . 11.80 -5.10 25.06
C4 BTB NA . 10.83 -3.46 27.17
O4 BTB NA . 12.21 -3.56 26.82
N BTB NA . 10.82 -5.84 27.72
C5 BTB NA . 10.17 -7.15 27.57
C6 BTB NA . 11.11 -8.07 26.78
O6 BTB NA . 12.28 -8.36 27.55
C7 BTB NA . 10.99 -5.46 29.13
C8 BTB NA . 12.15 -6.27 29.75
O8 BTB NA . 13.44 -5.89 29.25
C1 BTB OA . 61.95 24.41 20.17
O1 BTB OA . 62.66 23.65 19.17
C2 BTB OA . 62.03 25.86 19.76
C3 BTB OA . 63.45 26.31 20.01
O3 BTB OA . 64.24 25.73 18.97
C4 BTB OA . 61.82 25.83 18.25
O4 BTB OA . 61.93 27.11 17.65
N BTB OA . 60.97 26.57 20.55
C5 BTB OA . 60.46 27.85 20.02
C6 BTB OA . 61.34 29.07 20.28
O6 BTB OA . 60.49 30.12 20.77
C7 BTB OA . 61.39 26.77 21.96
C8 BTB OA . 60.19 27.13 22.82
O8 BTB OA . 60.59 27.51 24.15
C1 GOL PA . 39.13 0.44 6.45
O1 GOL PA . 39.22 -0.91 6.03
C2 GOL PA . 40.11 1.39 5.76
O2 GOL PA . 39.47 2.15 4.75
C3 GOL PA . 40.69 2.37 6.79
O3 GOL PA . 41.21 3.51 6.14
CL CL QA . 35.00 7.84 12.85
GD GD RA . 13.37 -5.99 26.65
#